data_8UYB
#
_entry.id   8UYB
#
_cell.length_a   1.00
_cell.length_b   1.00
_cell.length_c   1.00
_cell.angle_alpha   90.00
_cell.angle_beta   90.00
_cell.angle_gamma   90.00
#
_symmetry.space_group_name_H-M   'P 1'
#
loop_
_entity.id
_entity.type
_entity.pdbx_description
1 polymer 'Magnesium-transporting ATPase, P-type 1'
2 non-polymer 'MAGNESIUM ION'
3 non-polymer 'PHOSPHOTHIOPHOSPHORIC ACID-ADENYLATE ESTER'
#
_entity_poly.entity_id   1
_entity_poly.type   'polypeptide(L)'
_entity_poly.pdbx_seq_one_letter_code
;MFKEIFTRLIRHLPSRLVHRDPLPGAQQTVNTVVPPSLSAHCLKMAVMPEEELWKTFDTHPEGLNQAEVESAREQHGENK
LPAQQPSPWWVHLWVCYRNPFNILLTILGAISYATEDLFAAGVIALMVAISTLLNFIQEARSTKAADALKAMVSNTATVL
RVINDKGENGWLEIPIDQLVPGDIIKLAAGDMIPADLRILQARDLFVAQASLTGESLPVEKAATTRQPEHSNPLECDTLC
FMGTTVVSGTAQAMVIATGANTWFGQLAGRVSEQESEPNAFQQGISRVSMLLIRFMLVMAPVVLLINGYTKGDWWEAALF
ALSVAVGLTPEMLPMIVTSTLARGAVKLSKQKVIVKHLDAIQNFGAMDILCTDKTGTLTQDKIVLENHTDISGKTSERVL
HSAWLNSHYQTGLKNLLDTAVLEGTDEESARSLASRWQKIDEIPFDFERRRMSVVVAENTEHHQLVCKGALQEILNVCSQ
VRHNGEIVPLDDIMLRKIKRVTDTLNRQGLRVVAVATKYLPAREGDYQRADESDLILEGYIAFLDPPKETTAPALKALKA
SGITVKILTGDSELVAAKVCHEVGLDAGEVVIGSDIETLSDDELANLAQRTTLFARLTPMHKERIVTLLKREGHVVGFMG
DGINDAPALRAADIGISVDGAVDIAREAADIILLEKSLMVLEEGVIEGRRTFANMLKYIKMTASSNFGNVFSVLVASAFL
PFLPMLPLHLLIQNLLYDVSQVAIPFDNVDDEQIQKPQRWNPADLGRFMIFFGPISSIFDILTFCLMWWVFHANTPETQT
LFQSGWFVVGLLSQTLIVHMIRTRRVPFIQSCASWPLMIMTVIVMIVGIALPFSPLASYLQLQALPLSYFPWLVAILAGY
MTLTQLVKGFYSRRYGWQHHHHHH
;
_entity_poly.pdbx_strand_id   A,B
#
loop_
_chem_comp.id
_chem_comp.type
_chem_comp.name
_chem_comp.formula
AGS non-polymer 'PHOSPHOTHIOPHOSPHORIC ACID-ADENYLATE ESTER' 'C10 H16 N5 O12 P3 S'
MG non-polymer 'MAGNESIUM ION' 'Mg 2'
#
# COMPACT_ATOMS: atom_id res chain seq x y z
N MET A 1 40.95 -15.60 -31.57
CA MET A 1 41.14 -14.51 -30.62
C MET A 1 41.64 -15.04 -29.29
N PHE A 2 40.71 -15.38 -28.40
CA PHE A 2 41.00 -15.90 -27.06
C PHE A 2 41.83 -14.85 -26.32
N LYS A 3 42.98 -15.21 -25.73
CA LYS A 3 43.82 -14.27 -24.99
C LYS A 3 43.05 -13.58 -23.87
N GLU A 4 42.17 -14.33 -23.21
CA GLU A 4 41.39 -13.77 -22.11
C GLU A 4 42.29 -13.43 -20.93
N ILE A 5 43.31 -14.25 -20.67
CA ILE A 5 44.23 -13.98 -19.56
C ILE A 5 45.00 -12.69 -19.81
N PHE A 6 45.35 -12.42 -21.07
CA PHE A 6 46.07 -11.19 -21.39
C PHE A 6 45.25 -9.96 -21.06
N THR A 7 43.95 -9.99 -21.37
CA THR A 7 43.08 -8.86 -21.08
C THR A 7 42.80 -8.79 -19.58
N ARG A 8 43.14 -7.65 -18.97
CA ARG A 8 42.93 -7.45 -17.54
C ARG A 8 42.35 -6.07 -17.24
N LEU A 9 41.75 -5.41 -18.23
CA LEU A 9 41.17 -4.09 -18.01
C LEU A 9 39.81 -4.17 -17.33
N ILE A 10 39.20 -5.35 -17.25
CA ILE A 10 37.89 -5.49 -16.63
C ILE A 10 38.03 -5.37 -15.11
N ARG A 11 37.20 -4.53 -14.51
CA ARG A 11 37.19 -4.32 -13.07
C ARG A 11 35.95 -4.99 -12.50
N HIS A 12 36.17 -5.92 -11.56
CA HIS A 12 35.07 -6.62 -10.93
C HIS A 12 34.56 -5.86 -9.72
N LEU A 13 33.26 -6.00 -9.46
CA LEU A 13 32.66 -5.40 -8.28
C LEU A 13 33.13 -6.16 -7.03
N PRO A 14 33.12 -5.49 -5.87
CA PRO A 14 33.48 -6.18 -4.63
C PRO A 14 32.55 -7.35 -4.35
N SER A 15 33.11 -8.40 -3.74
CA SER A 15 32.38 -9.64 -3.50
C SER A 15 31.23 -9.49 -2.51
N ARG A 16 31.01 -8.30 -1.94
CA ARG A 16 29.89 -8.10 -1.04
C ARG A 16 28.63 -7.67 -1.79
N LEU A 17 28.78 -6.86 -2.84
CA LEU A 17 27.62 -6.38 -3.57
C LEU A 17 26.95 -7.51 -4.35
N VAL A 18 27.73 -8.30 -5.06
CA VAL A 18 27.22 -9.45 -5.81
C VAL A 18 27.75 -10.71 -5.13
N HIS A 19 27.25 -11.86 -5.61
CA HIS A 19 27.63 -13.19 -5.12
C HIS A 19 27.11 -13.40 -3.69
N ARG A 20 26.77 -14.64 -3.36
CA ARG A 20 26.26 -14.93 -2.03
C ARG A 20 27.37 -14.79 -1.00
N ASP A 21 26.96 -14.69 0.26
CA ASP A 21 27.92 -14.60 1.35
C ASP A 21 28.70 -15.91 1.45
N PRO A 22 30.04 -15.86 1.48
CA PRO A 22 30.82 -17.10 1.52
C PRO A 22 30.74 -17.85 2.83
N LEU A 23 29.86 -17.44 3.75
CA LEU A 23 29.78 -18.11 5.04
C LEU A 23 28.36 -18.58 5.32
N PRO A 24 27.88 -19.62 4.64
CA PRO A 24 26.56 -20.17 4.98
C PRO A 24 26.55 -20.91 6.30
N GLY A 25 27.71 -21.21 6.87
CA GLY A 25 27.79 -21.95 8.10
C GLY A 25 28.07 -23.42 7.89
N ALA A 26 27.49 -24.00 6.83
CA ALA A 26 27.67 -25.41 6.50
C ALA A 26 28.55 -25.61 5.28
N GLN A 27 28.29 -24.88 4.20
CA GLN A 27 29.04 -25.00 2.95
C GLN A 27 29.01 -26.44 2.44
N GLN A 28 30.12 -27.16 2.60
CA GLN A 28 30.20 -28.54 2.15
C GLN A 28 31.19 -29.28 3.04
N THR A 29 31.09 -30.61 3.00
CA THR A 29 32.01 -31.44 3.78
C THR A 29 33.44 -31.23 3.29
N VAL A 30 34.35 -31.05 4.24
CA VAL A 30 35.75 -30.78 3.92
C VAL A 30 36.49 -32.09 3.76
N ASN A 31 37.57 -32.05 2.97
CA ASN A 31 38.42 -33.21 2.76
C ASN A 31 39.82 -33.05 3.33
N THR A 32 40.31 -31.83 3.51
CA THR A 32 41.61 -31.62 4.11
C THR A 32 41.63 -31.92 5.61
N VAL A 33 40.47 -32.12 6.22
CA VAL A 33 40.33 -32.48 7.63
C VAL A 33 40.97 -31.41 8.51
N VAL A 34 40.89 -30.16 8.08
CA VAL A 34 41.33 -28.99 8.85
C VAL A 34 42.84 -29.03 9.08
N PRO A 35 43.45 -27.95 9.58
CA PRO A 35 44.86 -28.03 9.97
C PRO A 35 44.97 -28.53 11.40
N PRO A 36 45.92 -29.45 11.66
CA PRO A 36 46.04 -30.01 13.01
C PRO A 36 46.44 -28.99 14.07
N SER A 37 47.01 -27.85 13.68
CA SER A 37 47.42 -26.86 14.66
C SER A 37 46.24 -26.30 15.43
N LEU A 38 45.13 -26.01 14.74
CA LEU A 38 43.96 -25.47 15.41
C LEU A 38 43.32 -26.51 16.33
N SER A 39 43.23 -27.76 15.88
CA SER A 39 42.60 -28.80 16.69
C SER A 39 43.59 -29.38 17.69
N ALA A 40 44.34 -28.50 18.36
CA ALA A 40 45.02 -28.82 19.61
C ALA A 40 44.70 -27.70 20.58
N HIS A 41 44.67 -26.47 20.05
CA HIS A 41 44.20 -25.34 20.84
C HIS A 41 42.72 -25.48 21.17
N CYS A 42 41.92 -25.99 20.22
CA CYS A 42 40.51 -26.22 20.49
C CYS A 42 40.33 -27.21 21.63
N LEU A 43 41.07 -28.33 21.59
CA LEU A 43 40.98 -29.32 22.65
C LEU A 43 41.45 -28.75 23.99
N LYS A 44 42.55 -28.01 23.98
CA LYS A 44 43.06 -27.40 25.20
C LYS A 44 42.04 -26.45 25.82
N MET A 45 41.42 -25.60 24.98
CA MET A 45 40.39 -24.70 25.47
C MET A 45 39.18 -25.47 25.99
N ALA A 46 38.85 -26.60 25.36
CA ALA A 46 37.76 -27.44 25.84
C ALA A 46 38.05 -27.96 27.25
N VAL A 47 39.29 -28.41 27.48
CA VAL A 47 39.64 -29.00 28.77
C VAL A 47 40.23 -27.99 29.75
N MET A 48 40.41 -26.73 29.34
CA MET A 48 41.06 -25.75 30.19
C MET A 48 40.12 -25.31 31.30
N PRO A 49 40.53 -25.36 32.57
CA PRO A 49 39.62 -25.08 33.68
C PRO A 49 39.03 -23.68 33.62
N GLU A 50 37.79 -23.56 34.09
CA GLU A 50 37.06 -22.30 34.00
C GLU A 50 37.72 -21.20 34.83
N GLU A 51 38.35 -21.55 35.96
CA GLU A 51 38.87 -20.53 36.86
C GLU A 51 39.96 -19.68 36.20
N GLU A 52 40.83 -20.32 35.41
CA GLU A 52 41.90 -19.61 34.73
C GLU A 52 41.49 -19.10 33.35
N LEU A 53 40.27 -19.39 32.91
CA LEU A 53 39.82 -18.90 31.62
C LEU A 53 39.67 -17.38 31.61
N TRP A 54 39.32 -16.80 32.76
CA TRP A 54 39.13 -15.35 32.83
C TRP A 54 40.40 -14.60 32.47
N LYS A 55 41.55 -15.06 32.99
CA LYS A 55 42.82 -14.39 32.72
C LYS A 55 43.30 -14.62 31.29
N THR A 56 42.97 -15.78 30.71
CA THR A 56 43.47 -16.09 29.37
C THR A 56 42.95 -15.11 28.34
N PHE A 57 41.65 -14.80 28.38
CA PHE A 57 41.04 -13.88 27.44
C PHE A 57 40.82 -12.50 28.04
N ASP A 58 41.31 -12.26 29.26
CA ASP A 58 41.18 -10.97 29.94
C ASP A 58 39.71 -10.54 30.03
N THR A 59 38.89 -11.44 30.56
CA THR A 59 37.46 -11.22 30.68
C THR A 59 37.02 -11.39 32.13
N HIS A 60 36.05 -10.57 32.53
CA HIS A 60 35.48 -10.63 33.86
C HIS A 60 34.04 -11.14 33.80
N PRO A 61 33.56 -11.80 34.85
CA PRO A 61 32.16 -12.26 34.85
C PRO A 61 31.15 -11.14 34.66
N GLU A 62 31.45 -9.94 35.16
CA GLU A 62 30.54 -8.83 34.99
C GLU A 62 30.40 -8.40 33.53
N GLY A 63 31.45 -8.60 32.73
CA GLY A 63 31.43 -8.24 31.33
C GLY A 63 32.63 -7.40 30.99
N LEU A 64 32.52 -6.68 29.87
CA LEU A 64 33.60 -5.83 29.37
C LEU A 64 33.08 -4.42 29.15
N ASN A 65 33.93 -3.43 29.38
CA ASN A 65 33.57 -2.04 29.16
C ASN A 65 34.00 -1.60 27.75
N GLN A 66 33.77 -0.32 27.45
CA GLN A 66 34.05 0.18 26.11
C GLN A 66 35.53 0.10 25.76
N ALA A 67 36.41 0.42 26.72
CA ALA A 67 37.83 0.41 26.44
C ALA A 67 38.35 -1.01 26.20
N GLU A 68 37.93 -1.96 27.05
CA GLU A 68 38.44 -3.32 26.93
C GLU A 68 37.99 -3.98 25.63
N VAL A 69 36.73 -3.78 25.25
CA VAL A 69 36.24 -4.37 24.00
C VAL A 69 36.94 -3.73 22.80
N GLU A 70 37.20 -2.42 22.87
CA GLU A 70 37.93 -1.77 21.79
C GLU A 70 39.35 -2.32 21.66
N SER A 71 40.02 -2.50 22.80
CA SER A 71 41.37 -3.05 22.76
C SER A 71 41.37 -4.47 22.22
N ALA A 72 40.40 -5.29 22.63
CA ALA A 72 40.32 -6.65 22.11
C ALA A 72 40.05 -6.67 20.61
N ARG A 73 39.17 -5.78 20.15
CA ARG A 73 38.88 -5.69 18.72
C ARG A 73 40.12 -5.29 17.94
N GLU A 74 40.87 -4.30 18.45
CA GLU A 74 42.09 -3.88 17.77
C GLU A 74 43.13 -4.99 17.76
N GLN A 75 43.24 -5.74 18.85
CA GLN A 75 44.26 -6.79 18.92
C GLN A 75 43.90 -7.96 18.02
N HIS A 76 42.75 -8.58 18.24
CA HIS A 76 42.42 -9.80 17.53
C HIS A 76 41.87 -9.52 16.14
N GLY A 77 40.92 -8.58 16.03
CA GLY A 77 40.34 -8.24 14.75
C GLY A 77 38.84 -8.09 14.86
N GLU A 78 38.16 -8.27 13.72
CA GLU A 78 36.72 -8.09 13.62
C GLU A 78 36.07 -9.43 13.30
N ASN A 79 34.85 -9.63 13.81
CA ASN A 79 34.12 -10.87 13.58
C ASN A 79 33.43 -10.84 12.21
N LYS A 80 34.26 -10.81 11.17
CA LYS A 80 33.78 -10.79 9.80
C LYS A 80 34.72 -11.61 8.94
N LEU A 81 34.20 -12.06 7.82
CA LEU A 81 35.09 -12.71 6.87
C LEU A 81 35.97 -11.67 6.18
N PRO A 82 37.16 -12.06 5.73
CA PRO A 82 38.04 -11.07 5.07
C PRO A 82 37.41 -10.44 3.85
N ALA A 83 36.59 -11.17 3.11
CA ALA A 83 35.92 -10.61 1.94
C ALA A 83 34.83 -9.61 2.30
N GLN A 84 34.44 -9.53 3.57
CA GLN A 84 33.39 -8.61 4.00
C GLN A 84 33.92 -7.25 4.43
N GLN A 85 35.23 -7.02 4.31
CA GLN A 85 35.82 -5.76 4.74
C GLN A 85 35.69 -4.73 3.63
N PRO A 86 34.96 -3.63 3.84
CA PRO A 86 34.88 -2.60 2.80
C PRO A 86 36.22 -1.90 2.62
N SER A 87 36.47 -1.47 1.40
CA SER A 87 37.70 -0.76 1.09
C SER A 87 37.63 0.69 1.59
N PRO A 88 38.77 1.28 1.96
CA PRO A 88 38.76 2.69 2.33
C PRO A 88 38.40 3.57 1.15
N TRP A 89 37.84 4.74 1.45
CA TRP A 89 37.35 5.63 0.39
C TRP A 89 38.50 6.09 -0.51
N TRP A 90 39.67 6.39 0.08
CA TRP A 90 40.81 6.81 -0.73
C TRP A 90 41.30 5.66 -1.60
N VAL A 91 41.30 4.43 -1.07
CA VAL A 91 41.61 3.27 -1.90
C VAL A 91 40.57 3.11 -2.99
N HIS A 92 39.29 3.29 -2.65
CA HIS A 92 38.23 3.20 -3.65
C HIS A 92 38.40 4.24 -4.73
N LEU A 93 38.76 5.47 -4.35
CA LEU A 93 38.98 6.52 -5.34
C LEU A 93 40.18 6.18 -6.23
N TRP A 94 41.27 5.69 -5.62
CA TRP A 94 42.48 5.41 -6.38
C TRP A 94 42.27 4.27 -7.37
N VAL A 95 41.63 3.19 -6.94
CA VAL A 95 41.36 2.08 -7.85
C VAL A 95 40.37 2.48 -8.93
N CYS A 96 39.51 3.45 -8.66
CA CYS A 96 38.57 3.96 -9.64
C CYS A 96 39.22 4.94 -10.62
N TYR A 97 40.48 5.31 -10.39
CA TYR A 97 41.20 6.24 -11.25
C TYR A 97 42.37 5.62 -11.98
N ARG A 98 43.01 4.58 -11.41
CA ARG A 98 44.18 3.98 -12.02
C ARG A 98 43.85 3.03 -13.15
N ASN A 99 42.60 2.99 -13.61
CA ASN A 99 42.24 2.12 -14.72
C ASN A 99 43.00 2.53 -15.97
N PRO A 100 43.35 1.56 -16.82
CA PRO A 100 44.25 1.87 -17.95
C PRO A 100 43.73 2.95 -18.88
N PHE A 101 42.41 3.00 -19.12
CA PHE A 101 41.89 3.92 -20.12
C PHE A 101 42.15 5.37 -19.75
N ASN A 102 41.88 5.74 -18.49
CA ASN A 102 42.07 7.12 -18.07
C ASN A 102 43.56 7.49 -18.02
N ILE A 103 44.40 6.56 -17.57
CA ILE A 103 45.83 6.82 -17.51
C ILE A 103 46.40 7.04 -18.91
N LEU A 104 46.01 6.18 -19.87
CA LEU A 104 46.44 6.37 -21.24
C LEU A 104 45.89 7.65 -21.83
N LEU A 105 44.64 8.01 -21.48
CA LEU A 105 44.09 9.28 -21.91
C LEU A 105 44.98 10.43 -21.48
N THR A 106 45.31 10.49 -20.19
CA THR A 106 46.12 11.59 -19.68
C THR A 106 47.51 11.59 -20.31
N ILE A 107 48.12 10.42 -20.45
CA ILE A 107 49.48 10.34 -20.98
C ILE A 107 49.49 10.79 -22.43
N LEU A 108 48.53 10.32 -23.23
CA LEU A 108 48.49 10.70 -24.64
C LEU A 108 48.16 12.17 -24.81
N GLY A 109 47.28 12.71 -23.97
CA GLY A 109 47.01 14.14 -24.04
C GLY A 109 48.24 14.97 -23.72
N ALA A 110 48.96 14.59 -22.67
CA ALA A 110 50.20 15.29 -22.32
C ALA A 110 51.22 15.20 -23.45
N ILE A 111 51.36 14.02 -24.04
CA ILE A 111 52.32 13.84 -25.14
C ILE A 111 51.94 14.69 -26.33
N SER A 112 50.66 14.70 -26.69
CA SER A 112 50.21 15.47 -27.85
C SER A 112 50.39 16.97 -27.63
N TYR A 113 50.09 17.45 -26.43
CA TYR A 113 50.15 18.88 -26.13
C TYR A 113 51.28 19.24 -25.16
N ALA A 114 52.39 18.51 -25.23
CA ALA A 114 53.53 18.84 -24.37
C ALA A 114 54.25 20.08 -24.88
N THR A 115 54.48 20.18 -26.18
CA THR A 115 55.33 21.22 -26.76
C THR A 115 54.46 22.41 -27.18
N GLU A 116 54.64 23.54 -26.48
CA GLU A 116 54.03 24.82 -26.82
C GLU A 116 52.51 24.76 -26.87
N ASP A 117 51.88 23.79 -26.20
CA ASP A 117 50.44 23.65 -26.23
C ASP A 117 49.91 23.35 -24.83
N LEU A 118 50.38 24.10 -23.84
CA LEU A 118 49.85 23.95 -22.49
C LEU A 118 48.43 24.49 -22.42
N PHE A 119 47.76 24.17 -21.30
CA PHE A 119 46.36 24.49 -21.07
C PHE A 119 45.46 23.70 -22.01
N ALA A 120 46.06 22.91 -22.89
CA ALA A 120 45.33 21.96 -23.73
C ALA A 120 45.43 20.54 -23.22
N ALA A 121 46.57 20.15 -22.65
CA ALA A 121 46.71 18.84 -22.02
C ALA A 121 46.30 18.87 -20.56
N GLY A 122 46.39 20.02 -19.90
CA GLY A 122 45.90 20.12 -18.53
C GLY A 122 44.40 19.97 -18.43
N VAL A 123 43.67 20.60 -19.35
CA VAL A 123 42.21 20.52 -19.34
C VAL A 123 41.72 19.13 -19.72
N ILE A 124 42.40 18.46 -20.67
CA ILE A 124 41.99 17.11 -21.05
C ILE A 124 42.18 16.14 -19.89
N ALA A 125 43.13 16.41 -19.00
CA ALA A 125 43.24 15.63 -17.77
C ALA A 125 42.17 16.03 -16.77
N LEU A 126 41.78 17.31 -16.76
CA LEU A 126 40.72 17.75 -15.85
C LEU A 126 39.40 17.09 -16.19
N MET A 127 39.09 16.94 -17.48
CA MET A 127 37.83 16.33 -17.87
C MET A 127 37.77 14.86 -17.46
N VAL A 128 38.85 14.12 -17.70
CA VAL A 128 38.85 12.70 -17.31
C VAL A 128 38.86 12.58 -15.79
N ALA A 129 39.50 13.51 -15.08
CA ALA A 129 39.39 13.52 -13.63
C ALA A 129 37.96 13.74 -13.17
N ILE A 130 37.24 14.67 -13.81
CA ILE A 130 35.85 14.92 -13.44
C ILE A 130 35.01 13.66 -13.68
N SER A 131 35.23 12.98 -14.81
CA SER A 131 34.52 11.74 -15.07
C SER A 131 34.83 10.68 -14.02
N THR A 132 36.10 10.57 -13.63
CA THR A 132 36.48 9.60 -12.60
C THR A 132 35.81 9.92 -11.27
N LEU A 133 35.78 11.20 -10.89
CA LEU A 133 35.11 11.58 -9.65
C LEU A 133 33.61 11.31 -9.72
N LEU A 134 32.99 11.54 -10.88
CA LEU A 134 31.57 11.22 -11.01
C LEU A 134 31.33 9.72 -10.80
N ASN A 135 32.14 8.89 -11.45
CA ASN A 135 31.98 7.45 -11.30
C ASN A 135 32.21 7.03 -9.86
N PHE A 136 33.24 7.58 -9.21
CA PHE A 136 33.54 7.22 -7.84
C PHE A 136 32.42 7.65 -6.90
N ILE A 137 31.85 8.84 -7.12
CA ILE A 137 30.77 9.32 -6.27
C ILE A 137 29.56 8.40 -6.39
N GLN A 138 29.19 8.04 -7.62
CA GLN A 138 28.04 7.16 -7.80
C GLN A 138 28.28 5.80 -7.15
N GLU A 139 29.45 5.21 -7.40
CA GLU A 139 29.74 3.90 -6.83
C GLU A 139 29.76 3.95 -5.31
N ALA A 140 30.38 4.99 -4.74
CA ALA A 140 30.47 5.10 -3.29
C ALA A 140 29.10 5.26 -2.65
N ARG A 141 28.26 6.14 -3.22
CA ARG A 141 26.93 6.33 -2.67
C ARG A 141 26.13 5.03 -2.72
N SER A 142 26.15 4.35 -3.86
CA SER A 142 25.36 3.13 -3.99
C SER A 142 25.88 2.03 -3.09
N THR A 143 27.20 1.88 -2.98
CA THR A 143 27.76 0.87 -2.10
C THR A 143 27.44 1.17 -0.64
N LYS A 144 27.50 2.43 -0.25
CA LYS A 144 27.15 2.79 1.12
C LYS A 144 25.70 2.46 1.42
N ALA A 145 24.80 2.79 0.48
CA ALA A 145 23.39 2.47 0.68
C ALA A 145 23.16 0.97 0.78
N ALA A 146 23.82 0.20 -0.09
CA ALA A 146 23.65 -1.25 -0.08
C ALA A 146 24.20 -1.86 1.21
N ASP A 147 25.36 -1.40 1.66
CA ASP A 147 25.94 -1.90 2.90
C ASP A 147 25.07 -1.57 4.09
N ALA A 148 24.49 -0.36 4.11
CA ALA A 148 23.56 -0.01 5.17
C ALA A 148 22.32 -0.91 5.14
N LEU A 149 21.82 -1.21 3.95
CA LEU A 149 20.65 -2.08 3.83
C LEU A 149 20.96 -3.49 4.32
N LYS A 150 22.14 -4.01 3.99
CA LYS A 150 22.50 -5.37 4.39
C LYS A 150 22.58 -5.50 5.91
N ALA A 151 23.18 -4.51 6.57
CA ALA A 151 23.34 -4.55 8.02
C ALA A 151 22.03 -4.33 8.76
N MET A 152 20.97 -3.87 8.08
CA MET A 152 19.68 -3.70 8.74
C MET A 152 19.14 -5.03 9.25
N VAL A 153 19.25 -6.08 8.45
CA VAL A 153 18.80 -7.40 8.87
C VAL A 153 20.01 -8.31 9.08
N SER A 154 20.53 -8.31 10.31
CA SER A 154 21.70 -9.10 10.64
C SER A 154 21.46 -9.81 11.97
N ASN A 155 22.10 -10.95 12.13
CA ASN A 155 21.95 -11.73 13.35
C ASN A 155 22.49 -10.96 14.55
N THR A 156 21.78 -11.04 15.67
CA THR A 156 22.15 -10.34 16.89
C THR A 156 22.53 -11.32 17.98
N ALA A 157 23.41 -10.87 18.86
CA ALA A 157 23.86 -11.66 20.00
C ALA A 157 23.67 -10.84 21.26
N THR A 158 23.16 -11.49 22.31
CA THR A 158 22.88 -10.83 23.58
C THR A 158 24.13 -10.88 24.44
N VAL A 159 24.70 -9.71 24.73
CA VAL A 159 25.96 -9.60 25.46
C VAL A 159 25.76 -8.68 26.65
N LEU A 160 26.43 -9.01 27.77
CA LEU A 160 26.30 -8.22 28.98
C LEU A 160 26.77 -6.78 28.76
N ARG A 161 28.06 -6.60 28.46
CA ARG A 161 28.68 -5.29 28.30
C ARG A 161 28.42 -4.40 29.52
N VAL A 162 28.59 -3.09 29.36
CA VAL A 162 28.34 -2.12 30.42
C VAL A 162 27.44 -1.05 29.84
N ILE A 163 26.28 -0.83 30.45
CA ILE A 163 25.34 0.17 29.94
C ILE A 163 25.61 1.52 30.59
N ASN A 164 25.59 1.58 31.92
CA ASN A 164 25.71 2.84 32.64
C ASN A 164 27.14 3.38 32.65
N ASP A 165 28.10 2.61 32.16
CA ASP A 165 29.54 2.91 32.15
C ASP A 165 30.13 2.92 33.55
N LYS A 166 29.33 2.64 34.58
CA LYS A 166 29.81 2.55 35.95
C LYS A 166 29.80 1.12 36.47
N GLY A 167 29.57 0.13 35.61
CA GLY A 167 29.53 -1.25 36.01
C GLY A 167 28.15 -1.84 36.20
N GLU A 168 27.09 -1.11 35.83
CA GLU A 168 25.73 -1.64 36.00
C GLU A 168 25.46 -2.80 35.06
N ASN A 169 26.04 -2.77 33.86
CA ASN A 169 25.89 -3.83 32.86
C ASN A 169 24.44 -4.01 32.45
N GLY A 170 24.12 -5.16 31.87
CA GLY A 170 22.78 -5.44 31.39
C GLY A 170 22.77 -6.45 30.26
N TRP A 171 21.90 -6.25 29.27
CA TRP A 171 21.86 -7.13 28.11
C TRP A 171 21.51 -6.29 26.89
N LEU A 172 22.30 -6.42 25.84
CA LEU A 172 22.13 -5.63 24.62
C LEU A 172 21.93 -6.56 23.43
N GLU A 173 21.81 -5.96 22.26
CA GLU A 173 21.71 -6.69 20.99
C GLU A 173 22.57 -5.98 19.96
N ILE A 174 23.62 -6.65 19.50
CA ILE A 174 24.56 -6.08 18.54
C ILE A 174 24.72 -7.05 17.39
N PRO A 175 24.92 -6.58 16.15
CA PRO A 175 25.27 -7.49 15.06
C PRO A 175 26.51 -8.30 15.40
N ILE A 176 26.54 -9.53 14.90
CA ILE A 176 27.57 -10.50 15.28
C ILE A 176 28.97 -10.04 14.93
N ASP A 177 29.10 -9.04 14.04
CA ASP A 177 30.43 -8.61 13.61
C ASP A 177 31.23 -7.99 14.75
N GLN A 178 30.56 -7.46 15.76
CA GLN A 178 31.24 -6.77 16.85
C GLN A 178 31.59 -7.67 18.01
N LEU A 179 31.37 -8.98 17.91
CA LEU A 179 31.71 -9.91 18.99
C LEU A 179 33.20 -10.15 19.01
N VAL A 180 33.90 -9.53 19.96
CA VAL A 180 35.34 -9.66 20.11
C VAL A 180 35.64 -10.93 20.91
N PRO A 181 36.86 -11.46 20.84
CA PRO A 181 37.20 -12.62 21.68
C PRO A 181 37.13 -12.26 23.16
N GLY A 182 36.86 -13.27 23.97
CA GLY A 182 36.72 -13.05 25.40
C GLY A 182 35.50 -12.22 25.76
N ASP A 183 34.38 -12.46 25.10
CA ASP A 183 33.13 -11.79 25.40
C ASP A 183 32.12 -12.79 25.95
N ILE A 184 31.31 -12.33 26.89
CA ILE A 184 30.34 -13.16 27.58
C ILE A 184 28.96 -12.89 26.98
N ILE A 185 28.29 -13.96 26.53
CA ILE A 185 26.97 -13.88 25.93
C ILE A 185 26.12 -15.03 26.45
N LYS A 186 24.81 -14.88 26.26
CA LYS A 186 23.85 -15.93 26.61
C LYS A 186 23.11 -16.37 25.36
N LEU A 187 22.69 -17.64 25.35
CA LEU A 187 22.08 -18.24 24.18
C LEU A 187 20.69 -18.78 24.52
N ALA A 188 19.81 -18.72 23.54
CA ALA A 188 18.45 -19.24 23.67
C ALA A 188 18.12 -20.02 22.41
N ALA A 189 16.97 -20.69 22.43
CA ALA A 189 16.54 -21.48 21.27
C ALA A 189 16.29 -20.57 20.07
N GLY A 190 16.78 -21.00 18.91
CA GLY A 190 16.62 -20.26 17.69
C GLY A 190 17.74 -19.28 17.37
N ASP A 191 18.66 -19.06 18.30
CA ASP A 191 19.78 -18.14 18.09
C ASP A 191 20.98 -18.94 17.61
N MET A 192 21.52 -18.58 16.45
CA MET A 192 22.71 -19.24 15.95
C MET A 192 23.92 -18.86 16.80
N ILE A 193 24.95 -19.68 16.72
CA ILE A 193 26.17 -19.44 17.48
C ILE A 193 27.01 -18.41 16.72
N PRO A 194 27.21 -17.21 17.27
CA PRO A 194 27.92 -16.17 16.51
C PRO A 194 29.41 -16.44 16.35
N ALA A 195 30.03 -17.15 17.29
CA ALA A 195 31.45 -17.45 17.23
C ALA A 195 31.73 -18.62 18.16
N ASP A 196 32.94 -19.17 18.06
CA ASP A 196 33.32 -20.29 18.90
C ASP A 196 33.20 -19.90 20.38
N LEU A 197 32.53 -20.74 21.15
CA LEU A 197 32.17 -20.42 22.52
C LEU A 197 32.68 -21.50 23.47
N ARG A 198 33.05 -21.07 24.67
CA ARG A 198 33.37 -21.96 25.77
C ARG A 198 32.19 -21.93 26.74
N ILE A 199 31.52 -23.08 26.89
CA ILE A 199 30.29 -23.13 27.67
C ILE A 199 30.60 -22.91 29.14
N LEU A 200 30.07 -21.82 29.70
CA LEU A 200 30.24 -21.54 31.12
C LEU A 200 29.14 -22.17 31.96
N GLN A 201 27.89 -21.99 31.56
CA GLN A 201 26.77 -22.68 32.20
C GLN A 201 25.75 -23.05 31.14
N ALA A 202 25.00 -24.12 31.41
CA ALA A 202 24.05 -24.61 30.42
C ALA A 202 22.93 -25.36 31.13
N ARG A 203 21.69 -25.03 30.78
CA ARG A 203 20.50 -25.74 31.23
C ARG A 203 19.88 -26.40 30.00
N ASP A 204 20.08 -27.71 29.88
CA ASP A 204 19.47 -28.54 28.85
C ASP A 204 19.76 -27.99 27.45
N LEU A 205 21.01 -27.55 27.24
CA LEU A 205 21.38 -27.00 25.95
C LEU A 205 21.51 -28.10 24.91
N PHE A 206 20.70 -28.01 23.87
CA PHE A 206 20.78 -28.92 22.72
C PHE A 206 20.98 -28.08 21.47
N VAL A 207 22.01 -28.39 20.70
CA VAL A 207 22.36 -27.64 19.50
C VAL A 207 22.41 -28.59 18.32
N ALA A 208 22.23 -28.04 17.13
CA ALA A 208 22.25 -28.80 15.88
C ALA A 208 23.63 -28.60 15.24
N GLN A 209 24.42 -29.68 15.22
CA GLN A 209 25.75 -29.64 14.63
C GLN A 209 25.80 -30.33 13.27
N ALA A 210 24.64 -30.53 12.63
CA ALA A 210 24.60 -31.21 11.34
C ALA A 210 25.38 -30.47 10.26
N SER A 211 25.59 -29.16 10.43
CA SER A 211 26.40 -28.43 9.47
C SER A 211 27.84 -28.92 9.46
N LEU A 212 28.40 -29.19 10.63
CA LEU A 212 29.79 -29.60 10.75
C LEU A 212 29.94 -31.12 10.85
N THR A 213 29.35 -31.75 11.86
CA THR A 213 29.52 -33.17 12.08
C THR A 213 28.63 -34.02 11.18
N GLY A 214 27.67 -33.43 10.48
CA GLY A 214 26.82 -34.17 9.57
C GLY A 214 25.76 -35.01 10.23
N GLU A 215 25.59 -34.91 11.54
CA GLU A 215 24.59 -35.69 12.27
C GLU A 215 23.37 -34.82 12.54
N SER A 216 22.20 -35.28 12.07
CA SER A 216 20.98 -34.48 12.22
C SER A 216 20.52 -34.43 13.67
N LEU A 217 20.87 -35.43 14.47
CA LEU A 217 20.42 -35.46 15.85
C LEU A 217 21.08 -34.33 16.65
N PRO A 218 20.33 -33.68 17.53
CA PRO A 218 20.94 -32.63 18.38
C PRO A 218 21.91 -33.25 19.38
N VAL A 219 22.87 -32.42 19.79
CA VAL A 219 23.95 -32.84 20.68
C VAL A 219 23.85 -32.02 21.97
N GLU A 220 23.97 -32.70 23.11
CA GLU A 220 23.97 -32.02 24.39
C GLU A 220 25.22 -31.16 24.55
N LYS A 221 25.10 -30.13 25.38
CA LYS A 221 26.22 -29.25 25.71
C LYS A 221 26.13 -28.92 27.19
N ALA A 222 27.13 -29.34 27.95
CA ALA A 222 27.17 -29.12 29.39
C ALA A 222 28.22 -28.08 29.75
N ALA A 223 28.06 -27.49 30.94
CA ALA A 223 29.02 -26.52 31.43
C ALA A 223 30.40 -27.16 31.60
N THR A 224 30.45 -28.35 32.18
CA THR A 224 31.68 -29.10 32.33
C THR A 224 31.63 -30.36 31.48
N THR A 225 32.78 -30.77 30.97
CA THR A 225 32.84 -31.90 30.05
C THR A 225 32.37 -33.19 30.73
N ARG A 226 31.27 -33.76 30.24
CA ARG A 226 30.79 -35.04 30.73
C ARG A 226 31.23 -36.20 29.86
N GLN A 227 31.69 -35.94 28.64
CA GLN A 227 32.21 -37.01 27.82
C GLN A 227 33.53 -37.52 28.40
N PRO A 228 33.79 -38.84 28.30
CA PRO A 228 34.99 -39.38 28.93
C PRO A 228 36.28 -38.97 28.25
N GLU A 229 36.34 -39.12 26.93
CA GLU A 229 37.58 -38.96 26.18
C GLU A 229 37.47 -37.79 25.21
N HIS A 230 38.46 -36.90 25.26
CA HIS A 230 38.61 -35.79 24.33
C HIS A 230 39.48 -36.24 23.16
N SER A 231 40.05 -35.28 22.41
CA SER A 231 40.81 -35.42 21.16
C SER A 231 39.91 -35.50 19.94
N ASN A 232 38.62 -35.22 20.09
CA ASN A 232 37.74 -34.97 18.94
C ASN A 232 37.25 -33.53 19.04
N PRO A 233 37.88 -32.60 18.33
CA PRO A 233 37.55 -31.18 18.51
C PRO A 233 36.10 -30.84 18.19
N LEU A 234 35.51 -31.49 17.19
CA LEU A 234 34.15 -31.15 16.80
C LEU A 234 33.12 -31.69 17.78
N GLU A 235 33.40 -32.84 18.38
CA GLU A 235 32.43 -33.53 19.22
C GLU A 235 32.60 -33.26 20.71
N CYS A 236 33.47 -32.32 21.08
CA CYS A 236 33.60 -31.96 22.49
C CYS A 236 32.30 -31.33 22.98
N ASP A 237 31.89 -31.71 24.19
CA ASP A 237 30.59 -31.32 24.71
C ASP A 237 30.59 -29.96 25.40
N THR A 238 31.72 -29.27 25.44
CA THR A 238 31.81 -27.98 26.11
C THR A 238 32.13 -26.81 25.19
N LEU A 239 32.20 -27.05 23.87
CA LEU A 239 32.46 -25.98 22.92
C LEU A 239 31.40 -26.00 21.83
N CYS A 240 31.00 -24.82 21.37
CA CYS A 240 30.06 -24.67 20.26
C CYS A 240 30.70 -23.78 19.21
N PHE A 241 30.66 -24.24 17.96
CA PHE A 241 31.31 -23.54 16.86
C PHE A 241 30.34 -22.61 16.14
N MET A 242 30.91 -21.62 15.46
CA MET A 242 30.10 -20.70 14.67
C MET A 242 29.42 -21.43 13.53
N GLY A 243 28.21 -20.99 13.21
CA GLY A 243 27.42 -21.62 12.16
C GLY A 243 26.45 -22.68 12.63
N THR A 244 26.41 -22.97 13.92
CA THR A 244 25.47 -23.93 14.47
C THR A 244 24.34 -23.18 15.18
N THR A 245 23.23 -23.89 15.40
CA THR A 245 22.04 -23.32 15.99
C THR A 245 21.69 -24.04 17.28
N VAL A 246 21.02 -23.32 18.18
CA VAL A 246 20.58 -23.86 19.46
C VAL A 246 19.18 -24.42 19.25
N VAL A 247 19.06 -25.74 19.27
CA VAL A 247 17.76 -26.38 19.12
C VAL A 247 16.88 -26.08 20.33
N SER A 248 17.45 -26.21 21.53
CA SER A 248 16.67 -26.00 22.75
C SER A 248 17.60 -25.71 23.91
N GLY A 249 17.00 -25.36 25.05
CA GLY A 249 17.75 -25.09 26.25
C GLY A 249 18.29 -23.67 26.31
N THR A 250 18.94 -23.36 27.43
CA THR A 250 19.54 -22.06 27.65
C THR A 250 21.00 -22.24 28.02
N ALA A 251 21.80 -21.20 27.78
CA ALA A 251 23.22 -21.30 28.10
C ALA A 251 23.82 -19.91 28.20
N GLN A 252 24.97 -19.86 28.87
CA GLN A 252 25.82 -18.66 28.92
C GLN A 252 27.25 -19.12 28.70
N ALA A 253 27.88 -18.57 27.67
CA ALA A 253 29.21 -19.00 27.24
C ALA A 253 30.07 -17.79 26.91
N MET A 254 31.37 -18.04 26.76
CA MET A 254 32.35 -17.00 26.50
C MET A 254 32.94 -17.18 25.10
N VAL A 255 33.09 -16.07 24.38
CA VAL A 255 33.67 -16.11 23.05
C VAL A 255 35.15 -16.44 23.14
N ILE A 256 35.60 -17.41 22.35
CA ILE A 256 37.00 -17.81 22.35
C ILE A 256 37.66 -17.64 20.98
N ALA A 257 36.90 -17.55 19.89
CA ALA A 257 37.46 -17.33 18.57
C ALA A 257 36.62 -16.29 17.86
N THR A 258 37.23 -15.63 16.88
CA THR A 258 36.58 -14.50 16.21
C THR A 258 37.12 -14.37 14.79
N GLY A 259 36.22 -14.16 13.84
CA GLY A 259 36.63 -13.97 12.46
C GLY A 259 37.22 -15.24 11.87
N ALA A 260 38.36 -15.10 11.19
CA ALA A 260 38.99 -16.26 10.57
C ALA A 260 39.52 -17.24 11.60
N ASN A 261 39.76 -16.77 12.82
CA ASN A 261 40.28 -17.65 13.87
C ASN A 261 39.27 -18.73 14.26
N THR A 262 38.00 -18.56 13.90
CA THR A 262 37.01 -19.57 14.20
C THR A 262 37.26 -20.83 13.37
N TRP A 263 36.62 -21.93 13.78
CA TRP A 263 36.78 -23.19 13.06
C TRP A 263 36.30 -23.07 11.62
N PHE A 264 35.16 -22.43 11.41
CA PHE A 264 34.66 -22.24 10.06
C PHE A 264 35.50 -21.23 9.28
N GLY A 265 36.23 -20.36 9.98
CA GLY A 265 36.96 -19.30 9.30
C GLY A 265 38.04 -19.83 8.36
N GLN A 266 38.87 -20.74 8.87
CA GLN A 266 39.99 -21.24 8.05
C GLN A 266 40.07 -22.76 8.04
N LEU A 267 39.66 -23.41 9.13
CA LEU A 267 39.71 -24.86 9.17
C LEU A 267 38.70 -25.48 8.21
N ALA A 268 37.59 -24.81 7.97
CA ALA A 268 36.61 -25.27 6.98
C ALA A 268 37.10 -25.10 5.55
N GLY A 269 38.20 -24.39 5.34
CA GLY A 269 38.72 -24.16 4.01
C GLY A 269 38.09 -23.00 3.27
N ARG A 270 37.18 -22.25 3.91
CA ARG A 270 36.56 -21.11 3.25
C ARG A 270 37.59 -20.03 2.94
N VAL A 271 38.50 -19.77 3.87
CA VAL A 271 39.51 -18.72 3.66
C VAL A 271 40.42 -19.09 2.51
N SER A 272 40.87 -20.34 2.46
CA SER A 272 41.80 -20.79 1.43
C SER A 272 41.05 -21.01 0.12
N GLU A 273 41.46 -20.27 -0.92
CA GLU A 273 40.88 -20.37 -2.26
C GLU A 273 39.39 -20.10 -2.14
N GLN A 274 38.52 -21.02 -2.59
CA GLN A 274 37.06 -20.85 -2.51
C GLN A 274 36.58 -19.60 -3.23
N GLU A 275 37.22 -19.27 -4.37
CA GLU A 275 36.83 -18.12 -5.17
C GLU A 275 36.93 -18.43 -6.66
N SER A 276 36.97 -19.71 -7.04
CA SER A 276 37.15 -20.06 -8.45
C SER A 276 35.86 -19.85 -9.24
N GLU A 277 34.71 -20.20 -8.65
CA GLU A 277 33.46 -20.23 -9.39
C GLU A 277 32.66 -18.97 -9.14
N PRO A 278 32.35 -18.17 -10.16
CA PRO A 278 31.40 -17.07 -9.99
C PRO A 278 29.97 -17.53 -10.25
N ASN A 279 29.00 -16.63 -10.07
CA ASN A 279 27.60 -16.97 -10.29
C ASN A 279 27.17 -16.47 -11.67
N ALA A 280 25.87 -16.63 -11.97
CA ALA A 280 25.36 -16.26 -13.29
C ALA A 280 25.49 -14.77 -13.54
N PHE A 281 25.20 -13.95 -12.53
CA PHE A 281 25.26 -12.50 -12.71
C PHE A 281 26.67 -12.03 -13.03
N GLN A 282 27.66 -12.54 -12.30
CA GLN A 282 29.04 -12.17 -12.56
C GLN A 282 29.48 -12.64 -13.93
N GLN A 283 29.03 -13.83 -14.35
CA GLN A 283 29.37 -14.33 -15.68
C GLN A 283 28.78 -13.43 -16.77
N GLY A 284 27.53 -12.99 -16.59
CA GLY A 284 26.94 -12.09 -17.55
C GLY A 284 27.65 -10.75 -17.61
N ILE A 285 28.03 -10.21 -16.45
CA ILE A 285 28.77 -8.96 -16.42
C ILE A 285 30.11 -9.12 -17.13
N SER A 286 30.79 -10.24 -16.88
CA SER A 286 32.07 -10.50 -17.55
C SER A 286 31.89 -10.62 -19.05
N ARG A 287 30.82 -11.27 -19.49
CA ARG A 287 30.55 -11.38 -20.92
C ARG A 287 30.32 -10.01 -21.55
N VAL A 288 29.55 -9.16 -20.88
CA VAL A 288 29.30 -7.81 -21.41
C VAL A 288 30.60 -7.02 -21.47
N SER A 289 31.42 -7.11 -20.42
CA SER A 289 32.70 -6.39 -20.41
C SER A 289 33.61 -6.88 -21.52
N MET A 290 33.67 -8.20 -21.73
CA MET A 290 34.50 -8.74 -22.80
C MET A 290 33.98 -8.31 -24.16
N LEU A 291 32.66 -8.25 -24.32
CA LEU A 291 32.09 -7.77 -25.57
C LEU A 291 32.52 -6.34 -25.86
N LEU A 292 32.43 -5.47 -24.84
CA LEU A 292 32.82 -4.07 -25.03
C LEU A 292 34.31 -3.96 -25.33
N ILE A 293 35.14 -4.74 -24.63
CA ILE A 293 36.58 -4.69 -24.87
C ILE A 293 36.92 -5.17 -26.28
N ARG A 294 36.27 -6.25 -26.73
CA ARG A 294 36.50 -6.73 -28.09
C ARG A 294 36.07 -5.69 -29.12
N PHE A 295 34.92 -5.04 -28.90
CA PHE A 295 34.49 -4.01 -29.83
C PHE A 295 35.48 -2.86 -29.89
N MET A 296 35.98 -2.41 -28.73
CA MET A 296 36.99 -1.34 -28.74
C MET A 296 38.26 -1.77 -29.46
N LEU A 297 38.74 -2.98 -29.19
CA LEU A 297 39.96 -3.45 -29.83
C LEU A 297 39.79 -3.61 -31.33
N VAL A 298 38.58 -3.93 -31.79
CA VAL A 298 38.33 -4.02 -33.22
C VAL A 298 38.27 -2.62 -33.85
N MET A 299 37.61 -1.68 -33.17
CA MET A 299 37.29 -0.40 -33.81
C MET A 299 38.41 0.64 -33.66
N ALA A 300 38.81 0.94 -32.42
CA ALA A 300 39.71 2.06 -32.19
C ALA A 300 41.05 1.97 -32.93
N PRO A 301 41.74 0.82 -32.98
CA PRO A 301 43.00 0.78 -33.74
C PRO A 301 42.83 1.14 -35.20
N VAL A 302 41.71 0.77 -35.82
CA VAL A 302 41.48 1.11 -37.22
C VAL A 302 41.43 2.62 -37.40
N VAL A 303 40.69 3.30 -36.52
CA VAL A 303 40.60 4.75 -36.58
C VAL A 303 41.97 5.38 -36.35
N LEU A 304 42.71 4.86 -35.37
CA LEU A 304 44.05 5.38 -35.10
C LEU A 304 44.94 5.27 -36.34
N LEU A 305 44.98 4.09 -36.95
CA LEU A 305 45.83 3.90 -38.12
C LEU A 305 45.39 4.79 -39.28
N ILE A 306 44.08 4.90 -39.51
CA ILE A 306 43.59 5.71 -40.61
C ILE A 306 43.98 7.17 -40.42
N ASN A 307 43.74 7.71 -39.22
CA ASN A 307 44.07 9.11 -38.97
C ASN A 307 45.58 9.34 -39.03
N GLY A 308 46.37 8.43 -38.46
CA GLY A 308 47.81 8.61 -38.48
C GLY A 308 48.39 8.54 -39.88
N TYR A 309 47.83 7.68 -40.73
CA TYR A 309 48.34 7.58 -42.09
C TYR A 309 47.88 8.77 -42.93
N THR A 310 46.65 9.23 -42.74
CA THR A 310 46.12 10.32 -43.55
C THR A 310 46.78 11.64 -43.18
N LYS A 311 46.87 11.94 -41.89
CA LYS A 311 47.30 13.26 -41.44
C LYS A 311 48.74 13.31 -40.94
N GLY A 312 49.34 12.17 -40.59
CA GLY A 312 50.72 12.12 -40.17
C GLY A 312 50.98 12.46 -38.73
N ASP A 313 49.95 12.82 -37.95
CA ASP A 313 50.11 13.14 -36.54
C ASP A 313 49.64 11.92 -35.75
N TRP A 314 50.57 10.98 -35.53
CA TRP A 314 50.21 9.72 -34.88
C TRP A 314 49.79 9.94 -33.43
N TRP A 315 50.45 10.84 -32.72
CA TRP A 315 50.13 11.06 -31.30
C TRP A 315 48.73 11.66 -31.14
N GLU A 316 48.43 12.70 -31.91
CA GLU A 316 47.10 13.29 -31.85
C GLU A 316 46.04 12.31 -32.33
N ALA A 317 46.38 11.49 -33.33
CA ALA A 317 45.45 10.47 -33.80
C ALA A 317 45.14 9.47 -32.70
N ALA A 318 46.16 9.02 -31.96
CA ALA A 318 45.94 8.09 -30.86
C ALA A 318 45.10 8.73 -29.76
N LEU A 319 45.41 9.98 -29.42
CA LEU A 319 44.61 10.68 -28.42
C LEU A 319 43.15 10.74 -28.83
N PHE A 320 42.90 11.12 -30.09
CA PHE A 320 41.53 11.25 -30.57
C PHE A 320 40.81 9.91 -30.62
N ALA A 321 41.50 8.86 -31.06
CA ALA A 321 40.88 7.53 -31.11
C ALA A 321 40.54 7.05 -29.71
N LEU A 322 41.43 7.28 -28.74
CA LEU A 322 41.13 6.90 -27.37
C LEU A 322 39.96 7.69 -26.83
N SER A 323 39.89 8.99 -27.14
CA SER A 323 38.76 9.79 -26.70
C SER A 323 37.46 9.27 -27.29
N VAL A 324 37.49 8.84 -28.55
CA VAL A 324 36.31 8.23 -29.15
C VAL A 324 35.93 6.95 -28.41
N ALA A 325 36.93 6.11 -28.14
CA ALA A 325 36.68 4.83 -27.47
C ALA A 325 36.28 4.98 -26.01
N VAL A 326 36.44 6.18 -25.44
CA VAL A 326 36.05 6.39 -24.04
C VAL A 326 34.61 5.97 -23.80
N GLY A 327 33.71 6.31 -24.73
CA GLY A 327 32.30 6.00 -24.55
C GLY A 327 31.99 4.53 -24.44
N LEU A 328 32.90 3.65 -24.89
CA LEU A 328 32.69 2.21 -24.84
C LEU A 328 33.48 1.55 -23.73
N THR A 329 33.99 2.31 -22.77
CA THR A 329 34.81 1.73 -21.72
C THR A 329 33.97 0.86 -20.78
N PRO A 330 34.55 -0.21 -20.24
CA PRO A 330 33.84 -1.00 -19.23
C PRO A 330 33.82 -0.35 -17.86
N GLU A 331 34.50 0.79 -17.68
CA GLU A 331 34.52 1.45 -16.38
C GLU A 331 33.12 1.89 -15.95
N MET A 332 32.22 2.10 -16.91
CA MET A 332 30.85 2.44 -16.57
C MET A 332 30.12 1.24 -15.97
N LEU A 333 30.49 0.02 -16.36
CA LEU A 333 29.76 -1.17 -15.95
C LEU A 333 29.60 -1.32 -14.45
N PRO A 334 30.63 -1.07 -13.61
CA PRO A 334 30.38 -1.10 -12.16
C PRO A 334 29.28 -0.14 -11.75
N MET A 335 29.44 1.15 -12.06
CA MET A 335 28.48 2.17 -11.70
C MET A 335 27.04 1.70 -11.90
N ILE A 336 26.71 1.39 -13.16
CA ILE A 336 25.36 0.93 -13.50
C ILE A 336 24.94 -0.18 -12.54
N VAL A 337 25.70 -1.27 -12.54
CA VAL A 337 25.35 -2.42 -11.70
C VAL A 337 25.32 -2.02 -10.24
N THR A 338 26.23 -1.12 -9.85
CA THR A 338 26.23 -0.65 -8.47
C THR A 338 25.07 0.31 -8.21
N SER A 339 24.78 1.19 -9.18
CA SER A 339 23.83 2.27 -8.90
C SER A 339 22.38 1.81 -9.08
N THR A 340 22.02 1.41 -10.30
CA THR A 340 20.63 1.13 -10.65
C THR A 340 19.99 0.18 -9.65
N LEU A 341 20.57 -1.02 -9.51
CA LEU A 341 20.05 -2.01 -8.58
C LEU A 341 19.90 -1.41 -7.19
N ALA A 342 20.92 -0.68 -6.72
CA ALA A 342 20.85 -0.08 -5.40
C ALA A 342 19.60 0.78 -5.26
N ARG A 343 19.34 1.63 -6.26
CA ARG A 343 18.14 2.45 -6.22
C ARG A 343 16.91 1.59 -6.07
N GLY A 344 16.79 0.54 -6.89
CA GLY A 344 15.68 -0.37 -6.75
C GLY A 344 15.61 -0.97 -5.36
N ALA A 345 16.77 -1.37 -4.83
CA ALA A 345 16.81 -1.90 -3.46
C ALA A 345 16.21 -0.91 -2.49
N VAL A 346 16.55 0.38 -2.65
CA VAL A 346 15.99 1.39 -1.75
C VAL A 346 14.47 1.36 -1.82
N LYS A 347 13.92 1.29 -3.03
CA LYS A 347 12.46 1.21 -3.16
C LYS A 347 11.94 -0.05 -2.51
N LEU A 348 12.65 -1.16 -2.65
CA LEU A 348 12.24 -2.39 -1.99
C LEU A 348 12.25 -2.22 -0.48
N SER A 349 13.16 -1.38 0.05
CA SER A 349 13.17 -1.11 1.47
C SER A 349 11.88 -0.43 1.92
N LYS A 350 11.26 0.34 1.04
CA LYS A 350 9.96 0.95 1.35
C LYS A 350 8.81 -0.01 1.15
N GLN A 351 9.05 -1.19 0.57
CA GLN A 351 8.03 -2.20 0.38
C GLN A 351 8.22 -3.40 1.31
N LYS A 352 8.87 -3.19 2.45
CA LYS A 352 9.06 -4.24 3.46
C LYS A 352 9.86 -5.42 2.91
N VAL A 353 10.77 -5.15 1.97
CA VAL A 353 11.66 -6.17 1.41
C VAL A 353 13.09 -5.65 1.53
N ILE A 354 13.96 -6.44 2.15
CA ILE A 354 15.35 -6.07 2.34
C ILE A 354 16.19 -7.02 1.51
N VAL A 355 16.95 -6.47 0.55
CA VAL A 355 17.81 -7.29 -0.29
C VAL A 355 19.22 -7.28 0.29
N LYS A 356 19.77 -8.46 0.56
CA LYS A 356 21.10 -8.55 1.16
C LYS A 356 22.18 -8.19 0.15
N HIS A 357 22.25 -8.92 -0.96
CA HIS A 357 23.20 -8.65 -2.03
C HIS A 357 22.45 -8.35 -3.32
N LEU A 358 22.99 -7.41 -4.10
CA LEU A 358 22.24 -6.85 -5.22
C LEU A 358 21.94 -7.88 -6.30
N ASP A 359 22.89 -8.78 -6.57
CA ASP A 359 22.74 -9.71 -7.68
C ASP A 359 21.46 -10.53 -7.56
N ALA A 360 21.02 -10.83 -6.33
CA ALA A 360 19.82 -11.63 -6.13
C ALA A 360 18.62 -11.04 -6.86
N ILE A 361 18.60 -9.71 -7.03
CA ILE A 361 17.49 -9.06 -7.71
C ILE A 361 17.26 -9.70 -9.08
N GLN A 362 18.34 -9.98 -9.81
CA GLN A 362 18.20 -10.65 -11.10
C GLN A 362 17.42 -11.96 -10.95
N ASN A 363 17.88 -12.83 -10.04
CA ASN A 363 17.12 -14.04 -9.76
C ASN A 363 15.75 -13.69 -9.23
N PHE A 364 15.66 -12.66 -8.39
CA PHE A 364 14.39 -12.24 -7.83
C PHE A 364 13.46 -11.72 -8.91
N GLY A 365 13.99 -11.39 -10.09
CA GLY A 365 13.17 -11.01 -11.21
C GLY A 365 12.83 -12.14 -12.17
N ALA A 366 13.48 -13.28 -12.01
CA ALA A 366 13.25 -14.43 -12.90
C ALA A 366 12.79 -15.66 -12.14
N MET A 367 12.21 -15.48 -10.96
CA MET A 367 11.76 -16.59 -10.13
C MET A 367 10.45 -17.11 -10.71
N ASP A 368 10.56 -18.00 -11.70
CA ASP A 368 9.37 -18.58 -12.32
C ASP A 368 8.71 -19.62 -11.42
N ILE A 369 9.49 -20.28 -10.57
CA ILE A 369 8.98 -21.29 -9.65
C ILE A 369 9.27 -20.82 -8.23
N LEU A 370 8.25 -20.83 -7.38
CA LEU A 370 8.35 -20.38 -5.99
C LEU A 370 7.88 -21.51 -5.08
N CYS A 371 8.82 -22.12 -4.36
CA CYS A 371 8.48 -23.15 -3.39
C CYS A 371 8.34 -22.52 -2.01
N THR A 372 7.20 -22.75 -1.36
CA THR A 372 6.92 -22.20 -0.05
C THR A 372 6.24 -23.24 0.81
N ASP A 373 6.21 -22.97 2.11
CA ASP A 373 5.48 -23.80 3.06
C ASP A 373 4.16 -23.13 3.43
N LYS A 374 3.16 -23.96 3.74
CA LYS A 374 1.79 -23.45 3.84
C LYS A 374 1.60 -22.50 5.02
N THR A 375 1.90 -22.97 6.24
CA THR A 375 1.67 -22.15 7.41
C THR A 375 2.55 -20.91 7.39
N GLY A 376 1.95 -19.76 7.70
CA GLY A 376 2.64 -18.49 7.63
C GLY A 376 2.41 -17.77 6.32
N THR A 377 2.48 -18.50 5.21
CA THR A 377 2.19 -17.94 3.89
C THR A 377 0.75 -18.19 3.49
N LEU A 378 0.34 -19.46 3.41
CA LEU A 378 -1.02 -19.77 2.99
C LEU A 378 -2.03 -19.48 4.09
N THR A 379 -1.69 -19.81 5.33
CA THR A 379 -2.59 -19.65 6.47
C THR A 379 -1.94 -18.81 7.55
N GLN A 380 -2.78 -18.15 8.35
CA GLN A 380 -2.28 -17.37 9.47
C GLN A 380 -1.67 -18.29 10.52
N ASP A 381 -0.60 -17.81 11.16
CA ASP A 381 0.06 -18.60 12.19
C ASP A 381 -0.86 -18.82 13.39
N LYS A 382 -1.56 -17.77 13.81
CA LYS A 382 -2.47 -17.88 14.94
C LYS A 382 -3.67 -18.75 14.56
N ILE A 383 -4.12 -19.57 15.51
CA ILE A 383 -5.23 -20.48 15.29
C ILE A 383 -6.45 -19.98 16.04
N VAL A 384 -7.60 -20.03 15.39
CA VAL A 384 -8.83 -19.47 15.94
C VAL A 384 -9.56 -20.48 16.82
N LEU A 385 -9.81 -21.67 16.29
CA LEU A 385 -10.60 -22.69 16.98
C LEU A 385 -9.70 -23.84 17.41
N GLU A 386 -9.79 -24.20 18.69
CA GLU A 386 -9.10 -25.37 19.21
C GLU A 386 -9.95 -25.99 20.30
N ASN A 387 -10.10 -27.32 20.24
CA ASN A 387 -10.81 -28.07 21.27
C ASN A 387 -9.97 -29.29 21.66
N HIS A 388 -9.90 -29.55 22.97
CA HIS A 388 -9.13 -30.66 23.50
C HIS A 388 -10.08 -31.81 23.80
N THR A 389 -10.26 -32.69 22.82
CA THR A 389 -11.16 -33.83 22.95
C THR A 389 -10.40 -35.07 23.37
N ASP A 390 -11.15 -36.14 23.63
CA ASP A 390 -10.59 -37.44 23.96
C ASP A 390 -10.84 -38.40 22.81
N ILE A 391 -10.52 -39.68 23.02
CA ILE A 391 -10.72 -40.69 21.99
C ILE A 391 -12.20 -40.80 21.65
N SER A 392 -13.07 -40.81 22.67
CA SER A 392 -14.51 -40.87 22.43
C SER A 392 -15.06 -39.58 21.85
N GLY A 393 -14.27 -38.50 21.84
CA GLY A 393 -14.71 -37.23 21.30
C GLY A 393 -15.14 -36.20 22.32
N LYS A 394 -15.37 -36.62 23.57
CA LYS A 394 -15.77 -35.69 24.61
C LYS A 394 -14.62 -34.76 24.98
N THR A 395 -14.97 -33.56 25.43
CA THR A 395 -13.96 -32.60 25.87
C THR A 395 -13.30 -33.10 27.16
N SER A 396 -11.98 -33.06 27.19
CA SER A 396 -11.21 -33.56 28.32
C SER A 396 -10.32 -32.45 28.86
N GLU A 397 -10.47 -32.13 30.15
CA GLU A 397 -9.60 -31.16 30.78
C GLU A 397 -8.22 -31.75 31.05
N ARG A 398 -8.14 -33.06 31.27
CA ARG A 398 -6.85 -33.70 31.54
C ARG A 398 -5.89 -33.56 30.36
N VAL A 399 -6.42 -33.71 29.14
CA VAL A 399 -5.57 -33.55 27.96
C VAL A 399 -5.02 -32.15 27.87
N LEU A 400 -5.86 -31.14 28.14
CA LEU A 400 -5.41 -29.76 28.10
C LEU A 400 -4.37 -29.49 29.19
N HIS A 401 -4.57 -30.06 30.37
CA HIS A 401 -3.59 -29.87 31.45
C HIS A 401 -2.25 -30.51 31.09
N SER A 402 -2.28 -31.71 30.51
CA SER A 402 -1.04 -32.33 30.07
C SER A 402 -0.35 -31.51 28.98
N ALA A 403 -1.14 -30.95 28.06
CA ALA A 403 -0.59 -30.11 27.02
C ALA A 403 0.06 -28.85 27.62
N TRP A 404 -0.58 -28.27 28.64
CA TRP A 404 0.01 -27.12 29.31
C TRP A 404 1.31 -27.50 30.00
N LEU A 405 1.34 -28.66 30.64
CA LEU A 405 2.57 -29.11 31.30
C LEU A 405 3.69 -29.30 30.29
N ASN A 406 3.37 -29.85 29.12
CA ASN A 406 4.38 -30.11 28.10
C ASN A 406 4.75 -28.89 27.27
N SER A 407 3.94 -27.83 27.30
CA SER A 407 4.20 -26.64 26.50
C SER A 407 4.69 -25.45 27.30
N HIS A 408 4.52 -25.46 28.62
CA HIS A 408 4.99 -24.36 29.44
C HIS A 408 6.40 -24.58 29.96
N TYR A 409 6.82 -25.83 30.13
CA TYR A 409 8.13 -26.14 30.66
C TYR A 409 9.18 -26.34 29.58
N GLN A 410 8.76 -26.70 28.37
CA GLN A 410 9.72 -26.94 27.30
C GLN A 410 10.43 -25.65 26.90
N THR A 411 11.71 -25.78 26.54
CA THR A 411 12.52 -24.65 26.14
C THR A 411 12.81 -24.62 24.65
N GLY A 412 12.16 -25.46 23.86
CA GLY A 412 12.39 -25.46 22.44
C GLY A 412 11.73 -24.28 21.76
N LEU A 413 11.77 -24.30 20.43
CA LEU A 413 11.15 -23.23 19.64
C LEU A 413 9.66 -23.17 19.92
N LYS A 414 9.13 -21.95 20.00
CA LYS A 414 7.72 -21.78 20.28
C LYS A 414 6.87 -22.24 19.10
N ASN A 415 5.79 -22.93 19.41
CA ASN A 415 4.85 -23.44 18.41
C ASN A 415 3.51 -22.78 18.64
N LEU A 416 2.74 -22.62 17.55
CA LEU A 416 1.41 -22.06 17.68
C LEU A 416 0.55 -22.90 18.61
N LEU A 417 0.78 -24.22 18.63
CA LEU A 417 0.12 -25.08 19.61
C LEU A 417 0.44 -24.63 21.03
N ASP A 418 1.72 -24.35 21.30
CA ASP A 418 2.12 -23.95 22.64
C ASP A 418 1.46 -22.63 23.04
N THR A 419 1.46 -21.66 22.14
CA THR A 419 0.85 -20.36 22.45
C THR A 419 -0.65 -20.52 22.69
N ALA A 420 -1.33 -21.29 21.85
CA ALA A 420 -2.77 -21.48 22.02
C ALA A 420 -3.08 -22.21 23.31
N VAL A 421 -2.25 -23.21 23.67
CA VAL A 421 -2.48 -23.96 24.90
C VAL A 421 -2.27 -23.05 26.11
N LEU A 422 -1.21 -22.22 26.08
CA LEU A 422 -0.95 -21.32 27.19
C LEU A 422 -2.07 -20.30 27.35
N GLU A 423 -2.57 -19.76 26.24
CA GLU A 423 -3.64 -18.77 26.33
C GLU A 423 -4.96 -19.41 26.77
N GLY A 424 -5.28 -20.59 26.25
CA GLY A 424 -6.55 -21.22 26.56
C GLY A 424 -6.66 -21.64 28.02
N THR A 425 -5.56 -22.11 28.59
CA THR A 425 -5.58 -22.59 29.97
C THR A 425 -5.89 -21.44 30.93
N ASP A 426 -6.78 -21.69 31.87
CA ASP A 426 -7.16 -20.67 32.84
C ASP A 426 -6.02 -20.40 33.81
N GLU A 427 -6.02 -19.18 34.36
CA GLU A 427 -4.90 -18.75 35.20
C GLU A 427 -4.81 -19.58 36.48
N GLU A 428 -5.94 -19.89 37.10
CA GLU A 428 -5.93 -20.62 38.35
C GLU A 428 -5.33 -22.02 38.17
N SER A 429 -5.81 -22.75 37.17
CA SER A 429 -5.25 -24.07 36.90
C SER A 429 -3.80 -23.96 36.44
N ALA A 430 -3.44 -22.87 35.75
CA ALA A 430 -2.05 -22.68 35.36
C ALA A 430 -1.15 -22.58 36.58
N ARG A 431 -1.54 -21.76 37.56
CA ARG A 431 -0.76 -21.64 38.79
C ARG A 431 -0.73 -22.96 39.54
N SER A 432 -1.86 -23.67 39.59
CA SER A 432 -1.90 -24.95 40.29
C SER A 432 -0.93 -25.95 39.67
N LEU A 433 -0.94 -26.05 38.34
CA LEU A 433 -0.02 -26.96 37.66
C LEU A 433 1.43 -26.54 37.83
N ALA A 434 1.70 -25.23 37.75
CA ALA A 434 3.07 -24.76 37.92
C ALA A 434 3.60 -25.07 39.31
N SER A 435 2.78 -24.87 40.35
CA SER A 435 3.20 -25.17 41.70
C SER A 435 3.34 -26.68 41.91
N ARG A 436 2.46 -27.47 41.32
CA ARG A 436 2.45 -28.90 41.58
C ARG A 436 3.65 -29.60 40.94
N TRP A 437 3.92 -29.29 39.67
CA TRP A 437 4.92 -30.01 38.90
C TRP A 437 6.16 -29.16 38.66
N GLN A 438 7.28 -29.83 38.43
CA GLN A 438 8.54 -29.14 38.14
C GLN A 438 9.36 -29.98 37.18
N LYS A 439 10.12 -29.29 36.32
CA LYS A 439 10.90 -29.95 35.28
C LYS A 439 12.00 -30.82 35.88
N ILE A 440 12.30 -31.94 35.22
CA ILE A 440 13.41 -32.79 35.64
C ILE A 440 14.40 -32.94 34.49
N ASP A 441 13.91 -32.86 33.26
CA ASP A 441 14.75 -33.03 32.08
C ASP A 441 13.93 -32.60 30.86
N GLU A 442 14.50 -32.80 29.67
CA GLU A 442 13.84 -32.42 28.43
C GLU A 442 14.40 -33.26 27.28
N ILE A 443 13.52 -33.64 26.37
CA ILE A 443 13.89 -34.37 25.17
C ILE A 443 13.44 -33.55 23.97
N PRO A 444 14.37 -32.87 23.29
CA PRO A 444 13.98 -31.92 22.24
C PRO A 444 13.40 -32.61 21.02
N PHE A 445 12.87 -31.77 20.12
CA PHE A 445 12.24 -32.20 18.87
C PHE A 445 13.34 -32.59 17.90
N ASP A 446 13.60 -33.90 17.79
CA ASP A 446 14.65 -34.38 16.91
C ASP A 446 14.34 -34.19 15.44
N PHE A 447 13.06 -34.01 15.11
CA PHE A 447 12.49 -33.85 13.76
C PHE A 447 12.45 -35.16 13.00
N GLU A 448 13.05 -36.24 13.51
CA GLU A 448 12.92 -37.55 12.89
C GLU A 448 11.78 -38.33 13.52
N ARG A 449 11.85 -38.54 14.84
CA ARG A 449 10.72 -39.13 15.56
C ARG A 449 9.53 -38.18 15.64
N ARG A 450 9.77 -36.87 15.44
CA ARG A 450 8.71 -35.87 15.42
C ARG A 450 7.88 -35.89 16.71
N ARG A 451 8.56 -36.02 17.85
CA ARG A 451 7.89 -36.13 19.14
C ARG A 451 8.68 -35.33 20.18
N MET A 452 8.17 -34.18 20.57
CA MET A 452 8.75 -33.41 21.67
C MET A 452 8.24 -33.95 23.00
N SER A 453 9.14 -34.12 23.95
CA SER A 453 8.81 -34.73 25.23
C SER A 453 9.45 -33.95 26.37
N VAL A 454 8.76 -33.92 27.51
CA VAL A 454 9.25 -33.27 28.71
C VAL A 454 8.91 -34.15 29.92
N VAL A 455 9.86 -34.29 30.82
CA VAL A 455 9.69 -35.06 32.05
C VAL A 455 9.56 -34.09 33.21
N VAL A 456 8.48 -34.22 33.97
CA VAL A 456 8.23 -33.39 35.14
C VAL A 456 8.00 -34.30 36.33
N ALA A 457 7.88 -33.69 37.50
CA ALA A 457 7.65 -34.45 38.73
C ALA A 457 6.98 -33.55 39.75
N GLU A 458 6.05 -34.13 40.51
CA GLU A 458 5.42 -33.44 41.63
C GLU A 458 5.89 -33.97 42.98
N ASN A 459 6.46 -35.17 43.02
CA ASN A 459 7.01 -35.75 44.23
C ASN A 459 8.36 -36.38 43.91
N THR A 460 9.13 -36.65 44.96
CA THR A 460 10.44 -37.27 44.82
C THR A 460 10.37 -38.77 44.61
N GLU A 461 9.21 -39.32 44.26
CA GLU A 461 9.04 -40.74 44.05
C GLU A 461 8.56 -41.11 42.66
N HIS A 462 7.94 -40.19 41.93
CA HIS A 462 7.36 -40.51 40.63
C HIS A 462 7.63 -39.37 39.65
N HIS A 463 7.92 -39.73 38.41
CA HIS A 463 8.15 -38.78 37.33
C HIS A 463 7.13 -39.04 36.22
N GLN A 464 6.54 -37.97 35.69
CA GLN A 464 5.58 -38.06 34.62
C GLN A 464 6.18 -37.52 33.33
N LEU A 465 6.16 -38.33 32.29
CA LEU A 465 6.64 -37.94 30.97
C LEU A 465 5.45 -37.59 30.10
N VAL A 466 5.48 -36.38 29.54
CA VAL A 466 4.40 -35.89 28.67
C VAL A 466 5.02 -35.55 27.32
N CYS A 467 4.43 -36.08 26.26
CA CYS A 467 4.96 -35.86 24.91
C CYS A 467 3.83 -35.49 23.98
N LYS A 468 4.08 -34.51 23.11
CA LYS A 468 3.14 -34.18 22.03
C LYS A 468 3.81 -34.39 20.68
N GLY A 469 3.01 -34.29 19.63
CA GLY A 469 3.53 -34.42 18.29
C GLY A 469 2.43 -34.81 17.31
N ALA A 470 2.86 -35.15 16.10
CA ALA A 470 1.93 -35.61 15.09
C ALA A 470 1.27 -36.90 15.53
N LEU A 471 0.03 -37.10 15.06
CA LEU A 471 -0.78 -38.20 15.57
C LEU A 471 -0.13 -39.55 15.31
N GLN A 472 0.35 -39.77 14.08
CA GLN A 472 0.89 -41.09 13.73
C GLN A 472 2.13 -41.42 14.54
N GLU A 473 3.02 -40.45 14.73
CA GLU A 473 4.24 -40.68 15.49
C GLU A 473 3.93 -41.01 16.95
N ILE A 474 2.95 -40.31 17.54
CA ILE A 474 2.55 -40.62 18.90
C ILE A 474 1.93 -42.02 18.97
N LEU A 475 1.08 -42.36 18.00
CA LEU A 475 0.42 -43.66 18.02
C LEU A 475 1.40 -44.80 17.83
N ASN A 476 2.51 -44.55 17.11
CA ASN A 476 3.48 -45.61 16.86
C ASN A 476 4.15 -46.07 18.15
N VAL A 477 4.11 -45.27 19.21
CA VAL A 477 4.81 -45.58 20.45
C VAL A 477 3.87 -45.76 21.63
N CYS A 478 2.60 -45.42 21.48
CA CYS A 478 1.65 -45.62 22.58
C CYS A 478 1.25 -47.09 22.69
N SER A 479 0.91 -47.49 23.91
CA SER A 479 0.50 -48.86 24.18
C SER A 479 -0.84 -48.92 24.90
N GLN A 480 -1.12 -47.89 25.71
CA GLN A 480 -2.34 -47.84 26.50
C GLN A 480 -3.08 -46.53 26.22
N VAL A 481 -4.38 -46.54 26.52
CA VAL A 481 -5.23 -45.39 26.27
C VAL A 481 -6.18 -45.23 27.45
N ARG A 482 -6.55 -43.98 27.75
CA ARG A 482 -7.45 -43.65 28.84
C ARG A 482 -8.91 -43.60 28.39
N HIS A 483 -9.29 -44.39 27.39
CA HIS A 483 -10.66 -44.37 26.89
C HIS A 483 -11.64 -44.73 28.00
N ASN A 484 -12.72 -43.95 28.07
CA ASN A 484 -13.78 -44.11 29.07
C ASN A 484 -13.27 -44.00 30.50
N GLY A 485 -12.15 -43.30 30.69
CA GLY A 485 -11.61 -43.12 32.03
C GLY A 485 -10.98 -44.35 32.64
N GLU A 486 -10.52 -45.29 31.81
CA GLU A 486 -9.84 -46.48 32.30
C GLU A 486 -8.60 -46.72 31.43
N ILE A 487 -7.61 -47.37 32.04
CA ILE A 487 -6.35 -47.68 31.35
C ILE A 487 -6.57 -49.01 30.63
N VAL A 488 -7.09 -48.93 29.41
CA VAL A 488 -7.34 -50.11 28.59
C VAL A 488 -6.25 -50.19 27.53
N PRO A 489 -5.70 -51.37 27.24
CA PRO A 489 -4.69 -51.49 26.19
C PRO A 489 -5.22 -51.04 24.84
N LEU A 490 -4.35 -50.42 24.06
CA LEU A 490 -4.70 -49.86 22.76
C LEU A 490 -4.69 -51.00 21.73
N ASP A 491 -5.89 -51.45 21.35
CA ASP A 491 -6.01 -52.53 20.37
C ASP A 491 -6.03 -51.96 18.95
N ASP A 492 -6.02 -52.88 17.98
CA ASP A 492 -6.02 -52.47 16.57
C ASP A 492 -7.32 -51.79 16.19
N ILE A 493 -8.45 -52.28 16.72
CA ILE A 493 -9.74 -51.69 16.38
C ILE A 493 -9.81 -50.25 16.88
N MET A 494 -9.33 -50.00 18.09
CA MET A 494 -9.29 -48.64 18.61
C MET A 494 -8.41 -47.75 17.76
N LEU A 495 -7.26 -48.27 17.32
CA LEU A 495 -6.38 -47.50 16.45
C LEU A 495 -7.06 -47.15 15.14
N ARG A 496 -7.78 -48.11 14.55
CA ARG A 496 -8.48 -47.85 13.30
C ARG A 496 -9.58 -46.81 13.49
N LYS A 497 -10.33 -46.90 14.59
CA LYS A 497 -11.38 -45.91 14.86
C LYS A 497 -10.78 -44.53 15.05
N ILE A 498 -9.68 -44.43 15.79
CA ILE A 498 -9.02 -43.15 16.00
C ILE A 498 -8.52 -42.59 14.68
N LYS A 499 -7.96 -43.45 13.83
CA LYS A 499 -7.49 -43.01 12.52
C LYS A 499 -8.63 -42.49 11.67
N ARG A 500 -9.78 -43.17 11.70
CA ARG A 500 -10.94 -42.71 10.94
C ARG A 500 -11.40 -41.34 11.44
N VAL A 501 -11.49 -41.18 12.76
CA VAL A 501 -11.95 -39.91 13.33
C VAL A 501 -10.98 -38.80 12.97
N THR A 502 -9.67 -39.06 13.07
CA THR A 502 -8.70 -38.03 12.79
C THR A 502 -8.63 -37.70 11.30
N ASP A 503 -8.86 -38.68 10.42
CA ASP A 503 -8.94 -38.39 9.00
C ASP A 503 -10.17 -37.53 8.69
N THR A 504 -11.29 -37.82 9.35
CA THR A 504 -12.47 -36.97 9.20
C THR A 504 -12.17 -35.54 9.65
N LEU A 505 -11.48 -35.40 10.77
CA LEU A 505 -11.11 -34.07 11.25
C LEU A 505 -10.17 -33.36 10.28
N ASN A 506 -9.19 -34.10 9.73
CA ASN A 506 -8.23 -33.51 8.82
C ASN A 506 -8.89 -33.04 7.52
N ARG A 507 -9.83 -33.84 7.00
CA ARG A 507 -10.49 -33.47 5.75
C ARG A 507 -11.25 -32.16 5.89
N GLN A 508 -11.64 -31.80 7.12
CA GLN A 508 -12.28 -30.51 7.36
C GLN A 508 -11.26 -29.38 7.48
N GLY A 509 -9.97 -29.69 7.49
CA GLY A 509 -8.93 -28.69 7.64
C GLY A 509 -8.33 -28.60 9.03
N LEU A 510 -8.76 -29.45 9.95
CA LEU A 510 -8.24 -29.43 11.32
C LEU A 510 -7.02 -30.34 11.43
N ARG A 511 -5.92 -29.79 11.91
CA ARG A 511 -4.75 -30.60 12.20
C ARG A 511 -4.90 -31.26 13.58
N VAL A 512 -4.24 -32.40 13.74
CA VAL A 512 -4.37 -33.23 14.92
C VAL A 512 -3.02 -33.37 15.60
N VAL A 513 -2.98 -33.07 16.90
CA VAL A 513 -1.78 -33.24 17.72
C VAL A 513 -2.17 -34.07 18.94
N ALA A 514 -1.47 -35.18 19.15
CA ALA A 514 -1.77 -36.10 20.23
C ALA A 514 -0.87 -35.85 21.43
N VAL A 515 -1.35 -36.26 22.61
CA VAL A 515 -0.64 -36.09 23.86
C VAL A 515 -0.58 -37.45 24.56
N ALA A 516 0.62 -37.84 24.99
CA ALA A 516 0.84 -39.10 25.68
C ALA A 516 1.52 -38.85 27.01
N THR A 517 1.13 -39.64 28.02
CA THR A 517 1.62 -39.49 29.38
C THR A 517 2.04 -40.85 29.91
N LYS A 518 3.18 -40.87 30.60
CA LYS A 518 3.71 -42.11 31.18
C LYS A 518 4.22 -41.83 32.59
N TYR A 519 4.15 -42.85 33.44
CA TYR A 519 4.61 -42.77 34.82
C TYR A 519 5.86 -43.61 34.98
N LEU A 520 6.85 -43.07 35.70
CA LEU A 520 8.09 -43.78 35.99
C LEU A 520 8.41 -43.61 37.46
N PRO A 521 9.12 -44.56 38.08
CA PRO A 521 9.63 -44.33 39.43
C PRO A 521 10.73 -43.28 39.40
N ALA A 522 10.96 -42.66 40.55
CA ALA A 522 12.00 -41.64 40.68
C ALA A 522 13.35 -42.19 40.22
N ARG A 523 13.88 -41.65 39.14
CA ARG A 523 15.12 -42.11 38.53
C ARG A 523 16.09 -40.95 38.40
N GLU A 524 17.27 -41.08 39.00
CA GLU A 524 18.26 -40.01 38.94
C GLU A 524 18.86 -39.89 37.53
N GLY A 525 19.03 -41.02 36.85
CA GLY A 525 19.61 -41.03 35.52
C GLY A 525 18.84 -40.18 34.53
N ASP A 526 19.56 -39.39 33.74
CA ASP A 526 18.92 -38.50 32.77
C ASP A 526 18.20 -39.31 31.70
N TYR A 527 17.08 -38.78 31.24
CA TYR A 527 16.23 -39.49 30.28
C TYR A 527 16.69 -39.21 28.85
N GLN A 528 16.45 -40.20 27.98
CA GLN A 528 16.84 -40.11 26.59
C GLN A 528 15.65 -40.50 25.73
N ARG A 529 15.88 -40.58 24.41
CA ARG A 529 14.81 -40.91 23.48
C ARG A 529 14.27 -42.32 23.70
N ALA A 530 15.10 -43.21 24.27
CA ALA A 530 14.67 -44.59 24.49
C ALA A 530 13.56 -44.71 25.51
N ASP A 531 13.42 -43.73 26.41
CA ASP A 531 12.39 -43.79 27.44
C ASP A 531 10.99 -43.56 26.87
N GLU A 532 10.88 -43.01 25.67
CA GLU A 532 9.58 -42.75 25.05
C GLU A 532 9.04 -44.06 24.48
N SER A 533 8.42 -44.85 25.34
CA SER A 533 7.82 -46.12 24.93
C SER A 533 6.75 -46.50 25.93
N ASP A 534 5.79 -47.31 25.46
CA ASP A 534 4.68 -47.78 26.29
C ASP A 534 3.93 -46.62 26.92
N LEU A 535 3.73 -45.57 26.12
CA LEU A 535 3.06 -44.37 26.60
C LEU A 535 1.55 -44.58 26.65
N ILE A 536 0.90 -43.89 27.57
CA ILE A 536 -0.55 -43.94 27.72
C ILE A 536 -1.13 -42.75 26.96
N LEU A 537 -1.82 -43.02 25.87
CA LEU A 537 -2.45 -41.96 25.09
C LEU A 537 -3.56 -41.30 25.88
N GLU A 538 -3.61 -39.97 25.85
CA GLU A 538 -4.62 -39.20 26.56
C GLU A 538 -5.67 -38.61 25.63
N GLY A 539 -5.26 -37.90 24.59
CA GLY A 539 -6.21 -37.31 23.66
C GLY A 539 -5.47 -36.62 22.54
N TYR A 540 -6.26 -36.09 21.59
CA TYR A 540 -5.73 -35.37 20.44
C TYR A 540 -6.36 -33.99 20.41
N ILE A 541 -5.51 -32.96 20.31
CA ILE A 541 -6.01 -31.60 20.22
C ILE A 541 -6.25 -31.24 18.76
N ALA A 542 -7.47 -30.84 18.44
CA ALA A 542 -7.84 -30.45 17.09
C ALA A 542 -7.88 -28.92 17.01
N PHE A 543 -7.12 -28.36 16.08
CA PHE A 543 -7.03 -26.92 15.92
C PHE A 543 -7.10 -26.56 14.44
N LEU A 544 -7.50 -25.31 14.18
CA LEU A 544 -7.66 -24.81 12.82
C LEU A 544 -6.85 -23.55 12.64
N ASP A 545 -6.01 -23.52 11.60
CA ASP A 545 -5.31 -22.30 11.19
C ASP A 545 -5.96 -21.70 9.95
N PRO A 546 -6.72 -20.62 10.07
CA PRO A 546 -7.47 -20.08 8.93
C PRO A 546 -6.53 -19.59 7.85
N PRO A 547 -6.89 -19.79 6.58
CA PRO A 547 -6.12 -19.20 5.49
C PRO A 547 -6.18 -17.68 5.55
N LYS A 548 -5.07 -17.05 5.17
CA LYS A 548 -5.01 -15.59 5.14
C LYS A 548 -5.97 -15.05 4.09
N GLU A 549 -6.54 -13.87 4.38
CA GLU A 549 -7.44 -13.24 3.43
C GLU A 549 -6.71 -12.88 2.14
N THR A 550 -5.47 -12.41 2.25
CA THR A 550 -4.70 -11.98 1.09
C THR A 550 -4.09 -13.13 0.31
N THR A 551 -4.19 -14.37 0.79
CA THR A 551 -3.53 -15.48 0.14
C THR A 551 -4.06 -15.71 -1.27
N ALA A 552 -5.38 -15.79 -1.42
CA ALA A 552 -5.95 -16.05 -2.74
C ALA A 552 -5.66 -14.95 -3.74
N PRO A 553 -5.88 -13.65 -3.45
CA PRO A 553 -5.53 -12.63 -4.45
C PRO A 553 -4.05 -12.59 -4.77
N ALA A 554 -3.19 -12.77 -3.76
CA ALA A 554 -1.76 -12.75 -4.01
C ALA A 554 -1.34 -13.92 -4.88
N LEU A 555 -1.89 -15.11 -4.63
CA LEU A 555 -1.58 -16.25 -5.47
C LEU A 555 -2.08 -16.05 -6.90
N LYS A 556 -3.27 -15.46 -7.05
CA LYS A 556 -3.78 -15.18 -8.38
C LYS A 556 -2.87 -14.20 -9.12
N ALA A 557 -2.42 -13.15 -8.43
CA ALA A 557 -1.50 -12.20 -9.05
C ALA A 557 -0.18 -12.86 -9.41
N LEU A 558 0.33 -13.74 -8.54
CA LEU A 558 1.60 -14.41 -8.81
C LEU A 558 1.49 -15.31 -10.03
N LYS A 559 0.41 -16.08 -10.13
CA LYS A 559 0.25 -16.95 -11.29
C LYS A 559 -0.03 -16.15 -12.55
N ALA A 560 -0.66 -14.98 -12.42
CA ALA A 560 -0.83 -14.09 -13.57
C ALA A 560 0.52 -13.56 -14.04
N SER A 561 1.42 -13.24 -13.11
CA SER A 561 2.74 -12.76 -13.49
C SER A 561 3.56 -13.86 -14.17
N GLY A 562 3.37 -15.10 -13.74
CA GLY A 562 4.08 -16.22 -14.33
C GLY A 562 4.89 -17.01 -13.32
N ILE A 563 4.78 -16.62 -12.04
CA ILE A 563 5.50 -17.29 -10.97
C ILE A 563 4.68 -18.52 -10.56
N THR A 564 5.12 -19.71 -10.97
CA THR A 564 4.44 -20.93 -10.59
C THR A 564 4.67 -21.22 -9.11
N VAL A 565 3.59 -21.23 -8.34
CA VAL A 565 3.66 -21.40 -6.89
C VAL A 565 3.53 -22.88 -6.58
N LYS A 566 4.56 -23.43 -5.94
CA LYS A 566 4.56 -24.82 -5.49
C LYS A 566 4.66 -24.86 -3.97
N ILE A 567 4.07 -25.89 -3.37
CA ILE A 567 4.02 -26.04 -1.93
C ILE A 567 4.79 -27.29 -1.55
N LEU A 568 5.74 -27.15 -0.62
CA LEU A 568 6.50 -28.27 -0.07
C LEU A 568 6.30 -28.24 1.44
N THR A 569 5.23 -28.88 1.90
CA THR A 569 4.89 -28.90 3.31
C THR A 569 5.29 -30.22 3.96
N GLY A 570 5.36 -30.20 5.29
CA GLY A 570 5.71 -31.39 6.04
C GLY A 570 4.60 -31.84 6.97
N ASP A 571 3.36 -31.65 6.55
CA ASP A 571 2.19 -32.00 7.34
C ASP A 571 1.36 -33.04 6.58
N SER A 572 0.19 -33.36 7.12
CA SER A 572 -0.68 -34.35 6.51
C SER A 572 -1.14 -33.88 5.12
N GLU A 573 -1.26 -34.84 4.21
CA GLU A 573 -1.66 -34.51 2.84
C GLU A 573 -3.07 -33.95 2.78
N LEU A 574 -3.98 -34.48 3.60
CA LEU A 574 -5.36 -34.02 3.57
C LEU A 574 -5.47 -32.56 3.99
N VAL A 575 -4.74 -32.16 5.04
CA VAL A 575 -4.80 -30.78 5.50
C VAL A 575 -4.26 -29.84 4.42
N ALA A 576 -3.13 -30.21 3.80
CA ALA A 576 -2.57 -29.38 2.75
C ALA A 576 -3.52 -29.27 1.56
N ALA A 577 -4.17 -30.37 1.19
CA ALA A 577 -5.13 -30.33 0.09
C ALA A 577 -6.31 -29.42 0.41
N LYS A 578 -6.83 -29.52 1.64
CA LYS A 578 -7.94 -28.65 2.03
C LYS A 578 -7.53 -27.19 2.02
N VAL A 579 -6.33 -26.89 2.52
CA VAL A 579 -5.86 -25.50 2.53
C VAL A 579 -5.71 -24.99 1.10
N CYS A 580 -5.13 -25.79 0.22
CA CYS A 580 -4.96 -25.38 -1.17
C CYS A 580 -6.30 -25.14 -1.84
N HIS A 581 -7.28 -26.02 -1.58
CA HIS A 581 -8.61 -25.83 -2.15
C HIS A 581 -9.27 -24.56 -1.62
N GLU A 582 -9.13 -24.29 -0.33
CA GLU A 582 -9.76 -23.11 0.25
C GLU A 582 -9.13 -21.83 -0.28
N VAL A 583 -7.80 -21.80 -0.43
CA VAL A 583 -7.14 -20.61 -0.95
C VAL A 583 -7.24 -20.50 -2.46
N GLY A 584 -7.85 -21.48 -3.13
CA GLY A 584 -8.02 -21.43 -4.56
C GLY A 584 -6.85 -21.99 -5.36
N LEU A 585 -5.76 -22.37 -4.71
CA LEU A 585 -4.62 -22.93 -5.42
C LEU A 585 -4.90 -24.39 -5.78
N ASP A 586 -4.83 -24.71 -7.06
CA ASP A 586 -5.05 -26.08 -7.51
C ASP A 586 -3.94 -26.99 -7.00
N ALA A 587 -4.32 -28.18 -6.54
CA ALA A 587 -3.38 -29.13 -5.98
C ALA A 587 -3.12 -30.33 -6.87
N GLY A 588 -4.07 -30.71 -7.72
CA GLY A 588 -3.90 -31.87 -8.56
C GLY A 588 -3.76 -33.15 -7.76
N GLU A 589 -2.57 -33.74 -7.76
CA GLU A 589 -2.29 -34.95 -7.01
C GLU A 589 -1.20 -34.67 -5.99
N VAL A 590 -1.45 -35.06 -4.74
CA VAL A 590 -0.44 -34.91 -3.70
C VAL A 590 0.60 -36.01 -3.83
N VAL A 591 1.82 -35.72 -3.38
CA VAL A 591 2.94 -36.65 -3.45
C VAL A 591 3.59 -36.70 -2.08
N ILE A 592 3.71 -37.91 -1.52
CA ILE A 592 4.33 -38.06 -0.21
C ILE A 592 5.83 -38.22 -0.35
N GLY A 593 6.56 -37.93 0.74
CA GLY A 593 8.01 -38.03 0.69
C GLY A 593 8.51 -39.45 0.59
N SER A 594 7.75 -40.42 1.09
CA SER A 594 8.16 -41.81 1.00
C SER A 594 8.30 -42.26 -0.44
N ASP A 595 7.40 -41.81 -1.32
CA ASP A 595 7.49 -42.18 -2.73
C ASP A 595 8.74 -41.57 -3.37
N ILE A 596 8.96 -40.27 -3.19
CA ILE A 596 10.08 -39.60 -3.83
C ILE A 596 11.42 -40.07 -3.25
N GLU A 597 11.42 -40.64 -2.05
CA GLU A 597 12.66 -41.12 -1.47
C GLU A 597 13.27 -42.28 -2.25
N THR A 598 12.49 -42.93 -3.12
CA THR A 598 12.96 -44.07 -3.89
C THR A 598 13.09 -43.81 -5.38
N LEU A 599 12.44 -42.77 -5.91
CA LEU A 599 12.50 -42.51 -7.34
C LEU A 599 13.87 -42.02 -7.77
N SER A 600 14.14 -42.14 -9.06
CA SER A 600 15.39 -41.65 -9.62
C SER A 600 15.37 -40.13 -9.71
N ASP A 601 16.55 -39.56 -9.95
CA ASP A 601 16.67 -38.10 -10.03
C ASP A 601 15.85 -37.54 -11.19
N ASP A 602 15.91 -38.18 -12.36
CA ASP A 602 15.15 -37.70 -13.51
C ASP A 602 13.65 -37.88 -13.29
N GLU A 603 13.25 -39.01 -12.72
CA GLU A 603 11.83 -39.24 -12.43
C GLU A 603 11.31 -38.21 -11.45
N LEU A 604 12.08 -37.94 -10.39
CA LEU A 604 11.67 -36.93 -9.42
C LEU A 604 11.63 -35.55 -10.04
N ALA A 605 12.59 -35.25 -10.92
CA ALA A 605 12.58 -33.95 -11.60
C ALA A 605 11.32 -33.77 -12.44
N ASN A 606 10.96 -34.81 -13.21
CA ASN A 606 9.74 -34.73 -14.01
C ASN A 606 8.50 -34.60 -13.12
N LEU A 607 8.46 -35.37 -12.04
CA LEU A 607 7.33 -35.33 -11.13
C LEU A 607 7.17 -33.93 -10.54
N ALA A 608 8.27 -33.34 -10.09
CA ALA A 608 8.22 -31.98 -9.56
C ALA A 608 7.82 -30.98 -10.64
N GLN A 609 8.21 -31.25 -11.88
CA GLN A 609 7.76 -30.40 -12.98
C GLN A 609 6.25 -30.49 -13.15
N ARG A 610 5.65 -31.64 -12.86
CA ARG A 610 4.21 -31.81 -13.04
C ARG A 610 3.50 -32.07 -11.72
N THR A 611 3.89 -31.35 -10.67
CA THR A 611 3.21 -31.47 -9.38
C THR A 611 3.22 -30.11 -8.69
N THR A 612 2.25 -29.91 -7.79
CA THR A 612 2.11 -28.65 -7.08
C THR A 612 2.14 -28.78 -5.56
N LEU A 613 1.65 -29.89 -5.00
CA LEU A 613 1.53 -30.03 -3.54
C LEU A 613 2.30 -31.26 -3.11
N PHE A 614 3.41 -31.04 -2.40
CA PHE A 614 4.20 -32.11 -1.80
C PHE A 614 3.99 -32.08 -0.30
N ALA A 615 3.50 -33.18 0.25
CA ALA A 615 3.22 -33.29 1.67
C ALA A 615 4.08 -34.39 2.31
N ARG A 616 4.25 -34.28 3.63
CA ARG A 616 5.03 -35.22 4.42
C ARG A 616 6.46 -35.32 3.88
N LEU A 617 7.18 -34.20 3.98
CA LEU A 617 8.53 -34.09 3.47
C LEU A 617 9.53 -33.87 4.59
N THR A 618 10.66 -34.55 4.51
CA THR A 618 11.82 -34.26 5.32
C THR A 618 12.60 -33.10 4.70
N PRO A 619 13.41 -32.39 5.49
CA PRO A 619 14.21 -31.31 4.90
C PRO A 619 15.12 -31.76 3.79
N MET A 620 15.65 -32.98 3.87
CA MET A 620 16.41 -33.54 2.76
C MET A 620 15.54 -33.68 1.52
N HIS A 621 14.29 -34.09 1.70
CA HIS A 621 13.37 -34.17 0.58
C HIS A 621 13.14 -32.80 -0.05
N LYS A 622 12.97 -31.77 0.79
CA LYS A 622 12.77 -30.42 0.25
C LYS A 622 13.99 -29.95 -0.53
N GLU A 623 15.19 -30.20 0.02
CA GLU A 623 16.40 -29.80 -0.68
C GLU A 623 16.54 -30.55 -2.00
N ARG A 624 16.25 -31.85 -2.01
CA ARG A 624 16.36 -32.62 -3.25
C ARG A 624 15.36 -32.13 -4.29
N ILE A 625 14.12 -31.85 -3.88
CA ILE A 625 13.13 -31.35 -4.82
C ILE A 625 13.56 -29.99 -5.39
N VAL A 626 14.05 -29.11 -4.52
CA VAL A 626 14.48 -27.79 -4.98
C VAL A 626 15.64 -27.92 -5.97
N THR A 627 16.61 -28.76 -5.65
CA THR A 627 17.77 -28.93 -6.53
C THR A 627 17.35 -29.52 -7.86
N LEU A 628 16.51 -30.56 -7.85
CA LEU A 628 16.11 -31.20 -9.09
C LEU A 628 15.15 -30.35 -9.92
N LEU A 629 14.48 -29.39 -9.29
CA LEU A 629 13.60 -28.50 -10.05
C LEU A 629 14.39 -27.65 -11.03
N LYS A 630 15.59 -27.24 -10.65
CA LYS A 630 16.42 -26.38 -11.50
C LYS A 630 17.19 -27.20 -12.52
N ARG A 631 16.50 -28.01 -13.32
CA ARG A 631 17.16 -28.86 -14.30
C ARG A 631 16.92 -28.43 -15.74
N GLU A 632 16.00 -27.50 -15.99
CA GLU A 632 15.79 -27.00 -17.35
C GLU A 632 15.36 -25.54 -17.27
N GLY A 633 16.35 -24.65 -17.36
CA GLY A 633 16.11 -23.22 -17.47
C GLY A 633 15.19 -22.60 -16.43
N HIS A 634 14.89 -23.31 -15.35
CA HIS A 634 13.97 -22.85 -14.33
C HIS A 634 14.76 -22.26 -13.16
N VAL A 635 14.40 -21.05 -12.75
CA VAL A 635 15.00 -20.38 -11.61
C VAL A 635 14.03 -20.54 -10.45
N VAL A 636 14.34 -21.45 -9.53
CA VAL A 636 13.44 -21.81 -8.44
C VAL A 636 13.89 -21.10 -7.17
N GLY A 637 12.94 -20.46 -6.50
CA GLY A 637 13.22 -19.78 -5.25
C GLY A 637 12.48 -20.38 -4.08
N PHE A 638 13.18 -20.66 -3.00
CA PHE A 638 12.60 -21.31 -1.82
C PHE A 638 12.36 -20.27 -0.73
N MET A 639 11.28 -20.47 0.03
CA MET A 639 10.92 -19.59 1.13
C MET A 639 10.72 -20.44 2.39
N GLY A 640 11.65 -20.33 3.32
CA GLY A 640 11.59 -21.11 4.54
C GLY A 640 12.10 -20.32 5.71
N ASP A 641 11.60 -20.67 6.90
CA ASP A 641 11.98 -19.99 8.13
C ASP A 641 12.13 -20.99 9.27
N GLY A 642 12.77 -22.12 9.00
CA GLY A 642 12.99 -23.15 10.00
C GLY A 642 14.47 -23.39 10.24
N ILE A 643 14.74 -24.30 11.18
CA ILE A 643 16.13 -24.63 11.51
C ILE A 643 16.79 -25.34 10.33
N ASN A 644 16.10 -26.33 9.75
CA ASN A 644 16.67 -27.17 8.71
C ASN A 644 16.45 -26.62 7.31
N ASP A 645 15.86 -25.44 7.18
CA ASP A 645 15.58 -24.87 5.88
C ASP A 645 16.79 -24.15 5.26
N ALA A 646 17.88 -24.00 6.02
CA ALA A 646 19.05 -23.33 5.47
C ALA A 646 19.65 -24.08 4.28
N PRO A 647 19.87 -25.41 4.32
CA PRO A 647 20.35 -26.08 3.10
C PRO A 647 19.41 -25.92 1.91
N ALA A 648 18.10 -25.93 2.15
CA ALA A 648 17.15 -25.69 1.07
C ALA A 648 17.28 -24.28 0.53
N LEU A 649 17.45 -23.30 1.42
CA LEU A 649 17.61 -21.91 0.97
C LEU A 649 18.87 -21.75 0.13
N ARG A 650 19.97 -22.37 0.55
CA ARG A 650 21.21 -22.26 -0.22
C ARG A 650 21.12 -23.02 -1.54
N ALA A 651 20.38 -24.13 -1.56
CA ALA A 651 20.27 -24.92 -2.79
C ALA A 651 19.52 -24.14 -3.88
N ALA A 652 18.47 -23.41 -3.50
CA ALA A 652 17.68 -22.69 -4.49
C ALA A 652 18.47 -21.54 -5.09
N ASP A 653 18.02 -21.09 -6.26
CA ASP A 653 18.67 -19.95 -6.91
C ASP A 653 18.57 -18.70 -6.05
N ILE A 654 17.42 -18.48 -5.43
CA ILE A 654 17.22 -17.38 -4.50
C ILE A 654 16.52 -17.90 -3.25
N GLY A 655 17.00 -17.47 -2.09
CA GLY A 655 16.42 -17.87 -0.82
C GLY A 655 15.77 -16.68 -0.14
N ILE A 656 14.53 -16.90 0.32
CA ILE A 656 13.74 -15.87 0.97
C ILE A 656 13.38 -16.34 2.37
N SER A 657 13.65 -15.50 3.37
CA SER A 657 13.32 -15.82 4.75
C SER A 657 12.70 -14.61 5.42
N VAL A 658 11.69 -14.84 6.24
CA VAL A 658 10.98 -13.75 6.91
C VAL A 658 11.86 -13.18 8.01
N ASP A 659 11.67 -11.90 8.31
CA ASP A 659 12.44 -11.25 9.37
C ASP A 659 12.20 -11.92 10.71
N GLY A 660 10.94 -12.22 11.02
CA GLY A 660 10.62 -12.92 12.25
C GLY A 660 10.84 -14.40 12.15
N ALA A 661 12.10 -14.82 12.05
CA ALA A 661 12.45 -16.22 11.87
C ALA A 661 13.66 -16.56 12.72
N VAL A 662 14.05 -17.83 12.66
CA VAL A 662 15.27 -18.25 13.34
C VAL A 662 16.47 -17.58 12.68
N ASP A 663 17.55 -17.41 13.45
CA ASP A 663 18.69 -16.64 12.98
C ASP A 663 19.38 -17.31 11.80
N ILE A 664 19.45 -18.64 11.78
CA ILE A 664 20.13 -19.33 10.69
C ILE A 664 19.39 -19.10 9.38
N ALA A 665 18.06 -19.13 9.40
CA ALA A 665 17.30 -18.91 8.18
C ALA A 665 17.53 -17.50 7.63
N ARG A 666 17.55 -16.50 8.50
CA ARG A 666 17.82 -15.14 8.06
C ARG A 666 19.24 -15.02 7.51
N GLU A 667 20.22 -15.62 8.19
CA GLU A 667 21.60 -15.47 7.78
C GLU A 667 21.86 -16.15 6.44
N ALA A 668 21.34 -17.36 6.24
CA ALA A 668 21.59 -18.10 5.02
C ALA A 668 20.75 -17.61 3.84
N ALA A 669 19.70 -16.84 4.09
CA ALA A 669 18.84 -16.40 3.01
C ALA A 669 19.49 -15.27 2.22
N ASP A 670 18.87 -14.94 1.09
CA ASP A 670 19.31 -13.84 0.24
C ASP A 670 18.41 -12.62 0.30
N ILE A 671 17.11 -12.82 0.53
CA ILE A 671 16.15 -11.73 0.64
C ILE A 671 15.38 -11.91 1.94
N ILE A 672 15.15 -10.81 2.66
CA ILE A 672 14.46 -10.85 3.94
C ILE A 672 13.16 -10.06 3.82
N LEU A 673 12.04 -10.73 4.07
CA LEU A 673 10.76 -10.05 4.10
C LEU A 673 10.45 -9.60 5.51
N LEU A 674 10.03 -8.34 5.65
CA LEU A 674 9.67 -7.82 6.97
C LEU A 674 8.45 -8.50 7.55
N GLU A 675 7.67 -9.22 6.73
CA GLU A 675 6.55 -10.00 7.21
C GLU A 675 6.30 -11.14 6.23
N LYS A 676 5.64 -12.18 6.72
CA LYS A 676 5.38 -13.39 5.93
C LYS A 676 4.11 -13.19 5.13
N SER A 677 4.23 -12.42 4.05
CA SER A 677 3.10 -12.08 3.19
C SER A 677 3.46 -12.34 1.74
N LEU A 678 2.55 -12.95 1.00
CA LEU A 678 2.78 -13.21 -0.42
C LEU A 678 2.58 -11.95 -1.28
N MET A 679 1.66 -11.07 -0.88
CA MET A 679 1.44 -9.85 -1.64
C MET A 679 2.68 -8.97 -1.63
N VAL A 680 3.35 -8.89 -0.49
CA VAL A 680 4.61 -8.15 -0.40
C VAL A 680 5.63 -8.74 -1.37
N LEU A 681 5.70 -10.08 -1.42
CA LEU A 681 6.64 -10.73 -2.34
C LEU A 681 6.30 -10.41 -3.79
N GLU A 682 5.01 -10.41 -4.14
CA GLU A 682 4.62 -10.11 -5.51
C GLU A 682 4.99 -8.69 -5.91
N GLU A 683 4.70 -7.73 -5.02
CA GLU A 683 5.05 -6.34 -5.30
C GLU A 683 6.57 -6.18 -5.42
N GLY A 684 7.32 -6.85 -4.55
CA GLY A 684 8.76 -6.82 -4.65
C GLY A 684 9.27 -7.40 -5.95
N VAL A 685 8.64 -8.49 -6.41
CA VAL A 685 9.04 -9.10 -7.68
C VAL A 685 8.80 -8.13 -8.83
N ILE A 686 7.66 -7.46 -8.83
CA ILE A 686 7.38 -6.47 -9.86
C ILE A 686 8.44 -5.38 -9.86
N GLU A 687 8.75 -4.86 -8.66
CA GLU A 687 9.72 -3.77 -8.58
C GLU A 687 11.11 -4.23 -9.01
N GLY A 688 11.50 -5.46 -8.65
CA GLY A 688 12.80 -5.96 -9.05
C GLY A 688 12.91 -6.17 -10.55
N ARG A 689 11.83 -6.65 -11.17
CA ARG A 689 11.81 -6.74 -12.62
C ARG A 689 11.96 -5.36 -13.25
N ARG A 690 11.28 -4.35 -12.68
CA ARG A 690 11.44 -2.99 -13.16
C ARG A 690 12.88 -2.53 -13.07
N THR A 691 13.53 -2.81 -11.93
CA THR A 691 14.90 -2.36 -11.73
C THR A 691 15.87 -3.03 -12.70
N PHE A 692 15.72 -4.34 -12.90
CA PHE A 692 16.59 -5.03 -13.84
C PHE A 692 16.37 -4.53 -15.27
N ALA A 693 15.11 -4.29 -15.63
CA ALA A 693 14.84 -3.73 -16.96
C ALA A 693 15.48 -2.35 -17.10
N ASN A 694 15.43 -1.54 -16.05
CA ASN A 694 16.05 -0.22 -16.10
C ASN A 694 17.55 -0.32 -16.28
N MET A 695 18.21 -1.23 -15.56
CA MET A 695 19.66 -1.38 -15.72
C MET A 695 20.00 -1.84 -17.14
N LEU A 696 19.25 -2.81 -17.67
CA LEU A 696 19.50 -3.28 -19.02
C LEU A 696 19.31 -2.15 -20.03
N LYS A 697 18.27 -1.33 -19.85
CA LYS A 697 18.04 -0.20 -20.72
C LYS A 697 19.18 0.80 -20.66
N TYR A 698 19.66 1.10 -19.44
CA TYR A 698 20.79 1.99 -19.28
C TYR A 698 21.99 1.50 -20.07
N ILE A 699 22.34 0.21 -19.89
CA ILE A 699 23.50 -0.35 -20.57
C ILE A 699 23.32 -0.29 -22.08
N LYS A 700 22.14 -0.68 -22.56
CA LYS A 700 21.89 -0.69 -23.99
C LYS A 700 22.02 0.69 -24.60
N MET A 701 21.44 1.70 -23.96
CA MET A 701 21.53 3.06 -24.49
C MET A 701 22.97 3.56 -24.50
N THR A 702 23.64 3.48 -23.35
CA THR A 702 24.97 4.05 -23.26
C THR A 702 25.97 3.30 -24.15
N ALA A 703 25.71 2.05 -24.47
CA ALA A 703 26.57 1.34 -25.41
C ALA A 703 26.21 1.66 -26.86
N SER A 704 24.92 1.70 -27.19
CA SER A 704 24.50 1.89 -28.56
C SER A 704 24.85 3.27 -29.08
N SER A 705 24.57 4.31 -28.29
CA SER A 705 24.88 5.67 -28.75
C SER A 705 26.37 5.85 -28.96
N ASN A 706 27.18 5.35 -28.03
CA ASN A 706 28.63 5.48 -28.15
C ASN A 706 29.15 4.70 -29.36
N PHE A 707 28.62 3.49 -29.58
CA PHE A 707 29.03 2.74 -30.76
C PHE A 707 28.63 3.45 -32.05
N GLY A 708 27.46 4.09 -32.05
CA GLY A 708 27.05 4.86 -33.21
C GLY A 708 28.00 6.01 -33.50
N ASN A 709 28.41 6.73 -32.45
CA ASN A 709 29.39 7.80 -32.64
C ASN A 709 30.72 7.26 -33.13
N VAL A 710 31.14 6.10 -32.59
CA VAL A 710 32.40 5.49 -33.01
C VAL A 710 32.35 5.15 -34.49
N PHE A 711 31.27 4.54 -34.94
CA PHE A 711 31.10 4.24 -36.36
C PHE A 711 31.07 5.51 -37.20
N SER A 712 30.36 6.53 -36.70
CA SER A 712 30.26 7.81 -37.39
C SER A 712 31.65 8.36 -37.70
N VAL A 713 32.48 8.44 -36.66
CA VAL A 713 33.82 9.00 -36.86
C VAL A 713 34.72 8.01 -37.58
N LEU A 714 34.40 6.71 -37.52
CA LEU A 714 35.20 5.72 -38.22
C LEU A 714 35.11 5.93 -39.73
N VAL A 715 33.90 5.92 -40.27
CA VAL A 715 33.79 6.34 -41.66
C VAL A 715 33.49 7.83 -41.71
N ALA A 716 34.50 8.64 -41.37
CA ALA A 716 34.49 10.07 -41.64
C ALA A 716 35.85 10.64 -42.01
N SER A 717 36.96 10.02 -41.60
CA SER A 717 38.25 10.70 -41.60
C SER A 717 38.92 10.67 -42.97
N ALA A 718 38.53 9.71 -43.82
CA ALA A 718 39.17 9.59 -45.12
C ALA A 718 38.97 10.84 -45.96
N PHE A 719 37.76 11.41 -45.91
CA PHE A 719 37.41 12.57 -46.73
C PHE A 719 37.40 13.87 -45.94
N LEU A 720 38.15 13.95 -44.84
CA LEU A 720 38.22 15.17 -44.04
C LEU A 720 39.68 15.50 -43.76
N PRO A 721 40.12 16.73 -44.04
CA PRO A 721 41.50 17.12 -43.76
C PRO A 721 41.75 17.54 -42.32
N PHE A 722 40.77 17.40 -41.44
CA PHE A 722 40.91 17.78 -40.05
C PHE A 722 40.10 16.81 -39.20
N LEU A 723 40.39 16.79 -37.90
CA LEU A 723 39.66 15.94 -36.99
C LEU A 723 38.19 16.36 -36.97
N PRO A 724 37.25 15.44 -37.16
CA PRO A 724 35.83 15.82 -37.12
C PRO A 724 35.41 16.42 -35.79
N MET A 725 36.13 16.12 -34.71
CA MET A 725 35.87 16.73 -33.42
C MET A 725 37.17 16.70 -32.62
N LEU A 726 37.26 17.59 -31.65
CA LEU A 726 38.44 17.53 -30.80
C LEU A 726 38.19 16.57 -29.63
N PRO A 727 39.25 15.92 -29.12
CA PRO A 727 39.06 15.01 -27.99
C PRO A 727 38.43 15.66 -26.78
N LEU A 728 38.73 16.95 -26.55
CA LEU A 728 38.09 17.66 -25.45
C LEU A 728 36.58 17.74 -25.65
N HIS A 729 36.15 18.01 -26.87
CA HIS A 729 34.72 18.07 -27.15
C HIS A 729 34.08 16.71 -26.94
N LEU A 730 34.77 15.64 -27.34
CA LEU A 730 34.25 14.28 -27.10
C LEU A 730 34.11 14.00 -25.61
N LEU A 731 35.11 14.40 -24.81
CA LEU A 731 35.02 14.19 -23.37
C LEU A 731 33.86 14.98 -22.78
N ILE A 732 33.66 16.21 -23.25
CA ILE A 732 32.54 17.02 -22.77
C ILE A 732 31.22 16.34 -23.13
N GLN A 733 31.11 15.84 -24.37
CA GLN A 733 29.89 15.17 -24.79
C GLN A 733 29.61 13.94 -23.95
N ASN A 734 30.64 13.13 -23.69
CA ASN A 734 30.46 11.93 -22.89
C ASN A 734 30.06 12.28 -21.46
N LEU A 735 30.70 13.29 -20.87
CA LEU A 735 30.36 13.69 -19.51
C LEU A 735 28.92 14.18 -19.42
N LEU A 736 28.51 15.02 -20.38
CA LEU A 736 27.14 15.53 -20.35
C LEU A 736 26.13 14.42 -20.60
N TYR A 737 26.44 13.48 -21.48
CA TYR A 737 25.56 12.35 -21.70
C TYR A 737 25.43 11.50 -20.45
N ASP A 738 26.53 11.28 -19.74
CA ASP A 738 26.47 10.53 -18.49
C ASP A 738 25.64 11.27 -17.44
N VAL A 739 25.79 12.59 -17.37
CA VAL A 739 24.97 13.38 -16.46
C VAL A 739 23.49 13.23 -16.80
N SER A 740 23.16 13.24 -18.10
CA SER A 740 21.78 13.00 -18.52
C SER A 740 21.32 11.62 -18.10
N GLN A 741 22.17 10.60 -18.28
CA GLN A 741 21.78 9.22 -18.03
C GLN A 741 21.68 8.91 -16.54
N VAL A 742 22.25 9.77 -15.68
CA VAL A 742 22.20 9.57 -14.24
C VAL A 742 20.80 9.20 -13.76
N ALA A 743 19.78 9.82 -14.35
CA ALA A 743 18.41 9.62 -13.91
C ALA A 743 17.73 8.41 -14.55
N ILE A 744 18.43 7.68 -15.44
CA ILE A 744 17.81 6.50 -16.06
C ILE A 744 17.38 5.48 -15.02
N PRO A 745 18.13 5.18 -13.96
CA PRO A 745 17.60 4.27 -12.92
C PRO A 745 16.23 4.66 -12.40
N PHE A 746 15.85 5.93 -12.51
CA PHE A 746 14.54 6.40 -12.08
C PHE A 746 13.51 6.37 -13.19
N ASP A 747 13.86 5.84 -14.36
CA ASP A 747 12.93 5.81 -15.48
C ASP A 747 11.77 4.86 -15.21
N ASN A 748 10.63 5.15 -15.84
CA ASN A 748 9.48 4.26 -15.79
C ASN A 748 9.73 3.06 -16.70
N VAL A 749 9.02 1.97 -16.40
CA VAL A 749 9.17 0.72 -17.14
C VAL A 749 7.80 0.33 -17.69
N ASP A 750 7.77 -0.04 -18.96
CA ASP A 750 6.53 -0.50 -19.58
C ASP A 750 6.04 -1.78 -18.94
N ASP A 751 4.72 -1.89 -18.77
CA ASP A 751 4.15 -3.09 -18.16
C ASP A 751 4.35 -4.33 -19.00
N GLU A 752 4.59 -4.18 -20.31
CA GLU A 752 4.84 -5.34 -21.16
C GLU A 752 6.15 -6.03 -20.76
N GLN A 753 7.17 -5.24 -20.42
CA GLN A 753 8.48 -5.80 -20.11
C GLN A 753 8.52 -6.52 -18.77
N ILE A 754 7.61 -6.20 -17.85
CA ILE A 754 7.62 -6.77 -16.52
C ILE A 754 6.46 -7.74 -16.31
N GLN A 755 5.82 -8.18 -17.38
CA GLN A 755 4.71 -9.11 -17.29
C GLN A 755 5.15 -10.57 -17.27
N LYS A 756 6.41 -10.85 -17.56
CA LYS A 756 6.93 -12.21 -17.64
C LYS A 756 8.30 -12.26 -16.99
N PRO A 757 8.75 -13.43 -16.57
CA PRO A 757 10.12 -13.56 -16.05
C PRO A 757 11.15 -13.12 -17.08
N GLN A 758 12.20 -12.45 -16.61
CA GLN A 758 13.23 -11.89 -17.47
C GLN A 758 14.36 -12.89 -17.63
N ARG A 759 14.72 -13.20 -18.86
CA ARG A 759 15.87 -14.04 -19.18
C ARG A 759 16.90 -13.16 -19.87
N TRP A 760 17.95 -12.79 -19.13
CA TRP A 760 18.94 -11.84 -19.62
C TRP A 760 19.96 -12.58 -20.49
N ASN A 761 20.00 -12.22 -21.77
CA ASN A 761 20.98 -12.77 -22.70
C ASN A 761 21.99 -11.69 -23.05
N PRO A 762 23.21 -11.73 -22.51
CA PRO A 762 24.19 -10.68 -22.85
C PRO A 762 24.50 -10.58 -24.33
N ALA A 763 24.38 -11.68 -25.08
CA ALA A 763 24.66 -11.64 -26.51
C ALA A 763 23.69 -10.75 -27.28
N ASP A 764 22.50 -10.50 -26.72
CA ASP A 764 21.54 -9.63 -27.40
C ASP A 764 22.01 -8.19 -27.44
N LEU A 765 22.89 -7.80 -26.49
CA LEU A 765 23.39 -6.43 -26.47
C LEU A 765 24.16 -6.10 -27.73
N GLY A 766 24.98 -7.03 -28.21
CA GLY A 766 25.72 -6.79 -29.44
C GLY A 766 24.81 -6.58 -30.64
N ARG A 767 23.78 -7.42 -30.78
CA ARG A 767 22.83 -7.26 -31.87
C ARG A 767 22.10 -5.92 -31.76
N PHE A 768 21.69 -5.54 -30.56
CA PHE A 768 21.03 -4.26 -30.36
C PHE A 768 21.94 -3.10 -30.77
N MET A 769 23.21 -3.16 -30.38
CA MET A 769 24.15 -2.11 -30.72
C MET A 769 24.35 -2.03 -32.23
N ILE A 770 24.55 -3.18 -32.87
CA ILE A 770 24.75 -3.19 -34.32
C ILE A 770 23.51 -2.67 -35.05
N PHE A 771 22.32 -2.95 -34.54
CA PHE A 771 21.12 -2.47 -35.20
C PHE A 771 20.89 -0.98 -34.99
N PHE A 772 21.16 -0.46 -33.80
CA PHE A 772 20.81 0.93 -33.49
C PHE A 772 21.99 1.90 -33.55
N GLY A 773 23.17 1.45 -33.98
CA GLY A 773 24.30 2.33 -34.13
C GLY A 773 24.32 3.14 -35.42
N PRO A 774 24.32 2.46 -36.57
CA PRO A 774 24.50 3.17 -37.84
C PRO A 774 23.44 4.21 -38.14
N ILE A 775 22.29 4.17 -37.46
CA ILE A 775 21.28 5.20 -37.66
C ILE A 775 21.82 6.56 -37.25
N SER A 776 22.54 6.62 -36.13
CA SER A 776 23.20 7.85 -35.73
C SER A 776 24.31 8.22 -36.71
N SER A 777 25.01 7.22 -37.24
CA SER A 777 26.11 7.47 -38.16
C SER A 777 25.62 8.12 -39.45
N ILE A 778 24.47 7.70 -39.95
CA ILE A 778 23.94 8.28 -41.18
C ILE A 778 23.72 9.78 -41.01
N PHE A 779 23.08 10.18 -39.91
CA PHE A 779 22.84 11.60 -39.69
C PHE A 779 24.10 12.35 -39.28
N ASP A 780 25.07 11.68 -38.68
CA ASP A 780 26.36 12.35 -38.44
C ASP A 780 27.07 12.63 -39.76
N ILE A 781 27.02 11.71 -40.71
CA ILE A 781 27.57 11.97 -42.04
C ILE A 781 26.78 13.09 -42.72
N LEU A 782 25.46 13.13 -42.52
CA LEU A 782 24.67 14.22 -43.04
C LEU A 782 25.12 15.56 -42.45
N THR A 783 25.40 15.59 -41.14
CA THR A 783 25.90 16.80 -40.52
C THR A 783 27.26 17.20 -41.08
N PHE A 784 28.13 16.21 -41.32
CA PHE A 784 29.43 16.51 -41.93
C PHE A 784 29.26 17.13 -43.32
N CYS A 785 28.36 16.57 -44.11
CA CYS A 785 28.11 17.12 -45.45
C CYS A 785 27.52 18.53 -45.35
N LEU A 786 26.62 18.75 -44.38
CA LEU A 786 26.04 20.07 -44.19
C LEU A 786 27.12 21.10 -43.85
N MET A 787 28.03 20.73 -42.94
CA MET A 787 29.07 21.66 -42.54
C MET A 787 30.07 21.91 -43.67
N TRP A 788 30.42 20.87 -44.42
CA TRP A 788 31.44 21.01 -45.45
C TRP A 788 30.94 21.83 -46.63
N TRP A 789 29.72 21.55 -47.10
CA TRP A 789 29.23 22.18 -48.33
C TRP A 789 28.45 23.45 -48.05
N VAL A 790 27.39 23.36 -47.23
CA VAL A 790 26.52 24.51 -47.01
C VAL A 790 27.26 25.63 -46.30
N PHE A 791 28.03 25.30 -45.25
CA PHE A 791 28.72 26.29 -44.45
C PHE A 791 30.19 26.46 -44.82
N HIS A 792 30.68 25.69 -45.79
CA HIS A 792 32.01 25.89 -46.38
C HIS A 792 33.12 25.80 -45.32
N ALA A 793 33.09 24.72 -44.55
CA ALA A 793 34.19 24.40 -43.64
C ALA A 793 35.17 23.45 -44.32
N ASN A 794 35.68 23.89 -45.46
CA ASN A 794 36.43 23.04 -46.36
C ASN A 794 37.93 23.02 -46.08
N THR A 795 38.42 23.87 -45.19
CA THR A 795 39.84 23.98 -44.92
C THR A 795 40.10 23.83 -43.43
N PRO A 796 41.29 23.35 -43.05
CA PRO A 796 41.62 23.28 -41.62
C PRO A 796 41.59 24.63 -40.91
N GLU A 797 41.86 25.72 -41.64
CA GLU A 797 41.84 27.04 -41.03
C GLU A 797 40.47 27.38 -40.46
N THR A 798 39.41 26.80 -41.01
CA THR A 798 38.06 26.96 -40.49
C THR A 798 37.52 25.64 -39.92
N GLN A 799 38.42 24.80 -39.41
CA GLN A 799 38.00 23.47 -38.94
C GLN A 799 37.06 23.58 -37.74
N THR A 800 37.35 24.48 -36.81
CA THR A 800 36.71 24.43 -35.50
C THR A 800 35.19 24.55 -35.62
N LEU A 801 34.70 25.48 -36.44
CA LEU A 801 33.26 25.63 -36.63
C LEU A 801 32.65 24.29 -37.00
N PHE A 802 33.21 23.62 -38.01
CA PHE A 802 32.79 22.28 -38.37
C PHE A 802 32.59 21.44 -37.13
N GLN A 803 33.66 21.24 -36.37
CA GLN A 803 33.60 20.42 -35.18
C GLN A 803 32.46 20.88 -34.29
N SER A 804 32.46 22.18 -33.97
CA SER A 804 31.47 22.71 -33.04
C SER A 804 30.07 22.35 -33.51
N GLY A 805 29.80 22.55 -34.80
CA GLY A 805 28.51 22.22 -35.37
C GLY A 805 28.12 20.81 -34.98
N TRP A 806 28.94 19.84 -35.43
CA TRP A 806 28.62 18.45 -35.14
C TRP A 806 28.42 18.26 -33.66
N PHE A 807 29.33 18.84 -32.85
CA PHE A 807 29.24 18.73 -31.40
C PHE A 807 27.80 18.87 -30.94
N VAL A 808 27.20 20.02 -31.27
CA VAL A 808 25.85 20.29 -30.79
C VAL A 808 24.93 19.13 -31.12
N VAL A 809 24.75 18.86 -32.42
CA VAL A 809 23.78 17.85 -32.80
C VAL A 809 24.16 16.52 -32.18
N GLY A 810 25.46 16.22 -32.17
CA GLY A 810 25.94 14.97 -31.60
C GLY A 810 25.37 14.81 -30.22
N LEU A 811 25.67 15.79 -29.35
CA LEU A 811 25.20 15.70 -27.99
C LEU A 811 23.69 15.54 -27.95
N LEU A 812 22.98 16.39 -28.69
CA LEU A 812 21.53 16.34 -28.65
C LEU A 812 21.03 14.99 -29.11
N SER A 813 21.65 14.42 -30.14
CA SER A 813 21.27 13.08 -30.55
C SER A 813 21.38 12.11 -29.40
N GLN A 814 22.56 12.07 -28.76
CA GLN A 814 22.75 11.15 -27.64
C GLN A 814 21.79 11.46 -26.50
N THR A 815 21.33 12.70 -26.41
CA THR A 815 20.42 13.08 -25.34
C THR A 815 18.96 12.88 -25.73
N LEU A 816 18.64 12.83 -27.02
CA LEU A 816 17.25 12.75 -27.44
C LEU A 816 16.83 11.34 -27.83
N ILE A 817 17.70 10.58 -28.49
CA ILE A 817 17.35 9.25 -28.94
C ILE A 817 16.91 8.37 -27.78
N VAL A 818 17.40 8.66 -26.58
CA VAL A 818 16.96 7.97 -25.37
C VAL A 818 15.44 7.87 -25.35
N HIS A 819 14.76 9.01 -25.48
CA HIS A 819 13.31 9.04 -25.34
C HIS A 819 12.59 8.26 -26.43
N MET A 820 13.28 7.89 -27.51
CA MET A 820 12.68 7.08 -28.56
C MET A 820 13.21 5.65 -28.59
N ILE A 821 14.02 5.25 -27.62
CA ILE A 821 14.54 3.89 -27.57
C ILE A 821 14.23 3.18 -26.26
N ARG A 822 13.57 3.85 -25.31
CA ARG A 822 13.19 3.18 -24.07
C ARG A 822 11.80 2.58 -24.15
N THR A 823 11.47 1.89 -25.23
CA THR A 823 10.14 1.35 -25.47
C THR A 823 10.23 0.25 -26.51
N ARG A 824 9.17 -0.55 -26.58
CA ARG A 824 8.78 -1.22 -27.80
C ARG A 824 7.64 -0.50 -28.50
N ARG A 825 7.01 0.45 -27.82
CA ARG A 825 5.84 1.17 -28.28
C ARG A 825 6.23 2.57 -28.74
N VAL A 826 5.23 3.35 -29.16
CA VAL A 826 5.47 4.71 -29.64
C VAL A 826 5.57 5.66 -28.46
N PRO A 827 6.64 6.46 -28.37
CA PRO A 827 6.84 7.31 -27.20
C PRO A 827 5.87 8.49 -27.15
N PHE A 828 5.70 9.02 -25.94
CA PHE A 828 5.04 10.29 -25.67
C PHE A 828 3.52 10.21 -25.84
N ILE A 829 3.01 9.08 -26.33
CA ILE A 829 1.57 8.90 -26.46
C ILE A 829 1.17 7.56 -25.85
N GLN A 830 1.83 6.49 -26.28
CA GLN A 830 1.57 5.16 -25.73
C GLN A 830 2.38 4.88 -24.47
N SER A 831 3.37 5.71 -24.16
CA SER A 831 4.23 5.56 -23.00
C SER A 831 5.09 6.80 -22.87
N CYS A 832 5.46 7.14 -21.63
CA CYS A 832 6.27 8.32 -21.36
C CYS A 832 7.34 7.98 -20.34
N ALA A 833 8.45 8.71 -20.41
CA ALA A 833 9.53 8.56 -19.45
C ALA A 833 9.19 9.30 -18.16
N SER A 834 9.92 8.95 -17.10
CA SER A 834 9.69 9.59 -15.81
C SER A 834 10.16 11.03 -15.84
N TRP A 835 9.62 11.83 -14.92
CA TRP A 835 9.94 13.25 -14.86
C TRP A 835 11.42 13.54 -14.65
N PRO A 836 12.15 12.86 -13.76
CA PRO A 836 13.59 13.15 -13.65
C PRO A 836 14.34 12.96 -14.96
N LEU A 837 13.99 11.94 -15.74
CA LEU A 837 14.64 11.75 -17.04
C LEU A 837 14.37 12.93 -17.96
N MET A 838 13.12 13.42 -17.99
CA MET A 838 12.80 14.57 -18.82
C MET A 838 13.57 15.80 -18.37
N ILE A 839 13.68 16.00 -17.05
CA ILE A 839 14.39 17.16 -16.53
C ILE A 839 15.86 17.11 -16.92
N MET A 840 16.49 15.93 -16.75
CA MET A 840 17.89 15.79 -17.12
C MET A 840 18.09 15.98 -18.62
N THR A 841 17.18 15.44 -19.43
CA THR A 841 17.28 15.59 -20.87
C THR A 841 17.21 17.07 -21.27
N VAL A 842 16.25 17.81 -20.70
CA VAL A 842 16.12 19.23 -21.02
C VAL A 842 17.36 19.99 -20.57
N ILE A 843 17.85 19.70 -19.36
CA ILE A 843 19.02 20.41 -18.85
C ILE A 843 20.24 20.16 -19.71
N VAL A 844 20.45 18.90 -20.11
CA VAL A 844 21.63 18.58 -20.91
C VAL A 844 21.51 19.18 -22.32
N MET A 845 20.31 19.15 -22.90
CA MET A 845 20.12 19.79 -24.20
C MET A 845 20.41 21.28 -24.13
N ILE A 846 19.93 21.94 -23.07
CA ILE A 846 20.17 23.38 -22.92
C ILE A 846 21.66 23.65 -22.75
N VAL A 847 22.34 22.85 -21.94
CA VAL A 847 23.77 23.06 -21.71
C VAL A 847 24.54 22.85 -23.02
N GLY A 848 24.19 21.82 -23.78
CA GLY A 848 24.88 21.57 -25.04
C GLY A 848 24.63 22.66 -26.06
N ILE A 849 23.40 23.17 -26.13
CA ILE A 849 23.11 24.23 -27.10
C ILE A 849 23.68 25.57 -26.66
N ALA A 850 23.97 25.74 -25.36
CA ALA A 850 24.53 27.00 -24.88
C ALA A 850 26.05 27.00 -24.78
N LEU A 851 26.67 25.83 -24.79
CA LEU A 851 28.13 25.76 -24.68
C LEU A 851 28.85 26.50 -25.81
N PRO A 852 28.48 26.36 -27.08
CA PRO A 852 29.19 27.14 -28.12
C PRO A 852 29.08 28.64 -27.93
N PHE A 853 27.99 29.13 -27.37
CA PHE A 853 27.83 30.56 -27.10
C PHE A 853 28.37 30.96 -25.75
N SER A 854 28.85 30.01 -24.94
CA SER A 854 29.42 30.31 -23.65
C SER A 854 30.80 30.95 -23.82
N PRO A 855 31.23 31.78 -22.86
CA PRO A 855 32.58 32.36 -22.94
C PRO A 855 33.69 31.31 -22.92
N LEU A 856 33.44 30.15 -22.30
CA LEU A 856 34.43 29.09 -22.25
C LEU A 856 34.67 28.43 -23.60
N ALA A 857 33.82 28.72 -24.61
CA ALA A 857 33.96 28.06 -25.91
C ALA A 857 35.32 28.33 -26.53
N SER A 858 35.81 29.57 -26.41
CA SER A 858 37.17 29.86 -26.89
C SER A 858 38.20 29.04 -26.14
N TYR A 859 38.03 28.89 -24.82
CA TYR A 859 38.91 28.03 -24.04
C TYR A 859 38.77 26.58 -24.48
N LEU A 860 37.56 26.13 -24.77
CA LEU A 860 37.29 24.79 -25.23
C LEU A 860 37.48 24.63 -26.74
N GLN A 861 38.10 25.61 -27.40
CA GLN A 861 38.32 25.59 -28.85
C GLN A 861 37.00 25.39 -29.61
N LEU A 862 35.95 26.06 -29.15
CA LEU A 862 34.63 26.00 -29.76
C LEU A 862 34.27 27.37 -30.32
N GLN A 863 33.64 27.36 -31.49
CA GLN A 863 33.25 28.59 -32.16
C GLN A 863 31.72 28.74 -32.14
N ALA A 864 31.26 29.98 -31.99
CA ALA A 864 29.83 30.24 -31.99
C ALA A 864 29.21 29.85 -33.32
N LEU A 865 27.98 29.34 -33.26
CA LEU A 865 27.29 28.80 -34.43
C LEU A 865 26.39 29.83 -35.07
N PRO A 866 26.37 29.93 -36.39
CA PRO A 866 25.42 30.85 -37.04
C PRO A 866 23.98 30.38 -36.85
N LEU A 867 23.07 31.34 -36.89
CA LEU A 867 21.65 31.05 -36.68
C LEU A 867 21.06 30.17 -37.77
N SER A 868 21.67 30.13 -38.96
CA SER A 868 21.14 29.30 -40.04
C SER A 868 21.28 27.81 -39.72
N TYR A 869 22.18 27.46 -38.81
CA TYR A 869 22.39 26.05 -38.49
C TYR A 869 21.27 25.49 -37.63
N PHE A 870 20.55 26.34 -36.91
CA PHE A 870 19.52 25.87 -35.99
C PHE A 870 18.39 25.12 -36.70
N PRO A 871 17.76 25.65 -37.75
CA PRO A 871 16.73 24.85 -38.43
C PRO A 871 17.27 23.55 -39.01
N TRP A 872 18.51 23.56 -39.48
CA TRP A 872 19.11 22.34 -40.01
C TRP A 872 19.27 21.28 -38.92
N LEU A 873 19.76 21.68 -37.74
CA LEU A 873 19.91 20.70 -36.66
C LEU A 873 18.55 20.20 -36.20
N VAL A 874 17.55 21.08 -36.16
CA VAL A 874 16.21 20.65 -35.77
C VAL A 874 15.66 19.63 -36.76
N ALA A 875 15.83 19.90 -38.05
CA ALA A 875 15.36 18.96 -39.07
C ALA A 875 16.10 17.62 -38.97
N ILE A 876 17.42 17.68 -38.75
CA ILE A 876 18.20 16.45 -38.63
C ILE A 876 17.74 15.63 -37.44
N LEU A 877 17.51 16.30 -36.30
CA LEU A 877 17.06 15.59 -35.11
C LEU A 877 15.69 14.95 -35.34
N ALA A 878 14.77 15.71 -35.95
CA ALA A 878 13.44 15.16 -36.21
C ALA A 878 13.51 13.96 -37.15
N GLY A 879 14.30 14.06 -38.21
CA GLY A 879 14.44 12.94 -39.13
C GLY A 879 15.06 11.73 -38.47
N TYR A 880 16.07 11.94 -37.61
CA TYR A 880 16.72 10.82 -36.94
C TYR A 880 15.75 10.13 -35.98
N MET A 881 14.99 10.91 -35.21
CA MET A 881 14.01 10.32 -34.30
C MET A 881 12.95 9.53 -35.08
N THR A 882 12.43 10.12 -36.16
CA THR A 882 11.41 9.42 -36.94
C THR A 882 11.94 8.15 -37.57
N LEU A 883 13.17 8.20 -38.10
CA LEU A 883 13.77 7.01 -38.71
C LEU A 883 13.96 5.91 -37.67
N THR A 884 14.46 6.25 -36.49
CA THR A 884 14.64 5.24 -35.46
C THR A 884 13.30 4.64 -35.04
N GLN A 885 12.27 5.48 -34.89
CA GLN A 885 10.96 4.97 -34.52
C GLN A 885 10.41 4.03 -35.59
N LEU A 886 10.59 4.39 -36.86
CA LEU A 886 10.09 3.54 -37.95
C LEU A 886 10.82 2.21 -38.02
N VAL A 887 12.15 2.23 -37.85
CA VAL A 887 12.94 1.00 -37.98
C VAL A 887 12.92 0.16 -36.72
N LYS A 888 12.43 0.69 -35.59
CA LYS A 888 12.28 -0.13 -34.39
C LYS A 888 11.42 -1.36 -34.65
N GLY A 889 10.43 -1.25 -35.54
CA GLY A 889 9.57 -2.37 -35.83
C GLY A 889 10.31 -3.55 -36.43
N PHE A 890 11.27 -3.28 -37.31
CA PHE A 890 12.05 -4.36 -37.91
C PHE A 890 12.86 -5.10 -36.86
N TYR A 891 13.48 -4.38 -35.93
CA TYR A 891 14.23 -5.02 -34.86
C TYR A 891 13.31 -5.83 -33.95
N SER A 892 12.13 -5.28 -33.64
CA SER A 892 11.19 -6.01 -32.79
C SER A 892 10.72 -7.29 -33.46
N ARG A 893 10.47 -7.25 -34.76
CA ARG A 893 9.98 -8.43 -35.46
C ARG A 893 11.08 -9.46 -35.66
N ARG A 894 12.29 -9.02 -36.00
CA ARG A 894 13.37 -9.97 -36.30
C ARG A 894 13.79 -10.74 -35.06
N TYR A 895 14.07 -10.05 -33.97
CA TYR A 895 14.55 -10.71 -32.76
C TYR A 895 13.55 -10.59 -31.61
N GLY A 896 13.14 -9.36 -31.30
CA GLY A 896 12.25 -9.11 -30.18
C GLY A 896 12.95 -8.30 -29.12
N TRP A 897 12.18 -7.47 -28.42
CA TRP A 897 12.74 -6.60 -27.40
C TRP A 897 13.23 -7.43 -26.20
N GLN A 898 12.32 -8.18 -25.59
CA GLN A 898 12.66 -9.01 -24.44
C GLN A 898 13.18 -10.37 -24.88
N MET B 1 -24.97 45.51 15.46
CA MET B 1 -24.69 45.26 14.04
C MET B 1 -25.87 44.55 13.37
N PHE B 2 -25.83 43.21 13.41
CA PHE B 2 -26.87 42.35 12.81
C PHE B 2 -26.94 42.69 11.32
N LYS B 3 -28.12 42.95 10.76
CA LYS B 3 -28.30 43.26 9.34
C LYS B 3 -27.74 42.16 8.45
N GLU B 4 -27.91 40.90 8.87
CA GLU B 4 -27.44 39.77 8.07
C GLU B 4 -28.21 39.66 6.76
N ILE B 5 -29.51 39.96 6.79
CA ILE B 5 -30.32 39.90 5.57
C ILE B 5 -29.86 40.93 4.57
N PHE B 6 -29.42 42.10 5.03
CA PHE B 6 -28.95 43.14 4.11
C PHE B 6 -27.72 42.67 3.34
N THR B 7 -26.79 41.98 4.02
CA THR B 7 -25.59 41.50 3.35
C THR B 7 -25.92 40.31 2.48
N ARG B 8 -25.59 40.41 1.18
CA ARG B 8 -25.83 39.34 0.23
C ARG B 8 -24.59 39.05 -0.62
N LEU B 9 -23.41 39.48 -0.16
CA LEU B 9 -22.19 39.29 -0.93
C LEU B 9 -21.69 37.84 -0.89
N ILE B 10 -22.23 37.03 0.02
CA ILE B 10 -21.77 35.66 0.16
C ILE B 10 -22.23 34.83 -1.04
N ARG B 11 -21.30 34.09 -1.63
CA ARG B 11 -21.61 33.16 -2.72
C ARG B 11 -21.48 31.74 -2.18
N HIS B 12 -22.60 31.04 -2.08
CA HIS B 12 -22.60 29.68 -1.54
C HIS B 12 -22.25 28.69 -2.64
N LEU B 13 -21.60 27.60 -2.23
CA LEU B 13 -21.25 26.54 -3.16
C LEU B 13 -22.51 25.81 -3.61
N PRO B 14 -22.47 25.18 -4.78
CA PRO B 14 -23.62 24.39 -5.23
C PRO B 14 -23.94 23.26 -4.26
N SER B 15 -25.21 22.93 -4.17
CA SER B 15 -25.70 21.95 -3.19
C SER B 15 -25.24 20.52 -3.49
N ARG B 16 -24.50 20.30 -4.59
CA ARG B 16 -23.99 18.97 -4.88
C ARG B 16 -22.63 18.73 -4.24
N LEU B 17 -21.79 19.76 -4.18
CA LEU B 17 -20.45 19.59 -3.60
C LEU B 17 -20.51 19.38 -2.11
N VAL B 18 -21.28 20.20 -1.40
CA VAL B 18 -21.46 20.06 0.04
C VAL B 18 -22.90 19.62 0.29
N HIS B 19 -23.19 19.32 1.55
CA HIS B 19 -24.52 18.88 2.00
C HIS B 19 -24.86 17.50 1.44
N ARG B 20 -25.62 16.73 2.21
CA ARG B 20 -25.99 15.39 1.75
C ARG B 20 -26.99 15.48 0.60
N ASP B 21 -27.12 14.37 -0.12
CA ASP B 21 -28.07 14.30 -1.21
C ASP B 21 -29.49 14.43 -0.67
N PRO B 22 -30.31 15.34 -1.22
CA PRO B 22 -31.67 15.53 -0.68
C PRO B 22 -32.61 14.38 -0.95
N LEU B 23 -32.12 13.26 -1.50
CA LEU B 23 -32.99 12.15 -1.82
C LEU B 23 -32.52 10.85 -1.15
N PRO B 24 -32.66 10.73 0.16
CA PRO B 24 -32.32 9.45 0.82
C PRO B 24 -33.30 8.34 0.50
N GLY B 25 -34.46 8.67 -0.06
CA GLY B 25 -35.47 7.67 -0.36
C GLY B 25 -36.58 7.64 0.67
N ALA B 26 -36.22 7.82 1.93
CA ALA B 26 -37.18 7.80 3.03
C ALA B 26 -37.44 9.17 3.62
N GLN B 27 -36.38 9.94 3.89
CA GLN B 27 -36.47 11.27 4.48
C GLN B 27 -37.24 11.23 5.80
N GLN B 28 -38.49 11.68 5.78
CA GLN B 28 -39.32 11.69 6.97
C GLN B 28 -40.78 11.56 6.56
N THR B 29 -41.61 11.18 7.52
CA THR B 29 -43.04 11.05 7.26
C THR B 29 -43.63 12.40 6.89
N VAL B 30 -44.43 12.43 5.82
CA VAL B 30 -45.01 13.66 5.33
C VAL B 30 -46.33 13.94 6.05
N ASN B 31 -46.67 15.21 6.15
CA ASN B 31 -47.93 15.63 6.76
C ASN B 31 -48.92 16.24 5.78
N THR B 32 -48.46 16.75 4.64
CA THR B 32 -49.36 17.28 3.63
C THR B 32 -50.13 16.20 2.89
N VAL B 33 -49.75 14.93 3.07
CA VAL B 33 -50.42 13.79 2.47
C VAL B 33 -50.43 13.90 0.96
N VAL B 34 -49.37 14.48 0.40
CA VAL B 34 -49.13 14.56 -1.05
C VAL B 34 -50.19 15.42 -1.72
N PRO B 35 -50.02 15.78 -3.00
CA PRO B 35 -51.11 16.44 -3.72
C PRO B 35 -52.07 15.41 -4.30
N PRO B 36 -53.38 15.64 -4.19
CA PRO B 36 -54.34 14.65 -4.70
C PRO B 36 -54.29 14.46 -6.21
N SER B 37 -53.73 15.41 -6.95
CA SER B 37 -53.67 15.28 -8.41
C SER B 37 -52.83 14.09 -8.83
N LEU B 38 -51.68 13.90 -8.18
CA LEU B 38 -50.82 12.77 -8.54
C LEU B 38 -51.46 11.44 -8.17
N SER B 39 -52.09 11.36 -7.00
CA SER B 39 -52.70 10.11 -6.58
C SER B 39 -54.08 9.93 -7.18
N ALA B 40 -54.21 10.23 -8.47
CA ALA B 40 -55.31 9.75 -9.29
C ALA B 40 -54.70 9.16 -10.54
N HIS B 41 -53.66 9.82 -11.05
CA HIS B 41 -52.87 9.26 -12.15
C HIS B 41 -52.16 8.00 -11.70
N CYS B 42 -51.66 7.97 -10.47
CA CYS B 42 -51.02 6.76 -9.97
C CYS B 42 -52.00 5.60 -9.93
N LEU B 43 -53.21 5.83 -9.42
CA LEU B 43 -54.22 4.78 -9.38
C LEU B 43 -54.62 4.34 -10.78
N LYS B 44 -54.80 5.30 -11.69
CA LYS B 44 -55.16 4.96 -13.06
C LYS B 44 -54.09 4.09 -13.71
N MET B 45 -52.82 4.47 -13.54
CA MET B 45 -51.74 3.67 -14.08
C MET B 45 -51.69 2.29 -13.44
N ALA B 46 -52.02 2.20 -12.15
CA ALA B 46 -52.07 0.91 -11.49
C ALA B 46 -53.13 0.01 -12.11
N VAL B 47 -54.31 0.57 -12.41
CA VAL B 47 -55.41 -0.22 -12.95
C VAL B 47 -55.44 -0.23 -14.48
N MET B 48 -54.55 0.50 -15.14
CA MET B 48 -54.61 0.62 -16.59
C MET B 48 -54.12 -0.67 -17.25
N PRO B 49 -54.88 -1.26 -18.17
CA PRO B 49 -54.53 -2.57 -18.71
C PRO B 49 -53.18 -2.56 -19.42
N GLU B 50 -52.48 -3.70 -19.34
CA GLU B 50 -51.14 -3.81 -19.89
C GLU B 50 -51.11 -3.62 -21.40
N GLU B 51 -52.16 -4.05 -22.10
CA GLU B 51 -52.13 -4.05 -23.56
C GLU B 51 -52.00 -2.64 -24.11
N GLU B 52 -52.69 -1.67 -23.51
CA GLU B 52 -52.64 -0.28 -23.96
C GLU B 52 -51.53 0.51 -23.28
N LEU B 53 -50.78 -0.10 -22.36
CA LEU B 53 -49.68 0.60 -21.71
C LEU B 53 -48.56 0.90 -22.69
N TRP B 54 -48.36 0.04 -23.69
CA TRP B 54 -47.28 0.23 -24.65
C TRP B 54 -47.44 1.54 -25.41
N LYS B 55 -48.67 1.85 -25.84
CA LYS B 55 -48.91 3.08 -26.59
C LYS B 55 -48.85 4.31 -25.71
N THR B 56 -49.23 4.19 -24.44
CA THR B 56 -49.27 5.35 -23.55
C THR B 56 -47.87 5.96 -23.38
N PHE B 57 -46.87 5.13 -23.15
CA PHE B 57 -45.50 5.60 -22.97
C PHE B 57 -44.64 5.40 -24.21
N ASP B 58 -45.24 4.97 -25.31
CA ASP B 58 -44.52 4.76 -26.57
C ASP B 58 -43.35 3.80 -26.38
N THR B 59 -43.64 2.63 -25.81
CA THR B 59 -42.63 1.64 -25.48
C THR B 59 -43.00 0.30 -26.11
N HIS B 60 -41.98 -0.44 -26.53
CA HIS B 60 -42.15 -1.76 -27.10
C HIS B 60 -41.53 -2.81 -26.18
N PRO B 61 -42.04 -4.05 -26.22
CA PRO B 61 -41.43 -5.11 -25.39
C PRO B 61 -39.97 -5.34 -25.69
N GLU B 62 -39.54 -5.13 -26.93
CA GLU B 62 -38.14 -5.32 -27.28
C GLU B 62 -37.25 -4.32 -26.54
N GLY B 63 -37.68 -3.06 -26.45
CA GLY B 63 -36.93 -2.03 -25.80
C GLY B 63 -37.00 -0.75 -26.58
N LEU B 64 -36.06 0.15 -26.29
CA LEU B 64 -35.97 1.45 -26.95
C LEU B 64 -34.60 1.61 -27.57
N ASN B 65 -34.56 2.23 -28.75
CA ASN B 65 -33.30 2.50 -29.43
C ASN B 65 -32.76 3.87 -29.00
N GLN B 66 -31.64 4.27 -29.60
CA GLN B 66 -30.98 5.51 -29.21
C GLN B 66 -31.85 6.72 -29.47
N ALA B 67 -32.55 6.74 -30.61
CA ALA B 67 -33.37 7.90 -30.94
C ALA B 67 -34.57 8.03 -30.01
N GLU B 68 -35.26 6.90 -29.75
CA GLU B 68 -36.46 6.96 -28.92
C GLU B 68 -36.14 7.37 -27.50
N VAL B 69 -35.06 6.83 -26.92
CA VAL B 69 -34.71 7.18 -25.56
C VAL B 69 -34.29 8.65 -25.48
N GLU B 70 -33.59 9.14 -26.50
CA GLU B 70 -33.21 10.55 -26.53
C GLU B 70 -34.43 11.44 -26.60
N SER B 71 -35.41 11.07 -27.44
CA SER B 71 -36.63 11.87 -27.55
C SER B 71 -37.40 11.86 -26.23
N ALA B 72 -37.48 10.70 -25.58
CA ALA B 72 -38.17 10.63 -24.29
C ALA B 72 -37.46 11.47 -23.24
N ARG B 73 -36.13 11.43 -23.23
CA ARG B 73 -35.37 12.23 -22.28
C ARG B 73 -35.60 13.72 -22.51
N GLU B 74 -35.60 14.14 -23.78
CA GLU B 74 -35.83 15.55 -24.09
C GLU B 74 -37.24 15.97 -23.71
N GLN B 75 -38.22 15.10 -23.94
CA GLN B 75 -39.61 15.46 -23.64
C GLN B 75 -39.85 15.53 -22.14
N HIS B 76 -39.62 14.41 -21.44
CA HIS B 76 -39.96 14.36 -20.01
C HIS B 76 -38.90 15.01 -19.14
N GLY B 77 -37.63 14.65 -19.33
CA GLY B 77 -36.56 15.23 -18.55
C GLY B 77 -35.53 14.19 -18.17
N GLU B 78 -34.82 14.46 -17.08
CA GLU B 78 -33.75 13.61 -16.60
C GLU B 78 -34.13 13.03 -15.24
N ASN B 79 -33.67 11.80 -14.98
CA ASN B 79 -33.96 11.13 -13.71
C ASN B 79 -33.00 11.61 -12.62
N LYS B 80 -33.11 12.89 -12.29
CA LYS B 80 -32.28 13.50 -11.27
C LYS B 80 -33.12 14.51 -10.51
N LEU B 81 -32.68 14.83 -9.32
CA LEU B 81 -33.34 15.91 -8.61
C LEU B 81 -32.94 17.25 -9.21
N PRO B 82 -33.80 18.27 -9.11
CA PRO B 82 -33.44 19.58 -9.70
C PRO B 82 -32.16 20.16 -9.13
N ALA B 83 -31.87 19.92 -7.85
CA ALA B 83 -30.64 20.41 -7.25
C ALA B 83 -29.40 19.68 -7.76
N GLN B 84 -29.57 18.58 -8.47
CA GLN B 84 -28.45 17.80 -8.97
C GLN B 84 -28.01 18.22 -10.38
N GLN B 85 -28.63 19.26 -10.94
CA GLN B 85 -28.30 19.69 -12.29
C GLN B 85 -27.10 20.62 -12.26
N PRO B 86 -25.98 20.26 -12.87
CA PRO B 86 -24.84 21.17 -12.91
C PRO B 86 -25.13 22.39 -13.77
N SER B 87 -24.54 23.52 -13.38
CA SER B 87 -24.74 24.74 -14.14
C SER B 87 -23.89 24.74 -15.40
N PRO B 88 -24.33 25.41 -16.46
CA PRO B 88 -23.50 25.54 -17.66
C PRO B 88 -22.24 26.35 -17.37
N TRP B 89 -21.20 26.07 -18.15
CA TRP B 89 -19.91 26.71 -17.90
C TRP B 89 -19.99 28.22 -18.09
N TRP B 90 -20.74 28.67 -19.09
CA TRP B 90 -20.89 30.12 -19.29
C TRP B 90 -21.67 30.75 -18.14
N VAL B 91 -22.69 30.05 -17.63
CA VAL B 91 -23.37 30.52 -16.43
C VAL B 91 -22.42 30.51 -15.24
N HIS B 92 -21.61 29.46 -15.12
CA HIS B 92 -20.64 29.39 -14.04
C HIS B 92 -19.63 30.54 -14.14
N LEU B 93 -19.16 30.83 -15.34
CA LEU B 93 -18.23 31.95 -15.52
C LEU B 93 -18.88 33.27 -15.17
N TRP B 94 -20.13 33.47 -15.62
CA TRP B 94 -20.80 34.75 -15.40
C TRP B 94 -21.08 34.98 -13.92
N VAL B 95 -21.57 33.95 -13.21
CA VAL B 95 -21.82 34.10 -11.79
C VAL B 95 -20.52 34.27 -11.01
N CYS B 96 -19.41 33.75 -11.54
CA CYS B 96 -18.11 33.93 -10.92
C CYS B 96 -17.51 35.30 -11.19
N TYR B 97 -18.14 36.10 -12.05
CA TYR B 97 -17.64 37.42 -12.40
C TYR B 97 -18.54 38.56 -11.95
N ARG B 98 -19.85 38.35 -11.86
CA ARG B 98 -20.78 39.41 -11.52
C ARG B 98 -20.80 39.72 -10.02
N ASN B 99 -19.87 39.18 -9.25
CA ASN B 99 -19.83 39.45 -7.82
C ASN B 99 -19.59 40.95 -7.59
N PRO B 100 -20.15 41.51 -6.52
CA PRO B 100 -20.10 42.98 -6.35
C PRO B 100 -18.69 43.54 -6.29
N PHE B 101 -17.74 42.80 -5.73
CA PHE B 101 -16.41 43.36 -5.53
C PHE B 101 -15.70 43.64 -6.86
N ASN B 102 -15.74 42.70 -7.80
CA ASN B 102 -15.05 42.92 -9.07
C ASN B 102 -15.75 43.99 -9.91
N ILE B 103 -17.08 44.01 -9.90
CA ILE B 103 -17.82 45.03 -10.63
C ILE B 103 -17.51 46.41 -10.06
N LEU B 104 -17.49 46.53 -8.73
CA LEU B 104 -17.15 47.80 -8.11
C LEU B 104 -15.71 48.19 -8.43
N LEU B 105 -14.80 47.22 -8.44
CA LEU B 105 -13.42 47.50 -8.84
C LEU B 105 -13.37 48.12 -10.23
N THR B 106 -14.02 47.48 -11.21
CA THR B 106 -13.97 47.98 -12.57
C THR B 106 -14.62 49.35 -12.68
N ILE B 107 -15.77 49.54 -12.03
CA ILE B 107 -16.48 50.80 -12.12
C ILE B 107 -15.65 51.93 -11.51
N LEU B 108 -15.08 51.69 -10.33
CA LEU B 108 -14.30 52.72 -9.65
C LEU B 108 -13.02 53.03 -10.43
N GLY B 109 -12.37 52.01 -10.99
CA GLY B 109 -11.20 52.27 -11.80
C GLY B 109 -11.51 53.08 -13.03
N ALA B 110 -12.61 52.75 -13.72
CA ALA B 110 -13.03 53.53 -14.88
C ALA B 110 -13.34 54.96 -14.49
N ILE B 111 -14.05 55.15 -13.37
CA ILE B 111 -14.39 56.50 -12.93
C ILE B 111 -13.14 57.30 -12.61
N SER B 112 -12.18 56.68 -11.90
CA SER B 112 -10.96 57.38 -11.53
C SER B 112 -10.13 57.75 -12.75
N TYR B 113 -10.06 56.85 -13.74
CA TYR B 113 -9.23 57.08 -14.91
C TYR B 113 -10.05 57.27 -16.19
N ALA B 114 -11.25 57.84 -16.06
CA ALA B 114 -12.05 58.13 -17.25
C ALA B 114 -11.48 59.30 -18.04
N THR B 115 -11.11 60.37 -17.35
CA THR B 115 -10.74 61.63 -17.99
C THR B 115 -9.24 61.64 -18.26
N GLU B 116 -8.88 61.59 -19.54
CA GLU B 116 -7.50 61.74 -20.02
C GLU B 116 -6.54 60.71 -19.43
N ASP B 117 -7.05 59.59 -18.92
CA ASP B 117 -6.21 58.58 -18.31
C ASP B 117 -6.60 57.19 -18.80
N LEU B 118 -6.74 57.05 -20.11
CA LEU B 118 -6.98 55.74 -20.70
C LEU B 118 -5.74 54.86 -20.54
N PHE B 119 -5.97 53.54 -20.60
CA PHE B 119 -4.94 52.52 -20.41
C PHE B 119 -4.53 52.44 -18.95
N ALA B 120 -5.07 53.33 -18.12
CA ALA B 120 -4.92 53.23 -16.68
C ALA B 120 -6.10 52.51 -16.04
N ALA B 121 -7.28 52.59 -16.65
CA ALA B 121 -8.45 51.86 -16.20
C ALA B 121 -8.73 50.62 -17.02
N GLY B 122 -8.25 50.55 -18.27
CA GLY B 122 -8.41 49.34 -19.05
C GLY B 122 -7.63 48.18 -18.49
N VAL B 123 -6.39 48.43 -18.07
CA VAL B 123 -5.56 47.36 -17.52
C VAL B 123 -6.03 46.94 -16.13
N ILE B 124 -6.54 47.88 -15.33
CA ILE B 124 -7.05 47.51 -14.01
C ILE B 124 -8.28 46.62 -14.14
N ALA B 125 -9.03 46.72 -15.24
CA ALA B 125 -10.10 45.77 -15.50
C ALA B 125 -9.54 44.44 -15.97
N LEU B 126 -8.44 44.48 -16.73
CA LEU B 126 -7.82 43.25 -17.21
C LEU B 126 -7.29 42.42 -16.06
N MET B 127 -6.72 43.06 -15.04
CA MET B 127 -6.17 42.32 -13.91
C MET B 127 -7.27 41.61 -13.12
N VAL B 128 -8.37 42.32 -12.85
CA VAL B 128 -9.47 41.70 -12.12
C VAL B 128 -10.13 40.60 -12.96
N ALA B 129 -10.20 40.79 -14.28
CA ALA B 129 -10.69 39.73 -15.16
C ALA B 129 -9.78 38.50 -15.13
N ILE B 130 -8.47 38.71 -15.09
CA ILE B 130 -7.55 37.56 -15.00
C ILE B 130 -7.74 36.83 -13.67
N SER B 131 -7.90 37.59 -12.58
CA SER B 131 -8.21 36.95 -11.31
C SER B 131 -9.51 36.14 -11.39
N THR B 132 -10.52 36.70 -12.05
CA THR B 132 -11.81 36.01 -12.15
C THR B 132 -11.72 34.74 -12.99
N LEU B 133 -11.00 34.78 -14.12
CA LEU B 133 -10.78 33.54 -14.87
C LEU B 133 -9.99 32.53 -14.06
N LEU B 134 -9.00 32.97 -13.28
CA LEU B 134 -8.25 32.01 -12.47
C LEU B 134 -9.18 31.30 -11.48
N ASN B 135 -10.02 32.08 -10.77
CA ASN B 135 -10.96 31.48 -9.83
C ASN B 135 -11.91 30.53 -10.54
N PHE B 136 -12.43 30.95 -11.70
CA PHE B 136 -13.38 30.10 -12.43
C PHE B 136 -12.72 28.82 -12.91
N ILE B 137 -11.47 28.89 -13.37
CA ILE B 137 -10.78 27.71 -13.84
C ILE B 137 -10.60 26.72 -12.70
N GLN B 138 -10.14 27.21 -11.55
CA GLN B 138 -9.93 26.32 -10.41
C GLN B 138 -11.25 25.68 -9.96
N GLU B 139 -12.30 26.49 -9.82
CA GLU B 139 -13.59 25.96 -9.39
C GLU B 139 -14.14 24.96 -10.40
N ALA B 140 -14.03 25.26 -11.69
CA ALA B 140 -14.57 24.37 -12.70
C ALA B 140 -13.82 23.04 -12.73
N ARG B 141 -12.49 23.08 -12.66
CA ARG B 141 -11.71 21.84 -12.65
C ARG B 141 -12.08 20.99 -11.44
N SER B 142 -12.12 21.62 -10.26
CA SER B 142 -12.39 20.84 -9.06
C SER B 142 -13.81 20.29 -9.05
N THR B 143 -14.79 21.08 -9.50
CA THR B 143 -16.16 20.60 -9.56
C THR B 143 -16.30 19.46 -10.56
N LYS B 144 -15.63 19.56 -11.70
CA LYS B 144 -15.68 18.48 -12.69
C LYS B 144 -15.08 17.20 -12.12
N ALA B 145 -13.94 17.31 -11.43
CA ALA B 145 -13.33 16.14 -10.82
C ALA B 145 -14.25 15.52 -9.77
N ALA B 146 -14.86 16.36 -8.92
CA ALA B 146 -15.73 15.85 -7.88
C ALA B 146 -16.98 15.19 -8.47
N ASP B 147 -17.57 15.79 -9.50
CA ASP B 147 -18.74 15.21 -10.14
C ASP B 147 -18.40 13.88 -10.79
N ALA B 148 -17.23 13.80 -11.42
CA ALA B 148 -16.80 12.52 -12.00
C ALA B 148 -16.62 11.48 -10.91
N LEU B 149 -16.05 11.87 -9.76
CA LEU B 149 -15.86 10.91 -8.67
C LEU B 149 -17.20 10.42 -8.12
N LYS B 150 -18.17 11.33 -7.98
CA LYS B 150 -19.47 10.94 -7.43
C LYS B 150 -20.16 9.92 -8.32
N ALA B 151 -20.12 10.13 -9.64
CA ALA B 151 -20.80 9.24 -10.57
C ALA B 151 -20.09 7.89 -10.72
N MET B 152 -18.86 7.77 -10.21
CA MET B 152 -18.17 6.48 -10.29
C MET B 152 -18.92 5.41 -9.50
N VAL B 153 -19.40 5.75 -8.30
CA VAL B 153 -20.17 4.81 -7.49
C VAL B 153 -21.63 5.25 -7.45
N SER B 154 -22.41 4.77 -8.41
CA SER B 154 -23.82 5.13 -8.50
C SER B 154 -24.64 3.87 -8.77
N ASN B 155 -25.88 3.90 -8.33
CA ASN B 155 -26.76 2.75 -8.50
C ASN B 155 -27.03 2.51 -9.98
N THR B 156 -27.04 1.24 -10.37
CA THR B 156 -27.24 0.85 -11.75
C THR B 156 -28.56 0.09 -11.91
N ALA B 157 -29.14 0.22 -13.10
CA ALA B 157 -30.38 -0.47 -13.44
C ALA B 157 -30.17 -1.25 -14.73
N THR B 158 -30.67 -2.48 -14.76
CA THR B 158 -30.50 -3.36 -15.91
C THR B 158 -31.66 -3.10 -16.88
N VAL B 159 -31.33 -2.61 -18.07
CA VAL B 159 -32.32 -2.21 -19.06
C VAL B 159 -32.00 -2.91 -20.37
N LEU B 160 -33.06 -3.31 -21.10
CA LEU B 160 -32.88 -4.01 -22.36
C LEU B 160 -32.12 -3.15 -23.38
N ARG B 161 -32.71 -2.03 -23.78
CA ARG B 161 -32.14 -1.16 -24.80
C ARG B 161 -31.83 -1.92 -26.08
N VAL B 162 -30.98 -1.35 -26.93
CA VAL B 162 -30.57 -1.98 -28.19
C VAL B 162 -29.05 -1.91 -28.23
N ILE B 163 -28.39 -3.07 -28.32
CA ILE B 163 -26.93 -3.09 -28.35
C ILE B 163 -26.43 -2.98 -29.78
N ASN B 164 -26.86 -3.90 -30.64
CA ASN B 164 -26.34 -3.98 -32.01
C ASN B 164 -26.88 -2.86 -32.90
N ASP B 165 -27.84 -2.06 -32.41
CA ASP B 165 -28.54 -1.02 -33.15
C ASP B 165 -29.40 -1.57 -34.27
N LYS B 166 -29.49 -2.89 -34.42
CA LYS B 166 -30.36 -3.53 -35.40
C LYS B 166 -31.52 -4.28 -34.75
N GLY B 167 -31.72 -4.10 -33.44
CA GLY B 167 -32.78 -4.78 -32.74
C GLY B 167 -32.37 -6.00 -31.94
N GLU B 168 -31.07 -6.27 -31.83
CA GLU B 168 -30.63 -7.45 -31.08
C GLU B 168 -30.90 -7.30 -29.58
N ASN B 169 -30.80 -6.07 -29.06
CA ASN B 169 -31.06 -5.78 -27.66
C ASN B 169 -30.11 -6.54 -26.74
N GLY B 170 -30.48 -6.66 -25.47
CA GLY B 170 -29.65 -7.32 -24.49
C GLY B 170 -29.92 -6.84 -23.08
N TRP B 171 -28.87 -6.71 -22.27
CA TRP B 171 -29.01 -6.17 -20.92
C TRP B 171 -27.77 -5.35 -20.59
N LEU B 172 -27.98 -4.13 -20.14
CA LEU B 172 -26.90 -3.19 -19.85
C LEU B 172 -26.96 -2.78 -18.38
N GLU B 173 -26.03 -1.90 -18.00
CA GLU B 173 -25.99 -1.31 -16.67
C GLU B 173 -25.67 0.17 -16.82
N ILE B 174 -26.62 1.02 -16.45
CA ILE B 174 -26.47 2.48 -16.60
C ILE B 174 -26.82 3.13 -15.26
N PRO B 175 -26.17 4.23 -14.90
CA PRO B 175 -26.61 4.98 -13.71
C PRO B 175 -28.07 5.39 -13.82
N ILE B 176 -28.75 5.41 -12.68
CA ILE B 176 -30.20 5.60 -12.64
C ILE B 176 -30.64 6.92 -13.25
N ASP B 177 -29.73 7.87 -13.41
CA ASP B 177 -30.11 9.19 -13.93
C ASP B 177 -30.61 9.12 -15.36
N GLN B 178 -30.21 8.11 -16.12
CA GLN B 178 -30.55 8.01 -17.54
C GLN B 178 -31.83 7.21 -17.79
N LEU B 179 -32.53 6.78 -16.74
CA LEU B 179 -33.77 6.01 -16.92
C LEU B 179 -34.89 6.97 -17.32
N VAL B 180 -35.23 6.97 -18.60
CA VAL B 180 -36.30 7.82 -19.12
C VAL B 180 -37.64 7.15 -18.87
N PRO B 181 -38.76 7.89 -18.90
CA PRO B 181 -40.06 7.23 -18.76
C PRO B 181 -40.33 6.28 -19.91
N GLY B 182 -41.14 5.28 -19.65
CA GLY B 182 -41.42 4.27 -20.65
C GLY B 182 -40.23 3.41 -20.99
N ASP B 183 -39.46 3.01 -19.99
CA ASP B 183 -38.31 2.14 -20.18
C ASP B 183 -38.56 0.81 -19.46
N ILE B 184 -38.08 -0.27 -20.07
CA ILE B 184 -38.29 -1.62 -19.56
C ILE B 184 -37.02 -2.07 -18.86
N ILE B 185 -37.16 -2.50 -17.61
CA ILE B 185 -36.04 -2.96 -16.80
C ILE B 185 -36.48 -4.21 -16.03
N LYS B 186 -35.49 -4.93 -15.51
CA LYS B 186 -35.72 -6.10 -14.67
C LYS B 186 -35.09 -5.86 -13.30
N LEU B 187 -35.67 -6.48 -12.28
CA LEU B 187 -35.26 -6.27 -10.91
C LEU B 187 -34.90 -7.59 -10.24
N ALA B 188 -33.95 -7.51 -9.31
CA ALA B 188 -33.53 -8.66 -8.52
C ALA B 188 -33.36 -8.23 -7.07
N ALA B 189 -33.06 -9.18 -6.20
CA ALA B 189 -32.89 -8.88 -4.79
C ALA B 189 -31.68 -7.98 -4.58
N GLY B 190 -31.84 -6.98 -3.73
CA GLY B 190 -30.78 -6.04 -3.41
C GLY B 190 -30.71 -4.82 -4.29
N ASP B 191 -31.50 -4.76 -5.36
CA ASP B 191 -31.51 -3.62 -6.27
C ASP B 191 -32.64 -2.68 -5.86
N MET B 192 -32.30 -1.42 -5.59
CA MET B 192 -33.32 -0.44 -5.27
C MET B 192 -34.13 -0.10 -6.52
N ILE B 193 -35.32 0.44 -6.30
CA ILE B 193 -36.21 0.82 -7.39
C ILE B 193 -35.75 2.17 -7.92
N PRO B 194 -35.28 2.25 -9.17
CA PRO B 194 -34.74 3.52 -9.67
C PRO B 194 -35.80 4.58 -9.92
N ALA B 195 -37.02 4.16 -10.26
CA ALA B 195 -38.10 5.09 -10.54
C ALA B 195 -39.42 4.34 -10.43
N ASP B 196 -40.52 5.10 -10.45
CA ASP B 196 -41.84 4.48 -10.35
C ASP B 196 -42.03 3.50 -11.50
N LEU B 197 -42.48 2.29 -11.16
CA LEU B 197 -42.54 1.19 -12.10
C LEU B 197 -43.94 0.60 -12.15
N ARG B 198 -44.33 0.17 -13.34
CA ARG B 198 -45.55 -0.60 -13.55
C ARG B 198 -45.15 -2.06 -13.74
N ILE B 199 -45.55 -2.92 -12.81
CA ILE B 199 -45.09 -4.30 -12.80
C ILE B 199 -45.68 -5.03 -14.01
N LEU B 200 -44.82 -5.50 -14.90
CA LEU B 200 -45.25 -6.27 -16.06
C LEU B 200 -45.30 -7.76 -15.75
N GLN B 201 -44.24 -8.30 -15.16
CA GLN B 201 -44.24 -9.68 -14.68
C GLN B 201 -43.46 -9.75 -13.38
N ALA B 202 -43.81 -10.71 -12.54
CA ALA B 202 -43.18 -10.82 -11.23
C ALA B 202 -43.26 -12.25 -10.75
N ARG B 203 -42.12 -12.79 -10.29
CA ARG B 203 -42.02 -14.09 -9.65
C ARG B 203 -41.62 -13.85 -8.20
N ASP B 204 -42.60 -13.99 -7.30
CA ASP B 204 -42.38 -13.90 -5.85
C ASP B 204 -41.68 -12.60 -5.45
N LEU B 205 -42.09 -11.50 -6.08
CA LEU B 205 -41.48 -10.21 -5.78
C LEU B 205 -41.92 -9.71 -4.42
N PHE B 206 -40.95 -9.50 -3.53
CA PHE B 206 -41.19 -8.91 -2.22
C PHE B 206 -40.28 -7.70 -2.07
N VAL B 207 -40.87 -6.56 -1.76
CA VAL B 207 -40.13 -5.31 -1.64
C VAL B 207 -40.37 -4.71 -0.26
N ALA B 208 -39.44 -3.86 0.16
CA ALA B 208 -39.51 -3.19 1.46
C ALA B 208 -40.01 -1.77 1.23
N GLN B 209 -41.23 -1.49 1.68
CA GLN B 209 -41.85 -0.17 1.54
C GLN B 209 -41.85 0.60 2.85
N ALA B 210 -41.00 0.21 3.81
CA ALA B 210 -40.98 0.87 5.10
C ALA B 210 -40.57 2.34 4.98
N SER B 211 -39.88 2.70 3.91
CA SER B 211 -39.52 4.10 3.71
C SER B 211 -40.77 4.96 3.51
N LEU B 212 -41.74 4.47 2.75
CA LEU B 212 -42.94 5.23 2.43
C LEU B 212 -44.11 4.87 3.36
N THR B 213 -44.53 3.61 3.37
CA THR B 213 -45.69 3.21 4.15
C THR B 213 -45.38 3.00 5.63
N GLY B 214 -44.11 2.97 6.01
CA GLY B 214 -43.75 2.83 7.41
C GLY B 214 -43.90 1.43 7.97
N GLU B 215 -44.20 0.44 7.13
CA GLU B 215 -44.37 -0.94 7.58
C GLU B 215 -43.10 -1.72 7.26
N SER B 216 -42.50 -2.31 8.30
CA SER B 216 -41.25 -3.04 8.11
C SER B 216 -41.44 -4.34 7.34
N LEU B 217 -42.65 -4.91 7.39
CA LEU B 217 -42.89 -6.17 6.71
C LEU B 217 -42.83 -5.98 5.20
N PRO B 218 -42.23 -6.92 4.48
CA PRO B 218 -42.22 -6.83 3.01
C PRO B 218 -43.61 -7.00 2.43
N VAL B 219 -43.81 -6.43 1.25
CA VAL B 219 -45.11 -6.42 0.58
C VAL B 219 -44.98 -7.12 -0.77
N GLU B 220 -45.94 -8.00 -1.06
CA GLU B 220 -45.94 -8.70 -2.33
C GLU B 220 -46.21 -7.73 -3.48
N LYS B 221 -45.75 -8.11 -4.67
CA LYS B 221 -45.98 -7.33 -5.88
C LYS B 221 -46.25 -8.32 -7.01
N ALA B 222 -47.45 -8.28 -7.56
CA ALA B 222 -47.86 -9.18 -8.63
C ALA B 222 -47.92 -8.45 -9.96
N ALA B 223 -47.87 -9.23 -11.04
CA ALA B 223 -47.97 -8.65 -12.37
C ALA B 223 -49.33 -7.99 -12.59
N THR B 224 -50.40 -8.65 -12.15
CA THR B 224 -51.74 -8.10 -12.20
C THR B 224 -52.25 -7.90 -10.77
N THR B 225 -53.07 -6.85 -10.60
CA THR B 225 -53.55 -6.50 -9.27
C THR B 225 -54.38 -7.62 -8.66
N ARG B 226 -53.91 -8.16 -7.54
CA ARG B 226 -54.65 -9.16 -6.80
C ARG B 226 -55.40 -8.58 -5.61
N GLN B 227 -55.06 -7.37 -5.19
CA GLN B 227 -55.82 -6.72 -4.12
C GLN B 227 -57.21 -6.36 -4.61
N PRO B 228 -58.24 -6.47 -3.76
CA PRO B 228 -59.61 -6.23 -4.23
C PRO B 228 -59.89 -4.77 -4.56
N GLU B 229 -59.55 -3.86 -3.65
CA GLU B 229 -59.94 -2.47 -3.76
C GLU B 229 -58.71 -1.57 -3.90
N HIS B 230 -58.75 -0.71 -4.90
CA HIS B 230 -57.75 0.32 -5.14
C HIS B 230 -58.18 1.61 -4.41
N SER B 231 -57.60 2.75 -4.81
CA SER B 231 -57.73 4.09 -4.22
C SER B 231 -56.76 4.29 -3.05
N ASN B 232 -55.81 3.40 -2.86
CA ASN B 232 -54.66 3.64 -1.98
C ASN B 232 -53.41 3.63 -2.85
N PRO B 233 -52.90 4.79 -3.26
CA PRO B 233 -51.80 4.81 -4.23
C PRO B 233 -50.53 4.13 -3.72
N LEU B 234 -50.23 4.23 -2.43
CA LEU B 234 -48.99 3.66 -1.92
C LEU B 234 -49.07 2.15 -1.79
N GLU B 235 -50.26 1.62 -1.48
CA GLU B 235 -50.43 0.21 -1.18
C GLU B 235 -50.89 -0.63 -2.37
N CYS B 236 -50.93 -0.04 -3.56
CA CYS B 236 -51.29 -0.81 -4.75
C CYS B 236 -50.23 -1.88 -5.01
N ASP B 237 -50.67 -3.08 -5.35
CA ASP B 237 -49.77 -4.22 -5.47
C ASP B 237 -49.10 -4.33 -6.83
N THR B 238 -49.36 -3.41 -7.75
CA THR B 238 -48.79 -3.47 -9.09
C THR B 238 -47.84 -2.31 -9.41
N LEU B 239 -47.57 -1.43 -8.46
CA LEU B 239 -46.65 -0.33 -8.67
C LEU B 239 -45.59 -0.31 -7.58
N CYS B 240 -44.37 0.04 -7.95
CA CYS B 240 -43.26 0.19 -7.01
C CYS B 240 -42.67 1.58 -7.19
N PHE B 241 -42.49 2.29 -6.08
CA PHE B 241 -42.02 3.67 -6.10
C PHE B 241 -40.51 3.74 -5.92
N MET B 242 -39.95 4.85 -6.37
CA MET B 242 -38.51 5.09 -6.22
C MET B 242 -38.16 5.21 -4.75
N GLY B 243 -36.98 4.71 -4.40
CA GLY B 243 -36.51 4.73 -3.03
C GLY B 243 -36.78 3.47 -2.24
N THR B 244 -37.47 2.50 -2.82
CA THR B 244 -37.73 1.22 -2.17
C THR B 244 -36.77 0.17 -2.71
N THR B 245 -36.64 -0.92 -1.96
CA THR B 245 -35.70 -1.98 -2.29
C THR B 245 -36.44 -3.30 -2.47
N VAL B 246 -35.87 -4.18 -3.28
CA VAL B 246 -36.42 -5.50 -3.54
C VAL B 246 -35.85 -6.46 -2.51
N VAL B 247 -36.69 -6.91 -1.58
CA VAL B 247 -36.23 -7.85 -0.57
C VAL B 247 -35.92 -9.20 -1.21
N SER B 248 -36.81 -9.68 -2.08
CA SER B 248 -36.61 -10.98 -2.71
C SER B 248 -37.44 -11.06 -3.98
N GLY B 249 -37.24 -12.15 -4.72
CA GLY B 249 -37.96 -12.40 -5.94
C GLY B 249 -37.37 -11.70 -7.14
N THR B 250 -38.00 -11.94 -8.30
CA THR B 250 -37.57 -11.33 -9.55
C THR B 250 -38.76 -10.64 -10.19
N ALA B 251 -38.48 -9.66 -11.05
CA ALA B 251 -39.56 -8.94 -11.71
C ALA B 251 -39.03 -8.24 -12.95
N GLN B 252 -39.96 -7.88 -13.83
CA GLN B 252 -39.69 -7.04 -14.98
C GLN B 252 -40.82 -6.03 -15.08
N ALA B 253 -40.47 -4.75 -15.03
CA ALA B 253 -41.45 -3.67 -14.96
C ALA B 253 -41.03 -2.53 -15.89
N MET B 254 -41.97 -1.61 -16.11
CA MET B 254 -41.79 -0.49 -17.02
C MET B 254 -41.76 0.82 -16.23
N VAL B 255 -40.84 1.71 -16.60
CA VAL B 255 -40.74 3.00 -15.94
C VAL B 255 -41.95 3.85 -16.33
N ILE B 256 -42.58 4.45 -15.32
CA ILE B 256 -43.74 5.30 -15.56
C ILE B 256 -43.54 6.73 -15.07
N ALA B 257 -42.59 6.98 -14.18
CA ALA B 257 -42.30 8.33 -13.71
C ALA B 257 -40.79 8.51 -13.65
N THR B 258 -40.36 9.76 -13.71
CA THR B 258 -38.94 10.07 -13.79
C THR B 258 -38.68 11.45 -13.19
N GLY B 259 -37.62 11.53 -12.40
CA GLY B 259 -37.24 12.81 -11.81
C GLY B 259 -38.27 13.28 -10.81
N ALA B 260 -38.64 14.56 -10.90
CA ALA B 260 -39.61 15.12 -9.96
C ALA B 260 -41.00 14.51 -10.14
N ASN B 261 -41.27 13.95 -11.32
CA ASN B 261 -42.57 13.35 -11.56
C ASN B 261 -42.81 12.12 -10.69
N THR B 262 -41.77 11.55 -10.11
CA THR B 262 -41.93 10.40 -9.23
C THR B 262 -42.64 10.81 -7.95
N TRP B 263 -43.14 9.80 -7.22
CA TRP B 263 -43.84 10.07 -5.97
C TRP B 263 -42.92 10.77 -4.97
N PHE B 264 -41.69 10.30 -4.85
CA PHE B 264 -40.74 10.95 -3.94
C PHE B 264 -40.30 12.31 -4.46
N GLY B 265 -40.45 12.57 -5.75
CA GLY B 265 -39.95 13.82 -6.32
C GLY B 265 -40.64 15.05 -5.77
N GLN B 266 -41.98 15.05 -5.78
CA GLN B 266 -42.72 16.23 -5.35
C GLN B 266 -43.80 15.89 -4.34
N LEU B 267 -44.38 14.69 -4.42
CA LEU B 267 -45.42 14.32 -3.47
C LEU B 267 -44.85 14.14 -2.06
N ALA B 268 -43.60 13.69 -1.96
CA ALA B 268 -42.94 13.58 -0.67
C ALA B 268 -42.61 14.94 -0.06
N GLY B 269 -42.72 16.02 -0.83
CA GLY B 269 -42.40 17.34 -0.35
C GLY B 269 -40.94 17.73 -0.43
N ARG B 270 -40.10 16.88 -1.01
CA ARG B 270 -38.68 17.21 -1.14
C ARG B 270 -38.47 18.41 -2.06
N VAL B 271 -39.21 18.45 -3.17
CA VAL B 271 -39.06 19.56 -4.11
C VAL B 271 -39.50 20.87 -3.48
N SER B 272 -40.62 20.85 -2.76
CA SER B 272 -41.15 22.07 -2.15
C SER B 272 -40.34 22.42 -0.90
N GLU B 273 -39.72 23.60 -0.92
CA GLU B 273 -38.91 24.12 0.19
C GLU B 273 -37.82 23.09 0.50
N GLN B 274 -37.73 22.59 1.73
CA GLN B 274 -36.74 21.58 2.12
C GLN B 274 -35.30 22.08 1.94
N GLU B 275 -35.08 23.38 2.11
CA GLU B 275 -33.74 23.96 2.00
C GLU B 275 -33.46 24.96 3.12
N SER B 276 -34.20 24.89 4.22
CA SER B 276 -34.05 25.87 5.30
C SER B 276 -32.81 25.61 6.13
N GLU B 277 -32.49 24.33 6.40
CA GLU B 277 -31.44 23.98 7.35
C GLU B 277 -30.17 23.58 6.62
N PRO B 278 -29.05 24.28 6.82
CA PRO B 278 -27.77 23.78 6.30
C PRO B 278 -27.09 22.87 7.31
N ASN B 279 -25.93 22.33 6.95
CA ASN B 279 -25.19 21.44 7.83
C ASN B 279 -24.06 22.21 8.52
N ALA B 280 -23.25 21.49 9.30
CA ALA B 280 -22.20 22.13 10.07
C ALA B 280 -21.16 22.79 9.16
N PHE B 281 -20.79 22.11 8.08
CA PHE B 281 -19.76 22.66 7.18
C PHE B 281 -20.23 23.96 6.54
N GLN B 282 -21.47 23.99 6.06
CA GLN B 282 -21.99 25.22 5.45
C GLN B 282 -22.08 26.33 6.48
N GLN B 283 -22.47 26.00 7.72
CA GLN B 283 -22.53 27.01 8.77
C GLN B 283 -21.15 27.57 9.07
N GLY B 284 -20.13 26.72 9.12
CA GLY B 284 -18.78 27.22 9.34
C GLY B 284 -18.28 28.10 8.20
N ILE B 285 -18.59 27.70 6.96
CA ILE B 285 -18.21 28.52 5.81
C ILE B 285 -18.90 29.86 5.87
N SER B 286 -20.19 29.87 6.22
CA SER B 286 -20.93 31.13 6.34
C SER B 286 -20.34 32.00 7.44
N ARG B 287 -19.95 31.40 8.56
CA ARG B 287 -19.34 32.17 9.63
C ARG B 287 -18.02 32.80 9.18
N VAL B 288 -17.21 32.04 8.45
CA VAL B 288 -15.94 32.57 7.96
C VAL B 288 -16.20 33.72 6.99
N SER B 289 -17.16 33.54 6.08
CA SER B 289 -17.47 34.59 5.11
C SER B 289 -17.98 35.84 5.81
N MET B 290 -18.84 35.68 6.80
CA MET B 290 -19.35 36.83 7.55
C MET B 290 -18.23 37.52 8.31
N LEU B 291 -17.29 36.75 8.86
CA LEU B 291 -16.14 37.35 9.53
C LEU B 291 -15.31 38.20 8.58
N LEU B 292 -15.05 37.67 7.38
CA LEU B 292 -14.27 38.42 6.40
C LEU B 292 -15.01 39.67 5.96
N ILE B 293 -16.32 39.57 5.74
CA ILE B 293 -17.10 40.73 5.33
C ILE B 293 -17.11 41.78 6.43
N ARG B 294 -17.25 41.37 7.68
CA ARG B 294 -17.20 42.31 8.79
C ARG B 294 -15.85 42.99 8.87
N PHE B 295 -14.77 42.23 8.67
CA PHE B 295 -13.44 42.82 8.69
C PHE B 295 -13.28 43.87 7.61
N MET B 296 -13.75 43.55 6.39
CA MET B 296 -13.65 44.52 5.30
C MET B 296 -14.48 45.77 5.59
N LEU B 297 -15.70 45.58 6.09
CA LEU B 297 -16.56 46.73 6.38
C LEU B 297 -15.99 47.60 7.48
N VAL B 298 -15.29 46.99 8.45
CA VAL B 298 -14.65 47.77 9.51
C VAL B 298 -13.45 48.54 8.96
N MET B 299 -12.66 47.89 8.11
CA MET B 299 -11.35 48.44 7.74
C MET B 299 -11.41 49.38 6.54
N ALA B 300 -11.91 48.89 5.40
CA ALA B 300 -11.81 49.64 4.16
C ALA B 300 -12.44 51.03 4.20
N PRO B 301 -13.65 51.24 4.76
CA PRO B 301 -14.18 52.61 4.81
C PRO B 301 -13.29 53.58 5.56
N VAL B 302 -12.59 53.12 6.61
CA VAL B 302 -11.70 54.02 7.33
C VAL B 302 -10.58 54.51 6.42
N VAL B 303 -9.98 53.58 5.68
CA VAL B 303 -8.92 53.97 4.74
C VAL B 303 -9.46 54.90 3.67
N LEU B 304 -10.65 54.60 3.14
CA LEU B 304 -11.25 55.46 2.14
C LEU B 304 -11.43 56.88 2.66
N LEU B 305 -12.04 57.02 3.84
CA LEU B 305 -12.28 58.35 4.39
C LEU B 305 -10.97 59.08 4.69
N ILE B 306 -9.99 58.37 5.25
CA ILE B 306 -8.72 59.02 5.57
C ILE B 306 -8.04 59.54 4.31
N ASN B 307 -7.95 58.70 3.28
CA ASN B 307 -7.29 59.12 2.05
C ASN B 307 -8.06 60.24 1.36
N GLY B 308 -9.38 60.15 1.33
CA GLY B 308 -10.17 61.19 0.70
C GLY B 308 -10.06 62.52 1.40
N TYR B 309 -10.04 62.51 2.74
CA TYR B 309 -9.92 63.76 3.49
C TYR B 309 -8.53 64.34 3.37
N THR B 310 -7.50 63.48 3.38
CA THR B 310 -6.13 63.98 3.34
C THR B 310 -5.77 64.52 1.95
N LYS B 311 -6.11 63.79 0.90
CA LYS B 311 -5.65 64.12 -0.44
C LYS B 311 -6.71 64.78 -1.31
N GLY B 312 -8.00 64.65 -0.97
CA GLY B 312 -9.06 65.29 -1.71
C GLY B 312 -9.52 64.55 -2.95
N ASP B 313 -8.92 63.42 -3.28
CA ASP B 313 -9.32 62.62 -4.45
C ASP B 313 -10.14 61.44 -3.94
N TRP B 314 -11.44 61.66 -3.79
CA TRP B 314 -12.31 60.64 -3.22
C TRP B 314 -12.40 59.40 -4.12
N TRP B 315 -12.47 59.61 -5.43
CA TRP B 315 -12.63 58.48 -6.35
C TRP B 315 -11.40 57.59 -6.34
N GLU B 316 -10.22 58.18 -6.49
CA GLU B 316 -8.99 57.39 -6.45
C GLU B 316 -8.80 56.72 -5.09
N ALA B 317 -9.16 57.43 -4.02
CA ALA B 317 -9.08 56.83 -2.68
C ALA B 317 -9.99 55.62 -2.56
N ALA B 318 -11.21 55.71 -3.08
CA ALA B 318 -12.12 54.57 -3.03
C ALA B 318 -11.60 53.40 -3.85
N LEU B 319 -11.06 53.69 -5.04
CA LEU B 319 -10.50 52.63 -5.87
C LEU B 319 -9.34 51.95 -5.16
N PHE B 320 -8.45 52.74 -4.55
CA PHE B 320 -7.31 52.17 -3.86
C PHE B 320 -7.72 51.36 -2.64
N ALA B 321 -8.69 51.86 -1.87
CA ALA B 321 -9.17 51.11 -0.71
C ALA B 321 -9.81 49.80 -1.13
N LEU B 322 -10.58 49.81 -2.21
CA LEU B 322 -11.16 48.57 -2.71
C LEU B 322 -10.09 47.60 -3.16
N SER B 323 -9.05 48.11 -3.84
CA SER B 323 -7.95 47.24 -4.25
C SER B 323 -7.26 46.63 -3.05
N VAL B 324 -7.10 47.39 -1.97
CA VAL B 324 -6.55 46.84 -0.73
C VAL B 324 -7.45 45.75 -0.19
N ALA B 325 -8.76 46.00 -0.15
CA ALA B 325 -9.70 45.05 0.41
C ALA B 325 -9.90 43.82 -0.47
N VAL B 326 -9.41 43.84 -1.71
CA VAL B 326 -9.55 42.69 -2.60
C VAL B 326 -9.01 41.43 -1.93
N GLY B 327 -7.86 41.54 -1.25
CA GLY B 327 -7.25 40.38 -0.65
C GLY B 327 -8.09 39.70 0.41
N LEU B 328 -9.08 40.40 0.96
CA LEU B 328 -9.94 39.86 2.00
C LEU B 328 -11.31 39.46 1.47
N THR B 329 -11.49 39.37 0.16
CA THR B 329 -12.79 39.06 -0.41
C THR B 329 -13.18 37.62 -0.09
N PRO B 330 -14.49 37.35 0.10
CA PRO B 330 -14.94 35.96 0.26
C PRO B 330 -14.98 35.19 -1.04
N GLU B 331 -14.71 35.83 -2.18
CA GLU B 331 -14.76 35.13 -3.46
C GLU B 331 -13.73 34.01 -3.52
N MET B 332 -12.66 34.12 -2.74
CA MET B 332 -11.68 33.03 -2.67
C MET B 332 -12.24 31.81 -1.98
N LEU B 333 -13.16 32.01 -1.02
CA LEU B 333 -13.65 30.90 -0.20
C LEU B 333 -14.20 29.73 -0.98
N PRO B 334 -15.00 29.91 -2.05
CA PRO B 334 -15.40 28.75 -2.85
C PRO B 334 -14.21 27.95 -3.36
N MET B 335 -13.32 28.62 -4.11
CA MET B 335 -12.16 27.97 -4.69
C MET B 335 -11.49 27.02 -3.72
N ILE B 336 -11.03 27.56 -2.59
CA ILE B 336 -10.37 26.76 -1.56
C ILE B 336 -11.20 25.53 -1.25
N VAL B 337 -12.43 25.76 -0.78
CA VAL B 337 -13.29 24.65 -0.38
C VAL B 337 -13.54 23.74 -1.57
N THR B 338 -13.66 24.31 -2.76
CA THR B 338 -13.85 23.49 -3.94
C THR B 338 -12.57 22.78 -4.35
N SER B 339 -11.42 23.46 -4.24
CA SER B 339 -10.19 22.91 -4.79
C SER B 339 -9.52 21.93 -3.84
N THR B 340 -9.11 22.41 -2.67
CA THR B 340 -8.29 21.63 -1.75
C THR B 340 -8.91 20.27 -1.49
N LEU B 341 -10.13 20.26 -0.96
CA LEU B 341 -10.82 19.01 -0.68
C LEU B 341 -10.84 18.10 -1.90
N ALA B 342 -11.16 18.66 -3.07
CA ALA B 342 -11.20 17.87 -4.29
C ALA B 342 -9.88 17.16 -4.51
N ARG B 343 -8.76 17.88 -4.37
CA ARG B 343 -7.46 17.26 -4.52
C ARG B 343 -7.33 16.08 -3.56
N GLY B 344 -7.66 16.29 -2.29
CA GLY B 344 -7.63 15.19 -1.34
C GLY B 344 -8.51 14.05 -1.77
N ALA B 345 -9.71 14.37 -2.26
CA ALA B 345 -10.60 13.33 -2.77
C ALA B 345 -9.92 12.51 -3.84
N VAL B 346 -9.19 13.16 -4.74
CA VAL B 346 -8.48 12.45 -5.79
C VAL B 346 -7.52 11.45 -5.17
N LYS B 347 -6.77 11.88 -4.16
CA LYS B 347 -5.85 10.96 -3.49
C LYS B 347 -6.63 9.82 -2.83
N LEU B 348 -7.78 10.12 -2.25
CA LEU B 348 -8.60 9.07 -1.68
C LEU B 348 -9.05 8.08 -2.75
N SER B 349 -9.24 8.57 -3.98
CA SER B 349 -9.61 7.68 -5.08
C SER B 349 -8.50 6.67 -5.35
N LYS B 350 -7.25 7.04 -5.08
CA LYS B 350 -6.14 6.12 -5.22
C LYS B 350 -5.98 5.21 -4.01
N GLN B 351 -6.71 5.47 -2.92
CA GLN B 351 -6.69 4.62 -1.74
C GLN B 351 -7.95 3.81 -1.57
N LYS B 352 -8.66 3.52 -2.67
CA LYS B 352 -9.87 2.70 -2.65
C LYS B 352 -10.97 3.31 -1.79
N VAL B 353 -11.02 4.64 -1.72
CA VAL B 353 -12.05 5.37 -1.00
C VAL B 353 -12.65 6.40 -1.95
N ILE B 354 -13.96 6.34 -2.15
CA ILE B 354 -14.65 7.26 -3.04
C ILE B 354 -15.52 8.15 -2.17
N VAL B 355 -15.28 9.46 -2.23
CA VAL B 355 -16.06 10.41 -1.47
C VAL B 355 -17.16 10.99 -2.35
N LYS B 356 -18.41 10.86 -1.91
CA LYS B 356 -19.54 11.32 -2.72
C LYS B 356 -19.61 12.85 -2.73
N HIS B 357 -19.75 13.47 -1.56
CA HIS B 357 -19.77 14.92 -1.44
C HIS B 357 -18.63 15.37 -0.54
N LEU B 358 -18.03 16.51 -0.89
CA LEU B 358 -16.76 16.91 -0.30
C LEU B 358 -16.86 17.17 1.20
N ASP B 359 -17.97 17.79 1.64
CA ASP B 359 -18.08 18.20 3.04
C ASP B 359 -17.90 17.04 4.00
N ALA B 360 -18.28 15.82 3.59
CA ALA B 360 -18.14 14.66 4.47
C ALA B 360 -16.71 14.50 4.97
N ILE B 361 -15.73 14.94 4.17
CA ILE B 361 -14.34 14.82 4.58
C ILE B 361 -14.12 15.44 5.95
N GLN B 362 -14.74 16.59 6.20
CA GLN B 362 -14.63 17.21 7.51
C GLN B 362 -15.07 16.25 8.60
N ASN B 363 -16.29 15.71 8.47
CA ASN B 363 -16.73 14.69 9.41
C ASN B 363 -15.83 13.47 9.34
N PHE B 364 -15.39 13.12 8.13
CA PHE B 364 -14.51 11.98 7.97
C PHE B 364 -13.16 12.21 8.63
N GLY B 365 -12.84 13.47 8.93
CA GLY B 365 -11.65 13.79 9.68
C GLY B 365 -11.84 13.92 11.16
N ALA B 366 -13.09 13.93 11.63
CA ALA B 366 -13.39 14.11 13.05
C ALA B 366 -14.23 12.95 13.59
N MET B 367 -14.14 11.79 12.95
CA MET B 367 -14.92 10.63 13.35
C MET B 367 -14.25 10.00 14.56
N ASP B 368 -14.56 10.52 15.75
CA ASP B 368 -13.98 9.98 16.97
C ASP B 368 -14.61 8.65 17.37
N ILE B 369 -15.87 8.42 17.00
CA ILE B 369 -16.57 7.18 17.29
C ILE B 369 -16.96 6.53 15.97
N LEU B 370 -16.63 5.25 15.83
CA LEU B 370 -16.91 4.49 14.62
C LEU B 370 -17.72 3.25 14.99
N CYS B 371 -18.99 3.23 14.59
CA CYS B 371 -19.84 2.08 14.82
C CYS B 371 -19.85 1.20 13.57
N THR B 372 -19.52 -0.08 13.74
CA THR B 372 -19.45 -1.02 12.64
C THR B 372 -20.04 -2.36 13.07
N ASP B 373 -20.33 -3.19 12.07
CA ASP B 373 -20.78 -4.55 12.31
C ASP B 373 -19.61 -5.52 12.11
N LYS B 374 -19.66 -6.63 12.84
CA LYS B 374 -18.48 -7.50 12.95
C LYS B 374 -18.16 -8.18 11.62
N THR B 375 -19.10 -8.94 11.07
CA THR B 375 -18.85 -9.69 9.85
C THR B 375 -18.54 -8.75 8.70
N GLY B 376 -17.52 -9.10 7.91
CA GLY B 376 -17.07 -8.25 6.83
C GLY B 376 -15.93 -7.34 7.26
N THR B 377 -16.06 -6.71 8.42
CA THR B 377 -15.02 -5.86 8.97
C THR B 377 -14.11 -6.62 9.93
N LEU B 378 -14.70 -7.17 10.99
CA LEU B 378 -13.90 -7.89 11.99
C LEU B 378 -13.48 -9.26 11.48
N THR B 379 -14.36 -9.97 10.79
CA THR B 379 -14.10 -11.33 10.34
C THR B 379 -14.33 -11.44 8.84
N GLN B 380 -13.66 -12.41 8.23
CA GLN B 380 -13.86 -12.70 6.81
C GLN B 380 -15.27 -13.21 6.58
N ASP B 381 -15.86 -12.78 5.47
CA ASP B 381 -17.21 -13.25 5.14
C ASP B 381 -17.21 -14.74 4.82
N LYS B 382 -16.20 -15.21 4.07
CA LYS B 382 -16.12 -16.63 3.76
C LYS B 382 -15.82 -17.43 5.01
N ILE B 383 -16.51 -18.56 5.16
CA ILE B 383 -16.35 -19.43 6.33
C ILE B 383 -15.50 -20.63 5.95
N VAL B 384 -14.54 -20.95 6.82
CA VAL B 384 -13.59 -22.02 6.55
C VAL B 384 -14.13 -23.37 6.98
N LEU B 385 -14.60 -23.48 8.21
CA LEU B 385 -15.05 -24.74 8.78
C LEU B 385 -16.56 -24.74 8.96
N GLU B 386 -17.22 -25.76 8.41
CA GLU B 386 -18.65 -25.95 8.61
C GLU B 386 -18.94 -27.44 8.67
N ASN B 387 -19.69 -27.85 9.69
CA ASN B 387 -20.15 -29.24 9.81
C ASN B 387 -21.64 -29.24 10.08
N HIS B 388 -22.35 -30.16 9.41
CA HIS B 388 -23.80 -30.27 9.54
C HIS B 388 -24.10 -31.42 10.49
N THR B 389 -24.18 -31.11 11.78
CA THR B 389 -24.42 -32.10 12.81
C THR B 389 -25.91 -32.20 13.11
N ASP B 390 -26.25 -33.15 13.98
CA ASP B 390 -27.62 -33.34 14.45
C ASP B 390 -27.69 -32.99 15.94
N ILE B 391 -28.84 -33.27 16.55
CA ILE B 391 -29.02 -33.00 17.97
C ILE B 391 -28.02 -33.79 18.80
N SER B 392 -27.84 -35.07 18.48
CA SER B 392 -26.88 -35.91 19.18
C SER B 392 -25.44 -35.54 18.86
N GLY B 393 -25.21 -34.69 17.86
CA GLY B 393 -23.87 -34.28 17.48
C GLY B 393 -23.29 -35.01 16.29
N LYS B 394 -23.90 -36.12 15.87
CA LYS B 394 -23.39 -36.86 14.72
C LYS B 394 -23.64 -36.10 13.43
N THR B 395 -22.76 -36.35 12.45
CA THR B 395 -22.91 -35.71 11.15
C THR B 395 -24.13 -36.27 10.44
N SER B 396 -24.97 -35.37 9.91
CA SER B 396 -26.22 -35.75 9.25
C SER B 396 -26.22 -35.21 7.83
N GLU B 397 -26.40 -36.12 6.86
CA GLU B 397 -26.52 -35.70 5.47
C GLU B 397 -27.90 -35.10 5.20
N ARG B 398 -28.92 -35.53 5.94
CA ARG B 398 -30.26 -35.01 5.73
C ARG B 398 -30.33 -33.52 6.03
N VAL B 399 -29.66 -33.07 7.09
CA VAL B 399 -29.64 -31.65 7.42
C VAL B 399 -28.99 -30.85 6.30
N LEU B 400 -27.88 -31.35 5.76
CA LEU B 400 -27.22 -30.65 4.67
C LEU B 400 -28.09 -30.61 3.42
N HIS B 401 -28.80 -31.70 3.13
CA HIS B 401 -29.69 -31.72 1.98
C HIS B 401 -30.83 -30.73 2.14
N SER B 402 -31.41 -30.65 3.34
CA SER B 402 -32.46 -29.67 3.59
C SER B 402 -31.93 -28.25 3.47
N ALA B 403 -30.71 -28.01 3.97
CA ALA B 403 -30.10 -26.71 3.82
C ALA B 403 -29.88 -26.35 2.35
N TRP B 404 -29.46 -27.33 1.55
CA TRP B 404 -29.30 -27.08 0.12
C TRP B 404 -30.63 -26.76 -0.53
N LEU B 405 -31.69 -27.49 -0.14
CA LEU B 405 -33.02 -27.21 -0.68
C LEU B 405 -33.46 -25.79 -0.35
N ASN B 406 -33.21 -25.36 0.89
CA ASN B 406 -33.62 -24.04 1.32
C ASN B 406 -32.72 -22.91 0.82
N SER B 407 -31.49 -23.22 0.40
CA SER B 407 -30.56 -22.20 -0.04
C SER B 407 -30.39 -22.11 -1.55
N HIS B 408 -30.79 -23.14 -2.29
CA HIS B 408 -30.65 -23.11 -3.74
C HIS B 408 -31.89 -22.56 -4.43
N TYR B 409 -33.07 -22.75 -3.84
CA TYR B 409 -34.31 -22.28 -4.44
C TYR B 409 -34.70 -20.89 -3.99
N GLN B 410 -34.19 -20.43 -2.85
CA GLN B 410 -34.53 -19.09 -2.37
C GLN B 410 -33.95 -18.03 -3.29
N THR B 411 -34.67 -16.91 -3.41
CA THR B 411 -34.27 -15.81 -4.28
C THR B 411 -33.97 -14.53 -3.50
N GLY B 412 -33.75 -14.65 -2.19
CA GLY B 412 -33.40 -13.51 -1.37
C GLY B 412 -31.95 -13.13 -1.52
N LEU B 413 -31.49 -12.28 -0.60
CA LEU B 413 -30.09 -11.88 -0.59
C LEU B 413 -29.20 -13.09 -0.34
N LYS B 414 -28.10 -13.16 -1.08
CA LYS B 414 -27.18 -14.28 -0.93
C LYS B 414 -26.46 -14.16 0.41
N ASN B 415 -26.42 -15.26 1.15
CA ASN B 415 -25.79 -15.31 2.46
C ASN B 415 -24.57 -16.21 2.42
N LEU B 416 -23.63 -15.93 3.33
CA LEU B 416 -22.43 -16.76 3.44
C LEU B 416 -22.79 -18.22 3.70
N LEU B 417 -23.84 -18.46 4.50
CA LEU B 417 -24.29 -19.82 4.72
C LEU B 417 -24.78 -20.45 3.42
N ASP B 418 -25.53 -19.68 2.62
CA ASP B 418 -26.05 -20.22 1.37
C ASP B 418 -24.91 -20.60 0.42
N THR B 419 -23.93 -19.72 0.29
CA THR B 419 -22.79 -20.01 -0.58
C THR B 419 -22.02 -21.23 -0.10
N ALA B 420 -21.76 -21.31 1.20
CA ALA B 420 -21.02 -22.45 1.74
C ALA B 420 -21.81 -23.75 1.58
N VAL B 421 -23.13 -23.71 1.75
CA VAL B 421 -23.95 -24.91 1.59
C VAL B 421 -23.94 -25.35 0.13
N LEU B 422 -24.06 -24.40 -0.80
CA LEU B 422 -24.03 -24.75 -2.21
C LEU B 422 -22.70 -25.36 -2.61
N GLU B 423 -21.59 -24.80 -2.10
CA GLU B 423 -20.29 -25.33 -2.45
C GLU B 423 -20.04 -26.69 -1.81
N GLY B 424 -20.42 -26.85 -0.55
CA GLY B 424 -20.13 -28.09 0.16
C GLY B 424 -20.89 -29.29 -0.40
N THR B 425 -22.12 -29.07 -0.85
CA THR B 425 -22.92 -30.17 -1.36
C THR B 425 -22.30 -30.73 -2.64
N ASP B 426 -22.25 -32.06 -2.73
CA ASP B 426 -21.66 -32.70 -3.89
C ASP B 426 -22.55 -32.52 -5.11
N GLU B 427 -21.91 -32.56 -6.29
CA GLU B 427 -22.64 -32.26 -7.53
C GLU B 427 -23.72 -33.30 -7.81
N GLU B 428 -23.44 -34.58 -7.56
CA GLU B 428 -24.42 -35.62 -7.87
C GLU B 428 -25.68 -35.46 -7.03
N SER B 429 -25.51 -35.29 -5.71
CA SER B 429 -26.66 -35.07 -4.85
C SER B 429 -27.35 -33.75 -5.17
N ALA B 430 -26.57 -32.74 -5.61
CA ALA B 430 -27.17 -31.47 -6.00
C ALA B 430 -28.12 -31.67 -7.19
N ARG B 431 -27.67 -32.39 -8.21
CA ARG B 431 -28.54 -32.67 -9.35
C ARG B 431 -29.74 -33.51 -8.94
N SER B 432 -29.52 -34.50 -8.08
CA SER B 432 -30.62 -35.34 -7.63
C SER B 432 -31.69 -34.51 -6.91
N LEU B 433 -31.27 -33.64 -6.00
CA LEU B 433 -32.21 -32.79 -5.28
C LEU B 433 -32.91 -31.81 -6.22
N ALA B 434 -32.17 -31.23 -7.17
CA ALA B 434 -32.77 -30.29 -8.10
C ALA B 434 -33.84 -30.96 -8.95
N SER B 435 -33.55 -32.17 -9.44
CA SER B 435 -34.53 -32.89 -10.25
C SER B 435 -35.73 -33.33 -9.41
N ARG B 436 -35.48 -33.77 -8.18
CA ARG B 436 -36.55 -34.33 -7.35
C ARG B 436 -37.53 -33.25 -6.91
N TRP B 437 -37.02 -32.13 -6.40
CA TRP B 437 -37.85 -31.11 -5.78
C TRP B 437 -37.98 -29.89 -6.68
N GLN B 438 -39.06 -29.12 -6.46
CA GLN B 438 -39.29 -27.89 -7.20
C GLN B 438 -40.00 -26.89 -6.30
N LYS B 439 -39.68 -25.62 -6.50
CA LYS B 439 -40.24 -24.54 -5.68
C LYS B 439 -41.74 -24.41 -5.90
N ILE B 440 -42.47 -24.06 -4.83
CA ILE B 440 -43.89 -23.81 -4.93
C ILE B 440 -44.21 -22.39 -4.49
N ASP B 441 -43.41 -21.86 -3.58
CA ASP B 441 -43.62 -20.52 -3.03
C ASP B 441 -42.36 -20.12 -2.26
N GLU B 442 -42.42 -18.96 -1.60
CA GLU B 442 -41.30 -18.46 -0.83
C GLU B 442 -41.81 -17.51 0.24
N ILE B 443 -41.18 -17.59 1.42
CA ILE B 443 -41.47 -16.70 2.53
C ILE B 443 -40.18 -15.97 2.90
N PRO B 444 -40.05 -14.70 2.50
CA PRO B 444 -38.77 -14.01 2.65
C PRO B 444 -38.41 -13.73 4.10
N PHE B 445 -37.18 -13.26 4.28
CA PHE B 445 -36.64 -12.94 5.59
C PHE B 445 -37.21 -11.63 6.11
N ASP B 446 -38.24 -11.72 6.96
CA ASP B 446 -38.91 -10.52 7.45
C ASP B 446 -38.02 -9.69 8.37
N PHE B 447 -36.96 -10.29 8.93
CA PHE B 447 -35.99 -9.72 9.86
C PHE B 447 -36.59 -9.56 11.26
N GLU B 448 -37.90 -9.77 11.45
CA GLU B 448 -38.48 -9.78 12.79
C GLU B 448 -38.53 -11.20 13.34
N ARG B 449 -39.19 -12.11 12.62
CA ARG B 449 -39.15 -13.52 12.99
C ARG B 449 -37.79 -14.14 12.73
N ARG B 450 -36.96 -13.51 11.89
CA ARG B 450 -35.60 -13.96 11.61
C ARG B 450 -35.57 -15.41 11.12
N ARG B 451 -36.51 -15.77 10.24
CA ARG B 451 -36.63 -17.13 9.74
C ARG B 451 -36.97 -17.09 8.26
N MET B 452 -36.00 -17.44 7.41
CA MET B 452 -36.26 -17.58 5.99
C MET B 452 -36.77 -18.99 5.70
N SER B 453 -37.84 -19.07 4.92
CA SER B 453 -38.50 -20.34 4.66
C SER B 453 -38.80 -20.48 3.17
N VAL B 454 -38.77 -21.73 2.69
CA VAL B 454 -39.06 -22.05 1.31
C VAL B 454 -39.91 -23.31 1.28
N VAL B 455 -40.96 -23.30 0.45
CA VAL B 455 -41.84 -24.44 0.28
C VAL B 455 -41.53 -25.09 -1.06
N VAL B 456 -41.23 -26.39 -1.03
CA VAL B 456 -40.94 -27.12 -2.25
C VAL B 456 -41.85 -28.35 -2.32
N ALA B 457 -41.78 -29.08 -3.43
CA ALA B 457 -42.58 -30.28 -3.59
C ALA B 457 -41.92 -31.17 -4.63
N GLU B 458 -42.00 -32.49 -4.38
CA GLU B 458 -41.57 -33.48 -5.35
C GLU B 458 -42.73 -34.22 -6.00
N ASN B 459 -43.92 -34.18 -5.40
CA ASN B 459 -45.11 -34.77 -5.97
C ASN B 459 -46.26 -33.79 -5.80
N THR B 460 -47.33 -34.03 -6.57
CA THR B 460 -48.51 -33.17 -6.51
C THR B 460 -49.43 -33.49 -5.34
N GLU B 461 -48.95 -34.22 -4.34
CA GLU B 461 -49.75 -34.59 -3.19
C GLU B 461 -49.21 -34.07 -1.86
N HIS B 462 -47.91 -33.73 -1.79
CA HIS B 462 -47.31 -33.31 -0.53
C HIS B 462 -46.34 -32.16 -0.79
N HIS B 463 -46.32 -31.20 0.15
CA HIS B 463 -45.43 -30.06 0.10
C HIS B 463 -44.57 -30.06 1.35
N GLN B 464 -43.27 -29.78 1.18
CA GLN B 464 -42.33 -29.76 2.28
C GLN B 464 -41.83 -28.34 2.48
N LEU B 465 -41.97 -27.82 3.69
CA LEU B 465 -41.49 -26.51 4.06
C LEU B 465 -40.17 -26.65 4.79
N VAL B 466 -39.13 -25.97 4.30
CA VAL B 466 -37.81 -25.99 4.89
C VAL B 466 -37.43 -24.57 5.27
N CYS B 467 -37.04 -24.37 6.52
CA CYS B 467 -36.70 -23.05 7.01
C CYS B 467 -35.37 -23.08 7.74
N LYS B 468 -34.59 -22.02 7.58
CA LYS B 468 -33.35 -21.83 8.31
C LYS B 468 -33.49 -20.60 9.22
N GLY B 469 -32.39 -20.22 9.87
CA GLY B 469 -32.39 -19.03 10.69
C GLY B 469 -31.63 -19.20 11.99
N ALA B 470 -31.69 -18.19 12.86
CA ALA B 470 -31.03 -18.27 14.15
C ALA B 470 -31.66 -19.38 14.99
N LEU B 471 -30.85 -19.95 15.88
CA LEU B 471 -31.27 -21.13 16.62
C LEU B 471 -32.51 -20.86 17.46
N GLN B 472 -32.51 -19.74 18.20
CA GLN B 472 -33.61 -19.47 19.13
C GLN B 472 -34.92 -19.27 18.38
N GLU B 473 -34.89 -18.55 17.26
CA GLU B 473 -36.10 -18.30 16.51
C GLU B 473 -36.67 -19.59 15.93
N ILE B 474 -35.80 -20.48 15.45
CA ILE B 474 -36.25 -21.78 14.95
C ILE B 474 -36.85 -22.59 16.10
N LEU B 475 -36.18 -22.61 17.24
CA LEU B 475 -36.65 -23.40 18.38
C LEU B 475 -37.98 -22.88 18.91
N ASN B 476 -38.24 -21.58 18.78
CA ASN B 476 -39.50 -21.03 19.27
C ASN B 476 -40.71 -21.57 18.52
N VAL B 477 -40.51 -22.12 17.33
CA VAL B 477 -41.63 -22.59 16.51
C VAL B 477 -41.58 -24.09 16.24
N CYS B 478 -40.49 -24.78 16.57
CA CYS B 478 -40.43 -26.21 16.38
C CYS B 478 -41.24 -26.94 17.44
N SER B 479 -41.75 -28.11 17.07
CA SER B 479 -42.54 -28.93 17.97
C SER B 479 -41.99 -30.35 18.07
N GLN B 480 -41.42 -30.84 16.97
CA GLN B 480 -40.89 -32.20 16.91
C GLN B 480 -39.44 -32.16 16.46
N VAL B 481 -38.73 -33.26 16.74
CA VAL B 481 -37.32 -33.38 16.42
C VAL B 481 -37.04 -34.79 15.93
N ARG B 482 -36.08 -34.92 15.01
CA ARG B 482 -35.68 -36.20 14.44
C ARG B 482 -34.55 -36.86 15.22
N HIS B 483 -34.49 -36.64 16.53
CA HIS B 483 -33.44 -37.23 17.34
C HIS B 483 -33.44 -38.75 17.25
N ASN B 484 -32.26 -39.32 17.07
CA ASN B 484 -32.06 -40.76 16.96
C ASN B 484 -32.81 -41.37 15.78
N GLY B 485 -33.13 -40.56 14.78
CA GLY B 485 -33.83 -41.07 13.61
C GLY B 485 -35.29 -41.36 13.80
N GLU B 486 -35.91 -40.77 14.82
CA GLU B 486 -37.34 -40.94 15.06
C GLU B 486 -37.96 -39.57 15.33
N ILE B 487 -39.25 -39.46 15.02
CA ILE B 487 -39.99 -38.21 15.20
C ILE B 487 -40.50 -38.21 16.64
N VAL B 488 -39.67 -37.73 17.55
CA VAL B 488 -40.02 -37.64 18.96
C VAL B 488 -40.39 -36.20 19.27
N PRO B 489 -41.44 -35.95 20.06
CA PRO B 489 -41.77 -34.57 20.42
C PRO B 489 -40.64 -33.88 21.17
N LEU B 490 -40.49 -32.59 20.92
CA LEU B 490 -39.41 -31.80 21.49
C LEU B 490 -39.81 -31.39 22.91
N ASP B 491 -39.19 -32.02 23.90
CA ASP B 491 -39.48 -31.72 25.30
C ASP B 491 -38.56 -30.62 25.81
N ASP B 492 -38.83 -30.18 27.04
CA ASP B 492 -38.04 -29.12 27.65
C ASP B 492 -36.61 -29.56 27.92
N ILE B 493 -36.43 -30.82 28.33
CA ILE B 493 -35.08 -31.32 28.61
C ILE B 493 -34.23 -31.32 27.34
N MET B 494 -34.82 -31.76 26.22
CA MET B 494 -34.11 -31.73 24.95
C MET B 494 -33.75 -30.31 24.56
N LEU B 495 -34.67 -29.37 24.77
CA LEU B 495 -34.39 -27.97 24.47
C LEU B 495 -33.23 -27.44 25.32
N ARG B 496 -33.21 -27.78 26.60
CA ARG B 496 -32.12 -27.34 27.47
C ARG B 496 -30.79 -27.94 27.04
N LYS B 497 -30.78 -29.23 26.69
CA LYS B 497 -29.55 -29.86 26.23
C LYS B 497 -29.06 -29.23 24.94
N ILE B 498 -29.97 -28.95 24.01
CA ILE B 498 -29.58 -28.30 22.76
C ILE B 498 -29.03 -26.91 23.03
N LYS B 499 -29.65 -26.17 23.96
CA LYS B 499 -29.17 -24.85 24.30
C LYS B 499 -27.77 -24.91 24.91
N ARG B 500 -27.53 -25.90 25.77
CA ARG B 500 -26.19 -26.05 26.35
C ARG B 500 -25.16 -26.35 25.28
N VAL B 501 -25.48 -27.27 24.36
CA VAL B 501 -24.54 -27.63 23.31
C VAL B 501 -24.26 -26.43 22.41
N THR B 502 -25.30 -25.68 22.06
CA THR B 502 -25.11 -24.54 21.17
C THR B 502 -24.37 -23.41 21.85
N ASP B 503 -24.59 -23.21 23.16
CA ASP B 503 -23.80 -22.23 23.89
C ASP B 503 -22.33 -22.63 23.95
N THR B 504 -22.06 -23.92 24.13
CA THR B 504 -20.68 -24.40 24.09
C THR B 504 -20.06 -24.13 22.72
N LEU B 505 -20.82 -24.38 21.65
CA LEU B 505 -20.31 -24.11 20.31
C LEU B 505 -20.07 -22.62 20.10
N ASN B 506 -20.98 -21.77 20.58
CA ASN B 506 -20.84 -20.33 20.40
C ASN B 506 -19.64 -19.80 21.15
N ARG B 507 -19.40 -20.28 22.38
CA ARG B 507 -18.26 -19.78 23.15
C ARG B 507 -16.94 -20.06 22.45
N GLN B 508 -16.90 -21.07 21.58
CA GLN B 508 -15.71 -21.33 20.78
C GLN B 508 -15.63 -20.45 19.54
N GLY B 509 -16.67 -19.64 19.27
CA GLY B 509 -16.69 -18.80 18.10
C GLY B 509 -17.52 -19.33 16.95
N LEU B 510 -18.19 -20.46 17.12
CA LEU B 510 -19.00 -21.06 16.06
C LEU B 510 -20.44 -20.55 16.18
N ARG B 511 -20.94 -19.91 15.12
CA ARG B 511 -22.34 -19.54 15.09
C ARG B 511 -23.20 -20.74 14.70
N VAL B 512 -24.46 -20.71 15.12
CA VAL B 512 -25.36 -21.84 14.98
C VAL B 512 -26.56 -21.41 14.15
N VAL B 513 -26.86 -22.18 13.10
CA VAL B 513 -28.03 -21.98 12.27
C VAL B 513 -28.81 -23.27 12.21
N ALA B 514 -30.09 -23.23 12.57
CA ALA B 514 -30.93 -24.41 12.64
C ALA B 514 -31.77 -24.57 11.38
N VAL B 515 -32.13 -25.81 11.08
CA VAL B 515 -32.92 -26.15 9.90
C VAL B 515 -34.13 -26.95 10.35
N ALA B 516 -35.33 -26.54 9.91
CA ALA B 516 -36.56 -27.21 10.27
C ALA B 516 -37.34 -27.59 9.02
N THR B 517 -38.00 -28.74 9.07
CA THR B 517 -38.72 -29.30 7.95
C THR B 517 -40.11 -29.73 8.39
N LYS B 518 -41.12 -29.43 7.57
CA LYS B 518 -42.50 -29.79 7.85
C LYS B 518 -43.14 -30.35 6.59
N TYR B 519 -44.00 -31.35 6.77
CA TYR B 519 -44.74 -31.96 5.68
C TYR B 519 -46.21 -31.55 5.77
N LEU B 520 -46.78 -31.17 4.64
CA LEU B 520 -48.18 -30.79 4.54
C LEU B 520 -48.80 -31.45 3.31
N PRO B 521 -50.10 -31.65 3.30
CA PRO B 521 -50.76 -32.13 2.07
C PRO B 521 -50.74 -31.04 1.01
N ALA B 522 -50.95 -31.46 -0.24
CA ALA B 522 -50.96 -30.53 -1.36
C ALA B 522 -52.01 -29.45 -1.14
N ARG B 523 -51.60 -28.20 -1.32
CA ARG B 523 -52.47 -27.06 -1.06
C ARG B 523 -52.22 -26.00 -2.12
N GLU B 524 -53.27 -25.65 -2.87
CA GLU B 524 -53.12 -24.66 -3.92
C GLU B 524 -52.90 -23.26 -3.34
N GLY B 525 -53.54 -22.96 -2.22
CA GLY B 525 -53.42 -21.65 -1.60
C GLY B 525 -52.01 -21.26 -1.25
N ASP B 526 -51.63 -20.03 -1.57
CA ASP B 526 -50.27 -19.57 -1.31
C ASP B 526 -49.98 -19.53 0.18
N TYR B 527 -48.74 -19.84 0.53
CA TYR B 527 -48.33 -19.94 1.92
C TYR B 527 -47.92 -18.58 2.47
N GLN B 528 -48.12 -18.40 3.78
CA GLN B 528 -47.78 -17.16 4.45
C GLN B 528 -46.98 -17.49 5.70
N ARG B 529 -46.70 -16.45 6.50
CA ARG B 529 -45.90 -16.64 7.71
C ARG B 529 -46.61 -17.52 8.74
N ALA B 530 -47.95 -17.57 8.68
CA ALA B 530 -48.69 -18.37 9.65
C ALA B 530 -48.43 -19.86 9.49
N ASP B 531 -48.03 -20.29 8.29
CA ASP B 531 -47.79 -21.71 8.06
C ASP B 531 -46.54 -22.22 8.76
N GLU B 532 -45.66 -21.33 9.19
CA GLU B 532 -44.42 -21.73 9.86
C GLU B 532 -44.74 -22.06 11.31
N SER B 533 -45.21 -23.28 11.54
CA SER B 533 -45.54 -23.73 12.88
C SER B 533 -45.50 -25.25 12.91
N ASP B 534 -45.26 -25.79 14.11
CA ASP B 534 -45.19 -27.23 14.34
C ASP B 534 -44.16 -27.88 13.42
N LEU B 535 -43.02 -27.20 13.28
CA LEU B 535 -41.96 -27.69 12.42
C LEU B 535 -41.17 -28.79 13.12
N ILE B 536 -40.62 -29.71 12.31
CA ILE B 536 -39.80 -30.79 12.82
C ILE B 536 -38.34 -30.37 12.69
N LEU B 537 -37.68 -30.15 13.84
CA LEU B 537 -36.28 -29.76 13.82
C LEU B 537 -35.42 -30.90 13.30
N GLU B 538 -34.47 -30.56 12.43
CA GLU B 538 -33.57 -31.53 11.82
C GLU B 538 -32.16 -31.46 12.40
N GLY B 539 -31.56 -30.28 12.42
CA GLY B 539 -30.22 -30.13 12.93
C GLY B 539 -29.78 -28.68 12.90
N TYR B 540 -28.59 -28.44 13.42
CA TYR B 540 -28.01 -27.10 13.46
C TYR B 540 -26.66 -27.15 12.76
N ILE B 541 -26.46 -26.24 11.80
CA ILE B 541 -25.18 -26.15 11.12
C ILE B 541 -24.26 -25.21 11.89
N ALA B 542 -23.08 -25.72 12.26
CA ALA B 542 -22.08 -24.92 12.97
C ALA B 542 -21.00 -24.49 11.99
N PHE B 543 -20.77 -23.18 11.92
CA PHE B 543 -19.81 -22.62 10.99
C PHE B 543 -18.96 -21.59 11.70
N LEU B 544 -17.77 -21.34 11.13
CA LEU B 544 -16.81 -20.40 11.70
C LEU B 544 -16.40 -19.39 10.65
N ASP B 545 -16.49 -18.11 11.00
CA ASP B 545 -15.96 -17.03 10.16
C ASP B 545 -14.68 -16.49 10.78
N PRO B 546 -13.52 -16.82 10.23
CA PRO B 546 -12.25 -16.42 10.85
C PRO B 546 -12.08 -14.92 10.85
N PRO B 547 -11.54 -14.35 11.92
CA PRO B 547 -11.20 -12.92 11.92
C PRO B 547 -10.15 -12.61 10.87
N LYS B 548 -10.28 -11.44 10.25
CA LYS B 548 -9.31 -11.01 9.26
C LYS B 548 -7.95 -10.78 9.91
N GLU B 549 -6.90 -11.05 9.15
CA GLU B 549 -5.55 -10.84 9.66
C GLU B 549 -5.29 -9.36 9.93
N THR B 550 -5.80 -8.49 9.07
CA THR B 550 -5.56 -7.06 9.21
C THR B 550 -6.44 -6.42 10.28
N THR B 551 -7.39 -7.14 10.86
CA THR B 551 -8.34 -6.54 11.79
C THR B 551 -7.63 -5.99 13.02
N ALA B 552 -6.79 -6.81 13.66
CA ALA B 552 -6.12 -6.36 14.88
C ALA B 552 -5.19 -5.18 14.65
N PRO B 553 -4.26 -5.20 13.67
CA PRO B 553 -3.42 -4.01 13.46
C PRO B 553 -4.22 -2.77 13.08
N ALA B 554 -5.26 -2.93 12.26
CA ALA B 554 -6.07 -1.78 11.87
C ALA B 554 -6.81 -1.19 13.07
N LEU B 555 -7.35 -2.06 13.93
CA LEU B 555 -8.02 -1.57 15.13
C LEU B 555 -7.04 -0.88 16.08
N LYS B 556 -5.82 -1.43 16.20
CA LYS B 556 -4.81 -0.79 17.02
C LYS B 556 -4.46 0.59 16.48
N ALA B 557 -4.29 0.70 15.17
CA ALA B 557 -3.99 2.00 14.57
C ALA B 557 -5.15 2.97 14.76
N LEU B 558 -6.39 2.49 14.62
CA LEU B 558 -7.55 3.36 14.79
C LEU B 558 -7.64 3.89 16.21
N LYS B 559 -7.44 3.02 17.20
CA LYS B 559 -7.51 3.48 18.59
C LYS B 559 -6.31 4.37 18.92
N ALA B 560 -5.16 4.15 18.27
CA ALA B 560 -4.04 5.06 18.45
C ALA B 560 -4.36 6.44 17.89
N SER B 561 -5.04 6.49 16.75
CA SER B 561 -5.42 7.78 16.17
C SER B 561 -6.42 8.50 17.05
N GLY B 562 -7.31 7.76 17.70
CA GLY B 562 -8.30 8.36 18.58
C GLY B 562 -9.73 7.99 18.18
N ILE B 563 -9.86 7.15 17.17
CA ILE B 563 -11.18 6.72 16.67
C ILE B 563 -11.64 5.58 17.56
N THR B 564 -12.58 5.86 18.46
CA THR B 564 -13.13 4.82 19.32
C THR B 564 -14.01 3.89 18.52
N VAL B 565 -13.60 2.63 18.41
CA VAL B 565 -14.30 1.64 17.59
C VAL B 565 -15.35 0.95 18.45
N LYS B 566 -16.62 1.07 18.06
CA LYS B 566 -17.72 0.40 18.72
C LYS B 566 -18.37 -0.57 17.76
N ILE B 567 -18.92 -1.66 18.30
CA ILE B 567 -19.54 -2.71 17.51
C ILE B 567 -21.02 -2.78 17.85
N LEU B 568 -21.86 -2.72 16.82
CA LEU B 568 -23.31 -2.87 16.96
C LEU B 568 -23.71 -4.04 16.06
N THR B 569 -23.65 -5.25 16.61
CA THR B 569 -23.97 -6.46 15.85
C THR B 569 -25.37 -6.96 16.21
N GLY B 570 -25.89 -7.81 15.34
CA GLY B 570 -27.20 -8.40 15.55
C GLY B 570 -27.16 -9.90 15.69
N ASP B 571 -26.09 -10.41 16.28
CA ASP B 571 -25.87 -11.84 16.46
C ASP B 571 -25.80 -12.15 17.95
N SER B 572 -25.46 -13.40 18.26
CA SER B 572 -25.36 -13.84 19.65
C SER B 572 -24.24 -13.09 20.36
N GLU B 573 -24.47 -12.81 21.65
CA GLU B 573 -23.49 -12.06 22.43
C GLU B 573 -22.19 -12.83 22.60
N LEU B 574 -22.28 -14.15 22.77
CA LEU B 574 -21.09 -14.96 22.99
C LEU B 574 -20.16 -14.92 21.77
N VAL B 575 -20.74 -15.04 20.57
CA VAL B 575 -19.94 -15.03 19.35
C VAL B 575 -19.25 -13.68 19.19
N ALA B 576 -19.98 -12.59 19.43
CA ALA B 576 -19.37 -11.26 19.31
C ALA B 576 -18.26 -11.08 20.33
N ALA B 577 -18.46 -11.55 21.56
CA ALA B 577 -17.43 -11.45 22.58
C ALA B 577 -16.19 -12.23 22.18
N LYS B 578 -16.38 -13.44 21.67
CA LYS B 578 -15.23 -14.25 21.24
C LYS B 578 -14.48 -13.58 20.10
N VAL B 579 -15.23 -13.02 19.14
CA VAL B 579 -14.59 -12.34 18.01
C VAL B 579 -13.79 -11.14 18.49
N CYS B 580 -14.39 -10.34 19.39
CA CYS B 580 -13.70 -9.17 19.91
C CYS B 580 -12.45 -9.57 20.68
N HIS B 581 -12.52 -10.63 21.47
CA HIS B 581 -11.34 -11.10 22.19
C HIS B 581 -10.25 -11.57 21.23
N GLU B 582 -10.64 -12.30 20.18
CA GLU B 582 -9.64 -12.82 19.25
C GLU B 582 -8.97 -11.69 18.47
N VAL B 583 -9.74 -10.68 18.05
CA VAL B 583 -9.16 -9.56 17.32
C VAL B 583 -8.46 -8.56 18.24
N GLY B 584 -8.49 -8.78 19.55
CA GLY B 584 -7.83 -7.90 20.48
C GLY B 584 -8.66 -6.70 20.93
N LEU B 585 -9.84 -6.51 20.38
CA LEU B 585 -10.69 -5.40 20.79
C LEU B 585 -11.37 -5.72 22.12
N ASP B 586 -11.16 -4.87 23.11
CA ASP B 586 -11.78 -5.09 24.41
C ASP B 586 -13.29 -4.93 24.31
N ALA B 587 -14.01 -5.84 24.95
CA ALA B 587 -15.47 -5.85 24.91
C ALA B 587 -16.13 -5.35 26.19
N GLY B 588 -15.47 -5.49 27.34
CA GLY B 588 -16.07 -5.09 28.60
C GLY B 588 -17.31 -5.88 28.93
N GLU B 589 -18.47 -5.22 28.88
CA GLU B 589 -19.75 -5.86 29.13
C GLU B 589 -20.63 -5.74 27.90
N VAL B 590 -21.20 -6.85 27.48
CA VAL B 590 -22.13 -6.84 26.35
C VAL B 590 -23.48 -6.33 26.80
N VAL B 591 -24.21 -5.74 25.86
CA VAL B 591 -25.53 -5.17 26.13
C VAL B 591 -26.48 -5.68 25.06
N ILE B 592 -27.59 -6.30 25.49
CA ILE B 592 -28.56 -6.81 24.54
C ILE B 592 -29.58 -5.72 24.19
N GLY B 593 -30.23 -5.90 23.04
CA GLY B 593 -31.19 -4.91 22.59
C GLY B 593 -32.45 -4.87 23.43
N SER B 594 -32.80 -5.99 24.06
CA SER B 594 -34.00 -6.01 24.92
C SER B 594 -33.86 -5.05 26.09
N ASP B 595 -32.65 -4.94 26.66
CA ASP B 595 -32.45 -4.00 27.76
C ASP B 595 -32.58 -2.56 27.30
N ILE B 596 -31.90 -2.20 26.20
CA ILE B 596 -31.93 -0.82 25.74
C ILE B 596 -33.29 -0.42 25.21
N GLU B 597 -34.13 -1.40 24.84
CA GLU B 597 -35.46 -1.07 24.33
C GLU B 597 -36.34 -0.43 25.40
N THR B 598 -35.96 -0.54 26.68
CA THR B 598 -36.76 0.01 27.75
C THR B 598 -36.12 1.20 28.47
N LEU B 599 -34.80 1.38 28.33
CA LEU B 599 -34.13 2.47 29.04
C LEU B 599 -34.51 3.83 28.45
N SER B 600 -34.29 4.86 29.25
CA SER B 600 -34.54 6.23 28.81
C SER B 600 -33.45 6.67 27.83
N ASP B 601 -33.72 7.79 27.16
CA ASP B 601 -32.76 8.30 26.18
C ASP B 601 -31.44 8.68 26.82
N ASP B 602 -31.49 9.35 27.97
CA ASP B 602 -30.25 9.74 28.64
C ASP B 602 -29.50 8.53 29.18
N GLU B 603 -30.24 7.57 29.75
CA GLU B 603 -29.60 6.36 30.25
C GLU B 603 -28.93 5.59 29.12
N LEU B 604 -29.62 5.46 27.99
CA LEU B 604 -29.03 4.79 26.84
C LEU B 604 -27.84 5.54 26.29
N ALA B 605 -27.90 6.87 26.29
CA ALA B 605 -26.77 7.67 25.84
C ALA B 605 -25.55 7.43 26.71
N ASN B 606 -25.73 7.45 28.03
CA ASN B 606 -24.62 7.19 28.93
C ASN B 606 -24.08 5.78 28.74
N LEU B 607 -24.99 4.80 28.61
CA LEU B 607 -24.56 3.42 28.42
C LEU B 607 -23.72 3.27 27.15
N ALA B 608 -24.19 3.87 26.06
CA ALA B 608 -23.42 3.81 24.81
C ALA B 608 -22.10 4.55 24.96
N GLN B 609 -22.06 5.60 25.78
CA GLN B 609 -20.80 6.26 26.06
C GLN B 609 -19.84 5.33 26.79
N ARG B 610 -20.35 4.43 27.62
CA ARG B 610 -19.50 3.52 28.39
C ARG B 610 -19.71 2.06 27.99
N THR B 611 -19.85 1.79 26.69
CA THR B 611 -19.98 0.42 26.21
C THR B 611 -19.32 0.30 24.85
N THR B 612 -18.88 -0.91 24.52
CA THR B 612 -18.19 -1.17 23.27
C THR B 612 -18.86 -2.22 22.39
N LEU B 613 -19.52 -3.23 22.96
CA LEU B 613 -20.08 -4.34 22.19
C LEU B 613 -21.58 -4.42 22.47
N PHE B 614 -22.38 -4.12 21.46
CA PHE B 614 -23.83 -4.25 21.53
C PHE B 614 -24.23 -5.43 20.64
N ALA B 615 -24.90 -6.42 21.24
CA ALA B 615 -25.32 -7.62 20.52
C ALA B 615 -26.84 -7.75 20.54
N ARG B 616 -27.35 -8.50 19.58
CA ARG B 616 -28.78 -8.75 19.43
C ARG B 616 -29.55 -7.44 19.30
N LEU B 617 -29.29 -6.73 18.20
CA LEU B 617 -29.87 -5.43 17.95
C LEU B 617 -30.75 -5.46 16.71
N THR B 618 -31.90 -4.80 16.82
CA THR B 618 -32.74 -4.50 15.67
C THR B 618 -32.22 -3.24 14.98
N PRO B 619 -32.53 -3.04 13.71
CA PRO B 619 -32.07 -1.81 13.02
C PRO B 619 -32.55 -0.55 13.71
N MET B 620 -33.75 -0.57 14.30
CA MET B 620 -34.20 0.57 15.10
C MET B 620 -33.29 0.78 16.30
N HIS B 621 -32.85 -0.31 16.93
CA HIS B 621 -31.90 -0.19 18.03
C HIS B 621 -30.60 0.45 17.58
N LYS B 622 -30.09 0.04 16.41
CA LYS B 622 -28.85 0.61 15.90
C LYS B 622 -29.03 2.10 15.61
N GLU B 623 -30.15 2.48 14.99
CA GLU B 623 -30.39 3.89 14.72
C GLU B 623 -30.49 4.69 16.01
N ARG B 624 -31.19 4.15 17.01
CA ARG B 624 -31.33 4.87 18.28
C ARG B 624 -29.98 5.04 18.97
N ILE B 625 -29.16 3.98 18.97
CA ILE B 625 -27.84 4.08 19.59
C ILE B 625 -26.98 5.12 18.87
N VAL B 626 -27.01 5.10 17.53
CA VAL B 626 -26.20 6.04 16.76
C VAL B 626 -26.66 7.47 17.04
N THR B 627 -27.97 7.69 17.06
CA THR B 627 -28.49 9.04 17.30
C THR B 627 -28.14 9.52 18.71
N LEU B 628 -28.32 8.67 19.71
CA LEU B 628 -28.05 9.08 21.08
C LEU B 628 -26.56 9.20 21.38
N LEU B 629 -25.70 8.58 20.57
CA LEU B 629 -24.26 8.72 20.76
C LEU B 629 -23.83 10.16 20.51
N LYS B 630 -24.44 10.82 19.53
CA LYS B 630 -24.07 12.19 19.17
C LYS B 630 -24.74 13.20 20.09
N ARG B 631 -24.55 13.07 21.40
CA ARG B 631 -25.19 13.96 22.35
C ARG B 631 -24.22 14.90 23.05
N GLU B 632 -22.91 14.69 22.92
CA GLU B 632 -21.94 15.61 23.53
C GLU B 632 -20.70 15.64 22.64
N GLY B 633 -20.67 16.59 21.72
CA GLY B 633 -19.50 16.88 20.91
C GLY B 633 -18.88 15.72 20.16
N HIS B 634 -19.58 14.58 20.09
CA HIS B 634 -19.07 13.38 19.46
C HIS B 634 -19.60 13.28 18.03
N VAL B 635 -18.70 13.05 17.09
CA VAL B 635 -19.05 12.87 15.68
C VAL B 635 -18.96 11.37 15.40
N VAL B 636 -20.11 10.71 15.34
CA VAL B 636 -20.19 9.26 15.24
C VAL B 636 -20.45 8.88 13.79
N GLY B 637 -19.66 7.94 13.28
CA GLY B 637 -19.84 7.46 11.93
C GLY B 637 -20.20 5.99 11.87
N PHE B 638 -21.25 5.65 11.12
CA PHE B 638 -21.75 4.29 11.04
C PHE B 638 -21.31 3.65 9.73
N MET B 639 -21.03 2.35 9.80
CA MET B 639 -20.61 1.58 8.64
C MET B 639 -21.52 0.36 8.51
N GLY B 640 -22.39 0.38 7.51
CA GLY B 640 -23.32 -0.71 7.30
C GLY B 640 -23.56 -0.95 5.83
N ASP B 641 -23.91 -2.19 5.49
CA ASP B 641 -24.15 -2.60 4.11
C ASP B 641 -25.33 -3.54 4.03
N GLY B 642 -26.40 -3.23 4.75
CA GLY B 642 -27.61 -4.02 4.74
C GLY B 642 -28.80 -3.26 4.19
N ILE B 643 -29.93 -3.97 4.10
CA ILE B 643 -31.15 -3.36 3.60
C ILE B 643 -31.64 -2.28 4.56
N ASN B 644 -31.66 -2.60 5.86
CA ASN B 644 -32.22 -1.71 6.87
C ASN B 644 -31.20 -0.76 7.46
N ASP B 645 -29.97 -0.75 6.96
CA ASP B 645 -28.94 0.11 7.51
C ASP B 645 -28.99 1.54 6.97
N ALA B 646 -29.84 1.82 5.98
CA ALA B 646 -29.95 3.17 5.44
C ALA B 646 -30.38 4.19 6.48
N PRO B 647 -31.43 3.96 7.29
CA PRO B 647 -31.74 4.94 8.34
C PRO B 647 -30.60 5.16 9.32
N ALA B 648 -29.87 4.09 9.66
CA ALA B 648 -28.71 4.26 10.54
C ALA B 648 -27.63 5.08 9.86
N LEU B 649 -27.38 4.84 8.57
CA LEU B 649 -26.38 5.62 7.84
C LEU B 649 -26.75 7.09 7.80
N ARG B 650 -28.03 7.40 7.54
CA ARG B 650 -28.44 8.80 7.50
C ARG B 650 -28.42 9.44 8.87
N ALA B 651 -28.71 8.66 9.93
CA ALA B 651 -28.71 9.22 11.27
C ALA B 651 -27.32 9.66 11.71
N ALA B 652 -26.29 8.88 11.36
CA ALA B 652 -24.94 9.21 11.78
C ALA B 652 -24.43 10.46 11.07
N ASP B 653 -23.41 11.08 11.66
CA ASP B 653 -22.80 12.25 11.05
C ASP B 653 -22.21 11.93 9.69
N ILE B 654 -21.57 10.76 9.58
CA ILE B 654 -21.03 10.29 8.31
C ILE B 654 -21.40 8.81 8.15
N GLY B 655 -21.85 8.45 6.96
CA GLY B 655 -22.22 7.08 6.64
C GLY B 655 -21.24 6.48 5.65
N ILE B 656 -20.77 5.28 5.96
CA ILE B 656 -19.81 4.56 5.14
C ILE B 656 -20.43 3.23 4.72
N SER B 657 -20.39 2.95 3.42
CA SER B 657 -20.91 1.70 2.90
C SER B 657 -19.93 1.14 1.87
N VAL B 658 -19.77 -0.19 1.89
CA VAL B 658 -18.83 -0.83 0.98
C VAL B 658 -19.40 -0.84 -0.43
N ASP B 659 -18.51 -0.84 -1.42
CA ASP B 659 -18.96 -0.87 -2.82
C ASP B 659 -19.76 -2.13 -3.11
N GLY B 660 -19.28 -3.28 -2.63
CA GLY B 660 -20.01 -4.52 -2.82
C GLY B 660 -21.13 -4.69 -1.81
N ALA B 661 -22.18 -3.88 -1.94
CA ALA B 661 -23.28 -3.87 -0.99
C ALA B 661 -24.58 -3.72 -1.74
N VAL B 662 -25.68 -3.74 -0.98
CA VAL B 662 -26.99 -3.48 -1.57
C VAL B 662 -27.04 -2.03 -2.06
N ASP B 663 -27.90 -1.79 -3.06
CA ASP B 663 -27.92 -0.49 -3.72
C ASP B 663 -28.37 0.61 -2.77
N ILE B 664 -29.32 0.33 -1.87
CA ILE B 664 -29.81 1.36 -0.96
C ILE B 664 -28.71 1.82 -0.02
N ALA B 665 -27.90 0.88 0.48
CA ALA B 665 -26.80 1.26 1.38
C ALA B 665 -25.80 2.16 0.68
N ARG B 666 -25.45 1.83 -0.57
CA ARG B 666 -24.53 2.68 -1.32
C ARG B 666 -25.14 4.06 -1.58
N GLU B 667 -26.41 4.10 -1.97
CA GLU B 667 -27.05 5.37 -2.32
C GLU B 667 -27.17 6.28 -1.11
N ALA B 668 -27.58 5.74 0.04
CA ALA B 668 -27.79 6.56 1.23
C ALA B 668 -26.49 6.91 1.94
N ALA B 669 -25.40 6.22 1.63
CA ALA B 669 -24.14 6.47 2.32
C ALA B 669 -23.51 7.77 1.82
N ASP B 670 -22.47 8.20 2.54
CA ASP B 670 -21.69 9.38 2.16
C ASP B 670 -20.32 9.04 1.61
N ILE B 671 -19.70 7.96 2.08
CA ILE B 671 -18.40 7.50 1.62
C ILE B 671 -18.52 6.05 1.21
N ILE B 672 -17.89 5.68 0.09
CA ILE B 672 -17.95 4.32 -0.43
C ILE B 672 -16.55 3.73 -0.41
N LEU B 673 -16.39 2.63 0.31
CA LEU B 673 -15.13 1.90 0.29
C LEU B 673 -15.16 0.85 -0.80
N LEU B 674 -14.08 0.79 -1.59
CA LEU B 674 -13.98 -0.21 -2.64
C LEU B 674 -13.89 -1.63 -2.08
N GLU B 675 -13.58 -1.79 -0.81
CA GLU B 675 -13.58 -3.09 -0.16
C GLU B 675 -13.85 -2.88 1.34
N LYS B 676 -14.31 -3.94 1.98
CA LYS B 676 -14.68 -3.89 3.40
C LYS B 676 -13.43 -4.16 4.24
N SER B 677 -12.60 -3.12 4.37
CA SER B 677 -11.35 -3.22 5.10
C SER B 677 -11.21 -2.04 6.04
N LEU B 678 -10.77 -2.32 7.28
CA LEU B 678 -10.57 -1.25 8.26
C LEU B 678 -9.27 -0.49 8.01
N MET B 679 -8.23 -1.15 7.50
CA MET B 679 -6.98 -0.46 7.21
C MET B 679 -7.16 0.61 6.15
N VAL B 680 -7.96 0.30 5.12
CA VAL B 680 -8.29 1.29 4.10
C VAL B 680 -8.98 2.49 4.74
N LEU B 681 -9.91 2.23 5.66
CA LEU B 681 -10.61 3.32 6.33
C LEU B 681 -9.65 4.17 7.16
N GLU B 682 -8.70 3.54 7.85
CA GLU B 682 -7.74 4.28 8.66
C GLU B 682 -6.86 5.17 7.79
N GLU B 683 -6.35 4.62 6.68
CA GLU B 683 -5.53 5.42 5.78
C GLU B 683 -6.33 6.57 5.19
N GLY B 684 -7.59 6.32 4.82
CA GLY B 684 -8.44 7.38 4.32
C GLY B 684 -8.67 8.46 5.36
N VAL B 685 -8.83 8.06 6.63
CA VAL B 685 -9.04 9.03 7.70
C VAL B 685 -7.80 9.91 7.84
N ILE B 686 -6.63 9.31 7.80
CA ILE B 686 -5.38 10.08 7.87
C ILE B 686 -5.31 11.09 6.73
N GLU B 687 -5.61 10.63 5.51
CA GLU B 687 -5.53 11.51 4.35
C GLU B 687 -6.55 12.64 4.43
N GLY B 688 -7.77 12.33 4.89
CA GLY B 688 -8.78 13.36 5.02
C GLY B 688 -8.43 14.40 6.05
N ARG B 689 -7.84 13.96 7.18
CA ARG B 689 -7.35 14.92 8.16
C ARG B 689 -6.28 15.81 7.55
N ARG B 690 -5.38 15.22 6.75
CA ARG B 690 -4.36 16.02 6.07
C ARG B 690 -5.01 17.06 5.16
N THR B 691 -6.02 16.65 4.40
CA THR B 691 -6.65 17.56 3.45
C THR B 691 -7.36 18.71 4.16
N PHE B 692 -8.09 18.40 5.25
CA PHE B 692 -8.77 19.46 5.99
C PHE B 692 -7.76 20.41 6.61
N ALA B 693 -6.66 19.88 7.15
CA ALA B 693 -5.62 20.74 7.70
C ALA B 693 -5.03 21.64 6.61
N ASN B 694 -4.84 21.09 5.41
CA ASN B 694 -4.31 21.89 4.32
C ASN B 694 -5.26 23.02 3.94
N MET B 695 -6.56 22.73 3.87
CA MET B 695 -7.52 23.79 3.55
C MET B 695 -7.53 24.88 4.61
N LEU B 696 -7.52 24.47 5.89
CA LEU B 696 -7.49 25.46 6.97
C LEU B 696 -6.23 26.30 6.91
N LYS B 697 -5.09 25.67 6.61
CA LYS B 697 -3.84 26.40 6.49
C LYS B 697 -3.90 27.41 5.33
N TYR B 698 -4.46 26.98 4.20
CA TYR B 698 -4.63 27.89 3.06
C TYR B 698 -5.43 29.11 3.46
N ILE B 699 -6.59 28.89 4.09
CA ILE B 699 -7.46 30.00 4.47
C ILE B 699 -6.75 30.92 5.45
N LYS B 700 -6.09 30.34 6.46
CA LYS B 700 -5.42 31.14 7.47
C LYS B 700 -4.33 32.01 6.85
N MET B 701 -3.51 31.44 5.97
CA MET B 701 -2.44 32.22 5.35
C MET B 701 -3.00 33.35 4.49
N THR B 702 -3.92 33.01 3.58
CA THR B 702 -4.41 34.02 2.65
C THR B 702 -5.21 35.10 3.36
N ALA B 703 -5.80 34.79 4.53
CA ALA B 703 -6.48 35.84 5.29
C ALA B 703 -5.48 36.68 6.08
N SER B 704 -4.49 36.02 6.71
CA SER B 704 -3.58 36.73 7.60
C SER B 704 -2.69 37.69 6.83
N SER B 705 -2.10 37.23 5.72
CA SER B 705 -1.21 38.11 4.97
C SER B 705 -1.95 39.33 4.43
N ASN B 706 -3.16 39.11 3.89
CA ASN B 706 -3.94 40.21 3.36
C ASN B 706 -4.36 41.17 4.46
N PHE B 707 -4.75 40.66 5.63
CA PHE B 707 -5.09 41.55 6.73
C PHE B 707 -3.88 42.34 7.19
N GLY B 708 -2.71 41.71 7.19
CA GLY B 708 -1.50 42.45 7.54
C GLY B 708 -1.21 43.58 6.57
N ASN B 709 -1.37 43.33 5.28
CA ASN B 709 -1.19 44.40 4.30
C ASN B 709 -2.23 45.50 4.47
N VAL B 710 -3.47 45.11 4.77
CA VAL B 710 -4.52 46.10 4.99
C VAL B 710 -4.17 47.00 6.17
N PHE B 711 -3.73 46.40 7.28
CA PHE B 711 -3.31 47.18 8.43
C PHE B 711 -2.12 48.07 8.09
N SER B 712 -1.15 47.52 7.35
CA SER B 712 0.03 48.27 6.95
C SER B 712 -0.37 49.55 6.24
N VAL B 713 -1.23 49.43 5.22
CA VAL B 713 -1.62 50.61 4.46
C VAL B 713 -2.60 51.46 5.27
N LEU B 714 -3.30 50.87 6.23
CA LEU B 714 -4.22 51.64 7.07
C LEU B 714 -3.46 52.65 7.90
N VAL B 715 -2.49 52.20 8.68
CA VAL B 715 -1.62 53.18 9.31
C VAL B 715 -0.42 53.43 8.41
N ALA B 716 -0.65 54.10 7.29
CA ALA B 716 0.42 54.67 6.47
C ALA B 716 0.08 56.00 5.83
N SER B 717 -1.20 56.31 5.62
CA SER B 717 -1.57 57.39 4.70
C SER B 717 -1.48 58.76 5.36
N ALA B 718 -1.58 58.80 6.69
CA ALA B 718 -1.56 60.09 7.38
C ALA B 718 -0.26 60.84 7.14
N PHE B 719 0.86 60.12 7.15
CA PHE B 719 2.18 60.72 7.01
C PHE B 719 2.77 60.52 5.62
N LEU B 720 1.95 60.29 4.60
CA LEU B 720 2.42 60.12 3.24
C LEU B 720 1.61 61.01 2.31
N PRO B 721 2.26 61.81 1.46
CA PRO B 721 1.55 62.66 0.51
C PRO B 721 1.17 61.97 -0.80
N PHE B 722 1.29 60.64 -0.86
CA PHE B 722 0.97 59.90 -2.07
C PHE B 722 0.55 58.50 -1.68
N LEU B 723 -0.07 57.80 -2.63
CA LEU B 723 -0.51 56.44 -2.38
C LEU B 723 0.69 55.54 -2.16
N PRO B 724 0.74 54.77 -1.07
CA PRO B 724 1.90 53.90 -0.84
C PRO B 724 2.10 52.85 -1.91
N MET B 725 1.05 52.48 -2.63
CA MET B 725 1.18 51.62 -3.81
C MET B 725 0.03 51.92 -4.76
N LEU B 726 0.22 51.58 -6.01
CA LEU B 726 -0.94 51.83 -6.84
C LEU B 726 -1.88 50.63 -6.81
N PRO B 727 -3.18 50.85 -7.06
CA PRO B 727 -4.11 49.71 -7.07
C PRO B 727 -3.71 48.63 -8.06
N LEU B 728 -3.13 49.00 -9.20
CA LEU B 728 -2.64 48.01 -10.15
C LEU B 728 -1.56 47.15 -9.51
N HIS B 729 -0.63 47.78 -8.78
CA HIS B 729 0.41 47.02 -8.11
C HIS B 729 -0.17 46.06 -7.07
N LEU B 730 -1.18 46.50 -6.34
CA LEU B 730 -1.82 45.63 -5.36
C LEU B 730 -2.52 44.46 -6.04
N LEU B 731 -3.18 44.70 -7.17
CA LEU B 731 -3.81 43.60 -7.91
C LEU B 731 -2.77 42.61 -8.40
N ILE B 732 -1.63 43.11 -8.90
CA ILE B 732 -0.56 42.23 -9.33
C ILE B 732 -0.04 41.40 -8.17
N GLN B 733 0.15 42.04 -7.01
CA GLN B 733 0.63 41.32 -5.84
C GLN B 733 -0.34 40.24 -5.42
N ASN B 734 -1.64 40.54 -5.39
CA ASN B 734 -2.64 39.56 -5.01
C ASN B 734 -2.68 38.40 -6.00
N LEU B 735 -2.62 38.71 -7.30
CA LEU B 735 -2.65 37.65 -8.31
C LEU B 735 -1.44 36.73 -8.18
N LEU B 736 -0.26 37.32 -8.01
CA LEU B 736 0.95 36.51 -7.88
C LEU B 736 0.93 35.69 -6.60
N TYR B 737 0.44 36.26 -5.50
CA TYR B 737 0.32 35.50 -4.26
C TYR B 737 -0.65 34.35 -4.41
N ASP B 738 -1.77 34.56 -5.11
CA ASP B 738 -2.72 33.47 -5.35
C ASP B 738 -2.09 32.39 -6.21
N VAL B 739 -1.31 32.78 -7.23
CA VAL B 739 -0.61 31.80 -8.05
C VAL B 739 0.35 30.99 -7.20
N SER B 740 1.06 31.65 -6.29
CA SER B 740 1.93 30.92 -5.36
C SER B 740 1.13 29.95 -4.49
N GLN B 741 -0.01 30.41 -3.98
CA GLN B 741 -0.80 29.59 -3.05
C GLN B 741 -1.50 28.44 -3.75
N VAL B 742 -1.62 28.47 -5.07
CA VAL B 742 -2.24 27.39 -5.84
C VAL B 742 -1.76 26.03 -5.38
N ALA B 743 -0.47 25.91 -5.05
CA ALA B 743 0.12 24.63 -4.68
C ALA B 743 -0.04 24.28 -3.21
N ILE B 744 -0.65 25.15 -2.41
CA ILE B 744 -0.84 24.84 -0.99
C ILE B 744 -1.64 23.56 -0.77
N PRO B 745 -2.72 23.28 -1.52
CA PRO B 745 -3.38 21.97 -1.34
C PRO B 745 -2.46 20.77 -1.44
N PHE B 746 -1.29 20.92 -2.07
CA PHE B 746 -0.31 19.85 -2.18
C PHE B 746 0.73 19.90 -1.07
N ASP B 747 0.58 20.79 -0.11
CA ASP B 747 1.55 20.92 0.98
C ASP B 747 1.53 19.69 1.87
N ASN B 748 2.68 19.43 2.50
CA ASN B 748 2.77 18.39 3.50
C ASN B 748 2.13 18.86 4.80
N VAL B 749 1.72 17.90 5.62
CA VAL B 749 1.05 18.17 6.89
C VAL B 749 1.85 17.53 8.01
N ASP B 750 2.09 18.29 9.08
CA ASP B 750 2.79 17.76 10.24
C ASP B 750 1.99 16.65 10.89
N ASP B 751 2.69 15.62 11.36
CA ASP B 751 2.01 14.49 12.00
C ASP B 751 1.34 14.88 13.31
N GLU B 752 1.78 15.97 13.93
CA GLU B 752 1.13 16.43 15.16
C GLU B 752 -0.31 16.85 14.89
N GLN B 753 -0.55 17.51 13.76
CA GLN B 753 -1.87 18.04 13.46
C GLN B 753 -2.87 16.95 13.08
N ILE B 754 -2.40 15.79 12.63
CA ILE B 754 -3.29 14.73 12.17
C ILE B 754 -3.26 13.53 13.13
N GLN B 755 -2.81 13.73 14.36
CA GLN B 755 -2.78 12.66 15.35
C GLN B 755 -4.05 12.58 16.17
N LYS B 756 -4.94 13.56 16.08
CA LYS B 756 -6.16 13.61 16.86
C LYS B 756 -7.29 14.09 15.97
N PRO B 757 -8.54 13.80 16.35
CA PRO B 757 -9.67 14.34 15.59
C PRO B 757 -9.64 15.87 15.57
N GLN B 758 -10.03 16.43 14.43
CA GLN B 758 -9.98 17.87 14.21
C GLN B 758 -11.32 18.50 14.56
N ARG B 759 -11.30 19.50 15.43
CA ARG B 759 -12.48 20.29 15.76
C ARG B 759 -12.26 21.69 15.21
N TRP B 760 -12.95 22.01 14.12
CA TRP B 760 -12.75 23.27 13.41
C TRP B 760 -13.57 24.36 14.07
N ASN B 761 -12.88 25.36 14.62
CA ASN B 761 -13.54 26.53 15.21
C ASN B 761 -13.30 27.72 14.31
N PRO B 762 -14.30 28.19 13.56
CA PRO B 762 -14.09 29.35 12.69
C PRO B 762 -13.67 30.61 13.42
N ALA B 763 -14.08 30.76 14.69
CA ALA B 763 -13.70 31.94 15.45
C ALA B 763 -12.21 32.03 15.70
N ASP B 764 -11.49 30.91 15.63
CA ASP B 764 -10.04 30.94 15.82
C ASP B 764 -9.34 31.67 14.68
N LEU B 765 -9.97 31.72 13.51
CA LEU B 765 -9.36 32.40 12.37
C LEU B 765 -9.17 33.89 12.63
N GLY B 766 -10.15 34.51 13.30
CA GLY B 766 -10.00 35.93 13.62
C GLY B 766 -8.84 36.19 14.57
N ARG B 767 -8.71 35.36 15.61
CA ARG B 767 -7.58 35.52 16.53
C ARG B 767 -6.25 35.29 15.82
N PHE B 768 -6.19 34.29 14.94
CA PHE B 768 -4.97 34.05 14.18
C PHE B 768 -4.62 35.25 13.31
N MET B 769 -5.62 35.84 12.64
CA MET B 769 -5.38 37.02 11.82
C MET B 769 -4.87 38.19 12.66
N ILE B 770 -5.53 38.45 13.79
CA ILE B 770 -5.12 39.54 14.66
C ILE B 770 -3.71 39.35 15.18
N PHE B 771 -3.34 38.11 15.50
CA PHE B 771 -1.99 37.87 16.02
C PHE B 771 -0.92 37.99 14.93
N PHE B 772 -1.19 37.47 13.74
CA PHE B 772 -0.15 37.38 12.72
C PHE B 772 -0.21 38.49 11.67
N GLY B 773 -1.11 39.46 11.83
CA GLY B 773 -1.18 40.57 10.90
C GLY B 773 -0.16 41.67 11.13
N PRO B 774 -0.20 42.30 12.29
CA PRO B 774 0.67 43.47 12.53
C PRO B 774 2.16 43.17 12.42
N ILE B 775 2.55 41.90 12.45
CA ILE B 775 3.96 41.56 12.26
C ILE B 775 4.43 42.02 10.89
N SER B 776 3.62 41.78 9.86
CA SER B 776 3.94 42.30 8.53
C SER B 776 3.84 43.82 8.49
N SER B 777 2.89 44.39 9.23
CA SER B 777 2.70 45.84 9.20
C SER B 777 3.91 46.58 9.76
N ILE B 778 4.54 46.03 10.80
CA ILE B 778 5.71 46.68 11.38
C ILE B 778 6.81 46.82 10.33
N PHE B 779 7.09 45.73 9.61
CA PHE B 779 8.14 45.78 8.59
C PHE B 779 7.71 46.56 7.35
N ASP B 780 6.41 46.63 7.07
CA ASP B 780 5.96 47.51 5.99
C ASP B 780 6.19 48.98 6.35
N ILE B 781 5.93 49.35 7.60
CA ILE B 781 6.24 50.70 8.06
C ILE B 781 7.75 50.94 8.02
N LEU B 782 8.53 49.91 8.35
CA LEU B 782 9.98 50.02 8.23
C LEU B 782 10.39 50.28 6.78
N THR B 783 9.76 49.58 5.84
CA THR B 783 10.06 49.81 4.42
C THR B 783 9.67 51.22 4.00
N PHE B 784 8.52 51.72 4.50
CA PHE B 784 8.12 53.09 4.21
C PHE B 784 9.16 54.09 4.72
N CYS B 785 9.65 53.88 5.95
CA CYS B 785 10.66 54.76 6.50
C CYS B 785 11.96 54.67 5.70
N LEU B 786 12.33 53.47 5.27
CA LEU B 786 13.52 53.29 4.45
C LEU B 786 13.41 54.06 3.14
N MET B 787 12.24 53.96 2.48
CA MET B 787 12.06 54.65 1.21
C MET B 787 12.02 56.16 1.39
N TRP B 788 11.36 56.65 2.44
CA TRP B 788 11.19 58.09 2.61
C TRP B 788 12.50 58.77 2.98
N TRP B 789 13.24 58.20 3.93
CA TRP B 789 14.43 58.86 4.45
C TRP B 789 15.70 58.47 3.70
N VAL B 790 15.99 57.17 3.63
CA VAL B 790 17.25 56.73 3.03
C VAL B 790 17.29 57.05 1.54
N PHE B 791 16.19 56.76 0.83
CA PHE B 791 16.14 56.95 -0.62
C PHE B 791 15.46 58.23 -1.05
N HIS B 792 14.98 59.04 -0.10
CA HIS B 792 14.49 60.39 -0.36
C HIS B 792 13.34 60.39 -1.37
N ALA B 793 12.33 59.56 -1.10
CA ALA B 793 11.08 59.60 -1.85
C ALA B 793 10.06 60.48 -1.12
N ASN B 794 10.47 61.74 -0.91
CA ASN B 794 9.75 62.64 -0.04
C ASN B 794 8.68 63.46 -0.74
N THR B 795 8.61 63.41 -2.07
CA THR B 795 7.69 64.22 -2.84
C THR B 795 6.88 63.34 -3.77
N PRO B 796 5.66 63.76 -4.12
CA PRO B 796 4.87 62.98 -5.09
C PRO B 796 5.55 62.84 -6.44
N GLU B 797 6.38 63.81 -6.82
CA GLU B 797 7.07 63.73 -8.11
C GLU B 797 7.96 62.50 -8.21
N THR B 798 8.46 62.01 -7.07
CA THR B 798 9.23 60.77 -7.01
C THR B 798 8.47 59.68 -6.27
N GLN B 799 7.13 59.70 -6.35
CA GLN B 799 6.33 58.75 -5.59
C GLN B 799 6.56 57.32 -6.06
N THR B 800 6.65 57.12 -7.38
CA THR B 800 6.54 55.78 -7.95
C THR B 800 7.62 54.85 -7.40
N LEU B 801 8.86 55.34 -7.33
CA LEU B 801 9.94 54.52 -6.78
C LEU B 801 9.55 53.98 -5.41
N PHE B 802 9.11 54.87 -4.53
CA PHE B 802 8.59 54.48 -3.22
C PHE B 802 7.70 53.26 -3.36
N GLN B 803 6.62 53.42 -4.12
CA GLN B 803 5.65 52.35 -4.27
C GLN B 803 6.35 51.07 -4.71
N SER B 804 7.13 51.16 -5.79
CA SER B 804 7.77 49.98 -6.35
C SER B 804 8.54 49.25 -5.26
N GLY B 805 9.33 49.98 -4.49
CA GLY B 805 10.11 49.40 -3.43
C GLY B 805 9.23 48.53 -2.56
N TRP B 806 8.24 49.16 -1.91
CA TRP B 806 7.39 48.42 -1.00
C TRP B 806 6.79 47.22 -1.72
N PHE B 807 6.33 47.43 -2.95
CA PHE B 807 5.73 46.37 -3.74
C PHE B 807 6.56 45.10 -3.62
N VAL B 808 7.82 45.20 -4.03
CA VAL B 808 8.68 44.01 -4.03
C VAL B 808 8.62 43.33 -2.68
N VAL B 809 8.98 44.07 -1.62
CA VAL B 809 9.04 43.48 -0.29
C VAL B 809 7.70 42.84 0.04
N GLY B 810 6.61 43.58 -0.18
CA GLY B 810 5.30 43.09 0.14
C GLY B 810 5.10 41.73 -0.48
N LEU B 811 5.31 41.65 -1.79
CA LEU B 811 5.10 40.39 -2.48
C LEU B 811 5.95 39.30 -1.85
N LEU B 812 7.26 39.56 -1.71
CA LEU B 812 8.15 38.55 -1.16
C LEU B 812 7.70 38.18 0.24
N SER B 813 7.29 39.17 1.04
CA SER B 813 6.78 38.85 2.37
C SER B 813 5.62 37.87 2.27
N GLN B 814 4.62 38.21 1.45
CA GLN B 814 3.46 37.34 1.31
C GLN B 814 3.87 35.98 0.76
N THR B 815 4.97 35.93 0.02
CA THR B 815 5.42 34.67 -0.57
C THR B 815 6.33 33.90 0.37
N LEU B 816 6.94 34.55 1.35
CA LEU B 816 7.90 33.88 2.22
C LEU B 816 7.32 33.52 3.58
N ILE B 817 6.45 34.37 4.14
CA ILE B 817 5.87 34.11 5.45
C ILE B 817 5.20 32.74 5.49
N VAL B 818 4.68 32.30 4.34
CA VAL B 818 4.07 30.97 4.24
C VAL B 818 4.98 29.92 4.85
N HIS B 819 6.25 29.88 4.40
CA HIS B 819 7.16 28.83 4.83
C HIS B 819 7.48 28.89 6.32
N MET B 820 7.14 29.98 7.00
CA MET B 820 7.35 30.07 8.44
C MET B 820 6.05 30.08 9.23
N ILE B 821 4.91 29.83 8.59
CA ILE B 821 3.64 29.77 9.30
C ILE B 821 2.88 28.49 9.06
N ARG B 822 3.41 27.58 8.25
CA ARG B 822 2.75 26.28 8.07
C ARG B 822 3.24 25.23 9.04
N THR B 823 3.37 25.58 10.31
CA THR B 823 3.93 24.68 11.33
C THR B 823 3.49 25.18 12.70
N ARG B 824 3.65 24.30 13.68
CA ARG B 824 3.87 24.70 15.06
C ARG B 824 5.34 24.59 15.43
N ARG B 825 6.15 23.97 14.57
CA ARG B 825 7.54 23.68 14.82
C ARG B 825 8.42 24.61 13.99
N VAL B 826 9.74 24.45 14.13
CA VAL B 826 10.70 25.29 13.42
C VAL B 826 10.84 24.80 11.98
N PRO B 827 10.68 25.68 10.99
CA PRO B 827 10.70 25.23 9.59
C PRO B 827 12.09 24.85 9.12
N PHE B 828 12.12 24.04 8.05
CA PHE B 828 13.30 23.74 7.26
C PHE B 828 14.28 22.81 7.99
N ILE B 829 14.00 22.50 9.25
CA ILE B 829 14.84 21.57 9.99
C ILE B 829 13.96 20.52 10.68
N GLN B 830 12.97 20.97 11.44
CA GLN B 830 12.03 20.07 12.09
C GLN B 830 10.87 19.66 11.18
N SER B 831 10.69 20.35 10.05
CA SER B 831 9.64 20.06 9.10
C SER B 831 9.90 20.89 7.84
N CYS B 832 9.40 20.40 6.72
CA CYS B 832 9.60 21.06 5.44
C CYS B 832 8.32 21.00 4.62
N ALA B 833 8.16 21.99 3.75
CA ALA B 833 7.02 22.02 2.84
C ALA B 833 7.26 21.11 1.64
N SER B 834 6.18 20.79 0.94
CA SER B 834 6.29 19.92 -0.23
C SER B 834 6.98 20.65 -1.37
N TRP B 835 7.53 19.87 -2.30
CA TRP B 835 8.27 20.43 -3.42
C TRP B 835 7.45 21.38 -4.29
N PRO B 836 6.20 21.10 -4.66
CA PRO B 836 5.45 22.08 -5.45
C PRO B 836 5.33 23.44 -4.78
N LEU B 837 5.15 23.47 -3.46
CA LEU B 837 5.09 24.74 -2.75
C LEU B 837 6.42 25.50 -2.88
N MET B 838 7.53 24.79 -2.72
CA MET B 838 8.84 25.43 -2.86
C MET B 838 9.03 25.97 -4.27
N ILE B 839 8.61 25.20 -5.28
CA ILE B 839 8.77 25.64 -6.67
C ILE B 839 7.95 26.89 -6.93
N MET B 840 6.69 26.90 -6.47
CA MET B 840 5.85 28.06 -6.67
C MET B 840 6.39 29.28 -5.91
N THR B 841 6.90 29.07 -4.70
CA THR B 841 7.48 30.17 -3.94
C THR B 841 8.66 30.78 -4.67
N VAL B 842 9.56 29.93 -5.17
CA VAL B 842 10.73 30.42 -5.90
C VAL B 842 10.31 31.15 -7.17
N ILE B 843 9.35 30.59 -7.91
CA ILE B 843 8.90 31.21 -9.15
C ILE B 843 8.29 32.59 -8.87
N VAL B 844 7.45 32.68 -7.85
CA VAL B 844 6.79 33.94 -7.56
C VAL B 844 7.79 34.97 -7.05
N MET B 845 8.75 34.55 -6.21
CA MET B 845 9.78 35.47 -5.77
C MET B 845 10.59 36.00 -6.95
N ILE B 846 10.96 35.12 -7.88
CA ILE B 846 11.72 35.54 -9.05
C ILE B 846 10.92 36.51 -9.90
N VAL B 847 9.63 36.22 -10.11
CA VAL B 847 8.79 37.11 -10.91
C VAL B 847 8.67 38.48 -10.24
N GLY B 848 8.47 38.49 -8.91
CA GLY B 848 8.35 39.76 -8.21
C GLY B 848 9.64 40.56 -8.24
N ILE B 849 10.78 39.87 -8.20
CA ILE B 849 12.06 40.58 -8.32
C ILE B 849 12.22 41.15 -9.73
N ALA B 850 11.85 40.37 -10.75
CA ALA B 850 12.07 40.78 -12.14
C ALA B 850 11.08 41.84 -12.61
N LEU B 851 9.91 41.94 -11.98
CA LEU B 851 8.89 42.86 -12.47
C LEU B 851 9.35 44.32 -12.51
N PRO B 852 9.98 44.87 -11.46
CA PRO B 852 10.45 46.26 -11.57
C PRO B 852 11.44 46.48 -12.70
N PHE B 853 12.27 45.49 -13.01
CA PHE B 853 13.23 45.59 -14.11
C PHE B 853 12.64 45.12 -15.43
N SER B 854 11.39 44.67 -15.45
CA SER B 854 10.75 44.24 -16.68
C SER B 854 10.38 45.46 -17.53
N PRO B 855 10.32 45.29 -18.85
CA PRO B 855 9.88 46.41 -19.71
C PRO B 855 8.48 46.89 -19.40
N LEU B 856 7.60 46.00 -18.92
CA LEU B 856 6.24 46.38 -18.58
C LEU B 856 6.16 47.30 -17.37
N ALA B 857 7.25 47.47 -16.64
CA ALA B 857 7.22 48.28 -15.41
C ALA B 857 6.77 49.70 -15.70
N SER B 858 7.26 50.29 -16.81
CA SER B 858 6.79 51.61 -17.21
C SER B 858 5.29 51.59 -17.51
N TYR B 859 4.83 50.52 -18.18
CA TYR B 859 3.40 50.37 -18.40
C TYR B 859 2.65 50.18 -17.08
N LEU B 860 3.24 49.43 -16.17
CA LEU B 860 2.66 49.22 -14.84
C LEU B 860 2.98 50.33 -13.86
N GLN B 861 3.51 51.46 -14.34
CA GLN B 861 3.88 52.59 -13.50
C GLN B 861 4.85 52.17 -12.40
N LEU B 862 5.82 51.33 -12.75
CA LEU B 862 6.82 50.84 -11.82
C LEU B 862 8.20 51.33 -12.25
N GLN B 863 9.00 51.76 -11.29
CA GLN B 863 10.33 52.29 -11.54
C GLN B 863 11.38 51.27 -11.10
N ALA B 864 12.46 51.18 -11.88
CA ALA B 864 13.54 50.25 -11.55
C ALA B 864 14.16 50.59 -10.20
N LEU B 865 14.57 49.55 -9.49
CA LEU B 865 15.07 49.68 -8.12
C LEU B 865 16.59 49.80 -8.12
N PRO B 866 17.16 50.74 -7.36
CA PRO B 866 18.62 50.80 -7.24
C PRO B 866 19.16 49.60 -6.48
N LEU B 867 20.41 49.26 -6.77
CA LEU B 867 21.04 48.08 -6.17
C LEU B 867 21.22 48.22 -4.67
N SER B 868 21.25 49.45 -4.14
CA SER B 868 21.40 49.62 -2.70
C SER B 868 20.18 49.12 -1.94
N TYR B 869 19.04 48.97 -2.62
CA TYR B 869 17.83 48.52 -1.96
C TYR B 869 17.88 47.03 -1.63
N PHE B 870 18.64 46.25 -2.40
CA PHE B 870 18.64 44.80 -2.22
C PHE B 870 19.11 44.36 -0.84
N PRO B 871 20.24 44.82 -0.32
CA PRO B 871 20.63 44.38 1.04
C PRO B 871 19.61 44.76 2.11
N TRP B 872 19.01 45.93 2.00
CA TRP B 872 17.96 46.31 2.94
C TRP B 872 16.75 45.39 2.82
N LEU B 873 16.39 45.02 1.59
CA LEU B 873 15.29 44.09 1.38
C LEU B 873 15.58 42.75 2.05
N VAL B 874 16.80 42.24 1.87
CA VAL B 874 17.17 40.96 2.46
C VAL B 874 17.15 41.05 3.99
N ALA B 875 17.68 42.14 4.53
CA ALA B 875 17.69 42.31 5.99
C ALA B 875 16.27 42.37 6.54
N ILE B 876 15.38 43.11 5.85
CA ILE B 876 14.00 43.21 6.32
C ILE B 876 13.32 41.85 6.27
N LEU B 877 13.53 41.10 5.19
CA LEU B 877 12.92 39.77 5.08
C LEU B 877 13.42 38.86 6.19
N ALA B 878 14.73 38.85 6.44
CA ALA B 878 15.28 37.99 7.48
C ALA B 878 14.75 38.38 8.85
N GLY B 879 14.69 39.68 9.13
CA GLY B 879 14.16 40.13 10.41
C GLY B 879 12.70 39.76 10.58
N TYR B 880 11.90 39.88 9.52
CA TYR B 880 10.49 39.52 9.59
C TYR B 880 10.31 38.04 9.86
N MET B 881 11.07 37.20 9.16
CA MET B 881 11.00 35.76 9.39
C MET B 881 11.41 35.40 10.82
N THR B 882 12.51 35.99 11.30
CA THR B 882 12.96 35.69 12.65
C THR B 882 11.94 36.15 13.69
N LEU B 883 11.37 37.34 13.50
CA LEU B 883 10.40 37.85 14.46
C LEU B 883 9.16 36.98 14.52
N THR B 884 8.64 36.57 13.34
CA THR B 884 7.45 35.73 13.36
C THR B 884 7.74 34.36 13.95
N GLN B 885 8.93 33.81 13.67
CA GLN B 885 9.29 32.52 14.25
C GLN B 885 9.37 32.60 15.77
N LEU B 886 9.98 33.68 16.28
CA LEU B 886 10.11 33.81 17.73
C LEU B 886 8.78 34.11 18.40
N VAL B 887 7.87 34.83 17.71
CA VAL B 887 6.60 35.18 18.32
C VAL B 887 5.54 34.10 18.17
N LYS B 888 5.78 33.10 17.31
CA LYS B 888 4.84 31.98 17.20
C LYS B 888 4.60 31.30 18.54
N GLY B 889 5.61 31.30 19.42
CA GLY B 889 5.49 30.62 20.69
C GLY B 889 4.40 31.21 21.58
N PHE B 890 4.29 32.54 21.59
CA PHE B 890 3.25 33.16 22.42
C PHE B 890 1.86 32.73 21.98
N TYR B 891 1.62 32.72 20.67
CA TYR B 891 0.33 32.26 20.16
C TYR B 891 0.11 30.78 20.44
N SER B 892 1.18 29.99 20.37
CA SER B 892 1.06 28.56 20.67
C SER B 892 0.65 28.34 22.12
N ARG B 893 1.27 29.06 23.05
CA ARG B 893 0.95 28.90 24.46
C ARG B 893 -0.42 29.45 24.82
N ARG B 894 -0.75 30.64 24.29
CA ARG B 894 -1.98 31.31 24.71
C ARG B 894 -3.22 30.54 24.26
N TYR B 895 -3.27 30.14 23.01
CA TYR B 895 -4.46 29.47 22.46
C TYR B 895 -4.15 28.10 21.89
N GLY B 896 -3.02 27.93 21.23
CA GLY B 896 -2.70 26.66 20.63
C GLY B 896 -3.01 26.63 19.15
N TRP B 897 -2.28 25.79 18.43
CA TRP B 897 -2.47 25.69 16.98
C TRP B 897 -3.78 25.00 16.64
N GLN B 898 -3.94 23.76 17.10
CA GLN B 898 -5.16 22.99 16.84
C GLN B 898 -6.24 23.32 17.87
MG MG C . 25.73 12.34 -31.99
MG MG D . 19.95 -14.25 18.20
MG MG E . 18.99 -32.74 30.33
PG AGS F . 5.21 -26.68 8.34
S1G AGS F . 3.49 -26.10 7.62
O2G AGS F . 5.02 -27.22 9.78
O3G AGS F . 5.78 -27.81 7.43
PB AGS F . 6.89 -25.00 9.71
O1B AGS F . 7.10 -23.53 9.67
O2B AGS F . 5.94 -25.43 10.83
O3B AGS F . 6.22 -25.49 8.36
PA AGS F . 8.40 -27.31 9.63
O1A AGS F . 8.21 -27.58 8.18
O2A AGS F . 9.76 -27.74 10.16
O3A AGS F . 8.26 -25.76 9.95
O5' AGS F . 7.22 -28.02 10.41
C5' AGS F . 7.45 -29.20 11.20
C4' AGS F . 6.49 -29.21 12.35
O4' AGS F . 7.08 -29.89 13.48
C3' AGS F . 6.13 -27.83 12.89
O3' AGS F . 5.09 -27.24 12.13
C2' AGS F . 5.68 -28.16 14.33
O2' AGS F . 4.31 -28.52 14.38
C1' AGS F . 6.58 -29.36 14.69
N9 AGS F . 7.69 -29.01 15.56
C8 AGS F . 7.68 -28.97 16.93
N7 AGS F . 8.83 -28.64 17.47
C5 AGS F . 9.66 -28.43 16.37
C6 AGS F . 11.01 -28.06 16.26
N6 AGS F . 11.80 -27.81 17.31
N1 AGS F . 11.53 -27.95 15.02
C2 AGS F . 10.75 -28.21 13.96
N3 AGS F . 9.46 -28.57 13.95
C4 AGS F . 8.98 -28.67 15.19
MG MG G . 3.65 42.63 2.24
MG MG H . -29.00 -2.55 -9.12
MG MG I . -45.48 -16.37 -3.74
PG AGS J . -24.53 -9.13 11.04
S1G AGS J . -22.79 -9.64 11.75
O2G AGS J . -25.30 -10.39 10.56
O3G AGS J . -25.35 -8.42 12.16
PB AGS J . -24.94 -8.46 8.41
O1B AGS J . -24.05 -7.92 7.36
O2B AGS J . -25.07 -9.98 8.34
O3B AGS J . -24.36 -8.14 9.85
PA AGS J . -27.46 -8.04 9.45
O1A AGS J . -27.02 -7.28 10.65
O2A AGS J . -28.81 -7.60 8.89
O3A AGS J . -26.41 -7.88 8.27
O5' AGS J . -27.46 -9.58 9.82
C5' AGS J . -28.68 -10.29 10.07
C4' AGS J . -28.49 -11.73 9.70
O4' AGS J . -29.74 -12.30 9.27
C3' AGS J . -27.54 -11.97 8.53
O3' AGS J . -26.18 -12.00 8.95
C2' AGS J . -28.01 -13.35 8.02
O2' AGS J . -27.38 -14.42 8.73
C1' AGS J . -29.51 -13.31 8.31
N9 AGS J . -30.33 -13.02 7.13
C8 AGS J . -30.81 -13.94 6.23
N7 AGS J . -31.52 -13.41 5.26
C5 AGS J . -31.50 -12.05 5.54
C6 AGS J . -32.07 -10.94 4.88
N6 AGS J . -32.80 -11.03 3.77
N1 AGS J . -31.86 -9.72 5.43
C2 AGS J . -31.13 -9.62 6.54
N3 AGS J . -30.55 -10.60 7.25
C4 AGS J . -30.77 -11.79 6.68
#